data_1L1H
# 
_entry.id   1L1H 
# 
_audit_conform.dict_name       mmcif_pdbx.dic 
_audit_conform.dict_version    5.376 
_audit_conform.dict_location   http://mmcif.pdb.org/dictionaries/ascii/mmcif_pdbx.dic 
# 
loop_
_database_2.database_id 
_database_2.database_code 
_database_2.pdbx_database_accession 
_database_2.pdbx_DOI 
PDB   1L1H         pdb_00001l1h 10.2210/pdb1l1h/pdb 
NDB   DD0049       ?            ?                   
RCSB  RCSB015555   ?            ?                   
WWPDB D_1000015555 ?            ?                   
# 
_pdbx_database_status.status_code                     REL 
_pdbx_database_status.entry_id                        1L1H 
_pdbx_database_status.recvd_initial_deposition_date   2002-02-16 
_pdbx_database_status.deposit_site                    RCSB 
_pdbx_database_status.process_site                    RCSB 
_pdbx_database_status.status_code_sf                  REL 
_pdbx_database_status.SG_entry                        . 
_pdbx_database_status.pdb_format_compatible           Y 
_pdbx_database_status.status_code_mr                  ? 
_pdbx_database_status.status_code_cs                  ? 
_pdbx_database_status.status_code_nmr_data            ? 
_pdbx_database_status.methods_development_category    ? 
# 
loop_
_audit_author.name 
_audit_author.pdbx_ordinal 
'Haider, S.M.'    1 
'Parkinson, G.N.' 2 
'Neidle, S.'      3 
# 
_citation.id                        primary 
_citation.title                     'Structure of a G-quadruplex-Ligand Complex' 
_citation.journal_abbrev            J.Mol.Biol. 
_citation.journal_volume            326 
_citation.page_first                117 
_citation.page_last                 125 
_citation.year                      2003 
_citation.journal_id_ASTM           JMOBAK 
_citation.country                   UK 
_citation.journal_id_ISSN           0022-2836 
_citation.journal_id_CSD            0070 
_citation.book_publisher            ? 
_citation.pdbx_database_id_PubMed   12547195 
_citation.pdbx_database_id_DOI      '10.1016/S0022-2836(02)01354-2' 
# 
loop_
_citation_author.citation_id 
_citation_author.name 
_citation_author.ordinal 
_citation_author.identifier_ORCID 
primary 'Haider, S.M.'    1 ? 
primary 'Parkinson, G.N.' 2 ? 
primary 'Neidle, S.'      3 ? 
# 
_cell.entry_id           1L1H 
_cell.length_a           55.451 
_cell.length_b           42.736 
_cell.length_c           26.926 
_cell.angle_alpha        90.00 
_cell.angle_beta         90.00 
_cell.angle_gamma        90.00 
_cell.Z_PDB              8 
_cell.pdbx_unique_axis   ? 
# 
_symmetry.entry_id                         1L1H 
_symmetry.space_group_name_H-M             'P 21 21 2' 
_symmetry.pdbx_full_space_group_name_H-M   ? 
_symmetry.cell_setting                     ? 
_symmetry.Int_Tables_number                18 
# 
loop_
_entity.id 
_entity.type 
_entity.src_method 
_entity.pdbx_description 
_entity.formula_weight 
_entity.pdbx_number_of_molecules 
_entity.pdbx_ec 
_entity.pdbx_mutation 
_entity.pdbx_fragment 
_entity.details 
1 polymer     syn "5'-D(*GP*GP*GP*GP*TP*TP*TP*TP*GP*GP*GP*G)-3'"                                         3805.460 2   ? ? ? 
'OXYTRICHA FOUR-STRANDED DNA' 
2 non-polymer syn '3-PYRROLIDIN-1-YL-N-[6-(3-PYRROLIDIN-1-YL-PROPIONYLAMINO)-ACRIDIN-3-YL]-PROPIONAMIDE' 459.583  1   ? ? ? ? 
3 non-polymer syn 'POTASSIUM ION'                                                                        39.098   4   ? ? ? ? 
4 water       nat water                                                                                  18.015   146 ? ? ? ? 
# 
_entity_poly.entity_id                      1 
_entity_poly.type                           polydeoxyribonucleotide 
_entity_poly.nstd_linkage                   no 
_entity_poly.nstd_monomer                   no 
_entity_poly.pdbx_seq_one_letter_code       '(DG)(DG)(DG)(DG)(DT)(DT)(DT)(DT)(DG)(DG)(DG)(DG)' 
_entity_poly.pdbx_seq_one_letter_code_can   GGGGTTTTGGGG 
_entity_poly.pdbx_strand_id                 A,B 
_entity_poly.pdbx_target_identifier         ? 
# 
loop_
_entity_poly_seq.entity_id 
_entity_poly_seq.num 
_entity_poly_seq.mon_id 
_entity_poly_seq.hetero 
1 1  DG n 
1 2  DG n 
1 3  DG n 
1 4  DG n 
1 5  DT n 
1 6  DT n 
1 7  DT n 
1 8  DT n 
1 9  DG n 
1 10 DG n 
1 11 DG n 
1 12 DG n 
# 
_pdbx_entity_src_syn.entity_id              1 
_pdbx_entity_src_syn.pdbx_src_id            1 
_pdbx_entity_src_syn.pdbx_alt_source_flag   sample 
_pdbx_entity_src_syn.pdbx_beg_seq_num       ? 
_pdbx_entity_src_syn.pdbx_end_seq_num       ? 
_pdbx_entity_src_syn.organism_scientific    ? 
_pdbx_entity_src_syn.organism_common_name   ? 
_pdbx_entity_src_syn.ncbi_taxonomy_id       ? 
_pdbx_entity_src_syn.details                'The sequence is naturally found in Oxytricha nova.' 
# 
_struct_ref.id                         1 
_struct_ref.entity_id                  1 
_struct_ref.db_name                    PDB 
_struct_ref.db_code                    1L1H 
_struct_ref.pdbx_db_accession          1L1H 
_struct_ref.pdbx_db_isoform            ? 
_struct_ref.pdbx_seq_one_letter_code   ? 
_struct_ref.pdbx_align_begin           ? 
# 
loop_
_struct_ref_seq.align_id 
_struct_ref_seq.ref_id 
_struct_ref_seq.pdbx_PDB_id_code 
_struct_ref_seq.pdbx_strand_id 
_struct_ref_seq.seq_align_beg 
_struct_ref_seq.pdbx_seq_align_beg_ins_code 
_struct_ref_seq.seq_align_end 
_struct_ref_seq.pdbx_seq_align_end_ins_code 
_struct_ref_seq.pdbx_db_accession 
_struct_ref_seq.db_align_beg 
_struct_ref_seq.pdbx_db_align_beg_ins_code 
_struct_ref_seq.db_align_end 
_struct_ref_seq.pdbx_db_align_end_ins_code 
_struct_ref_seq.pdbx_auth_seq_align_beg 
_struct_ref_seq.pdbx_auth_seq_align_end 
1 1 1L1H A 1 ? 12 ? 1L1H 1001 ? 1012 ? 1001 1012 
2 1 1L1H B 1 ? 12 ? 1L1H 2001 ? 2012 ? 2001 2012 
# 
loop_
_chem_comp.id 
_chem_comp.type 
_chem_comp.mon_nstd_flag 
_chem_comp.name 
_chem_comp.pdbx_synonyms 
_chem_comp.formula 
_chem_comp.formula_weight 
DG  'DNA linking' y "2'-DEOXYGUANOSINE-5'-MONOPHOSPHATE"                                                   ? 'C10 H14 N5 O7 P' 
347.221 
DT  'DNA linking' y "THYMIDINE-5'-MONOPHOSPHATE"                                                           ? 'C10 H15 N2 O8 P' 
322.208 
HOH non-polymer   . WATER                                                                                  ? 'H2 O'            
18.015  
K   non-polymer   . 'POTASSIUM ION'                                                                        ? 'K 1'             
39.098  
PYN non-polymer   . '3-PYRROLIDIN-1-YL-N-[6-(3-PYRROLIDIN-1-YL-PROPIONYLAMINO)-ACRIDIN-3-YL]-PROPIONAMIDE' ? 'C27 H33 N5 O2'   
459.583 
# 
_exptl.entry_id          1L1H 
_exptl.method            'X-RAY DIFFRACTION' 
_exptl.crystals_number   1 
# 
_exptl_crystal.id                    1 
_exptl_crystal.density_meas          ? 
_exptl_crystal.density_percent_sol   39.34 
_exptl_crystal.density_Matthews      2.03 
_exptl_crystal.description           ? 
# 
_diffrn.id                     1 
_diffrn.ambient_temp           110 
_diffrn.ambient_temp_details   ? 
_diffrn.crystal_id             1 
# 
_diffrn_detector.diffrn_id              1 
_diffrn_detector.detector               'IMAGE PLATE' 
_diffrn_detector.type                   'RIGAKU RAXIS IV' 
_diffrn_detector.pdbx_collection_date   2002-02-06 
_diffrn_detector.details                ? 
# 
_diffrn_radiation.diffrn_id                        1 
_diffrn_radiation.wavelength_id                    1 
_diffrn_radiation.pdbx_monochromatic_or_laue_m_l   M 
_diffrn_radiation.monochromator                    Copper 
_diffrn_radiation.pdbx_diffrn_protocol             'SINGLE WAVELENGTH' 
_diffrn_radiation.pdbx_scattering_type             x-ray 
# 
_diffrn_radiation_wavelength.id           1 
_diffrn_radiation_wavelength.wavelength   1.5418 
_diffrn_radiation_wavelength.wt           1.0 
# 
_diffrn_source.diffrn_id                   1 
_diffrn_source.source                      'ROTATING ANODE' 
_diffrn_source.type                        RIGAKU 
_diffrn_source.pdbx_synchrotron_site       ? 
_diffrn_source.pdbx_synchrotron_beamline   ? 
_diffrn_source.pdbx_wavelength             ? 
_diffrn_source.pdbx_wavelength_list        1.5418 
# 
_reflns.entry_id                     1L1H 
_reflns.observed_criterion_sigma_I   3 
_reflns.observed_criterion_sigma_F   ? 
_reflns.d_resolution_low             10 
_reflns.d_resolution_high            1.75 
_reflns.number_obs                   6932 
_reflns.number_all                   6932 
_reflns.percent_possible_obs         94.04 
_reflns.pdbx_Rmerge_I_obs            0.058 
_reflns.pdbx_Rsym_value              ? 
_reflns.pdbx_netI_over_sigmaI        ? 
_reflns.B_iso_Wilson_estimate        ? 
_reflns.pdbx_redundancy              ? 
_reflns.R_free_details               ? 
_reflns.pdbx_diffrn_id               1 
_reflns.pdbx_ordinal                 1 
# 
_reflns_shell.d_res_high             1.75 
_reflns_shell.d_res_low              1.81 
_reflns_shell.percent_possible_all   ? 
_reflns_shell.Rmerge_I_obs           0.109 
_reflns_shell.pdbx_Rsym_value        ? 
_reflns_shell.meanI_over_sigI_obs    13.8 
_reflns_shell.pdbx_redundancy        ? 
_reflns_shell.percent_possible_obs   ? 
_reflns_shell.number_unique_all      ? 
_reflns_shell.pdbx_diffrn_id         ? 
_reflns_shell.pdbx_ordinal           1 
# 
_refine.entry_id                                 1L1H 
_refine.ls_number_reflns_obs                     6932 
_refine.ls_number_reflns_all                     6932 
_refine.pdbx_ls_sigma_I                          ? 
_refine.pdbx_ls_sigma_F                          0 
_refine.pdbx_data_cutoff_high_absF               ? 
_refine.pdbx_data_cutoff_low_absF                ? 
_refine.ls_d_res_low                             10 
_refine.ls_d_res_high                            1.75 
_refine.ls_percent_reflns_obs                    ? 
_refine.ls_R_factor_obs                          0.1438 
_refine.ls_R_factor_all                          0.2289 
_refine.ls_R_factor_R_work                       0.1394 
_refine.ls_R_factor_R_free                       0.2187 
_refine.ls_R_factor_R_free_error                 ? 
_refine.ls_R_factor_R_free_error_details         ? 
_refine.ls_percent_reflns_R_free                 ? 
_refine.ls_number_reflns_R_free                  651 
_refine.ls_number_parameters                     ? 
_refine.ls_number_restraints                     ? 
_refine.occupancy_min                            ? 
_refine.occupancy_max                            ? 
_refine.B_iso_mean                               ? 
_refine.aniso_B[1][1]                            ? 
_refine.aniso_B[2][2]                            ? 
_refine.aniso_B[3][3]                            ? 
_refine.aniso_B[1][2]                            ? 
_refine.aniso_B[1][3]                            ? 
_refine.aniso_B[2][3]                            ? 
_refine.solvent_model_details                    ? 
_refine.solvent_model_param_ksol                 ? 
_refine.solvent_model_param_bsol                 ? 
_refine.pdbx_ls_cross_valid_method               ? 
_refine.details                                  ? 
_refine.pdbx_starting_model                      'PDB ENTRY 1JPQ' 
_refine.pdbx_method_to_determine_struct          'MOLECULAR REPLACEMENT' 
_refine.pdbx_isotropic_thermal_model             ? 
_refine.pdbx_stereochemistry_target_values       'Engh & Huber' 
_refine.pdbx_stereochem_target_val_spec_case     ? 
_refine.pdbx_R_Free_selection_details            'every 10th reflection' 
_refine.pdbx_overall_ESU_R_Free                  ? 
_refine.overall_SU_B                             ? 
_refine.ls_redundancy_reflns_obs                 ? 
_refine.correlation_coeff_Fo_to_Fc               ? 
_refine.overall_SU_R_Cruickshank_DPI             ? 
_refine.overall_SU_R_free                        ? 
_refine.overall_SU_ML                            ? 
_refine.pdbx_overall_ESU_R                       ? 
_refine.pdbx_data_cutoff_high_rms_absF           ? 
_refine.correlation_coeff_Fo_to_Fc_free          ? 
_refine.pdbx_solvent_vdw_probe_radii             ? 
_refine.pdbx_solvent_ion_probe_radii             ? 
_refine.pdbx_solvent_shrinkage_radii             ? 
_refine.pdbx_refine_id                           'X-RAY DIFFRACTION' 
_refine.pdbx_diffrn_id                           1 
_refine.pdbx_TLS_residual_ADP_flag               ? 
_refine.pdbx_overall_phase_error                 ? 
_refine.pdbx_overall_SU_R_free_Cruickshank_DPI   ? 
_refine.pdbx_overall_SU_R_Blow_DPI               ? 
_refine.pdbx_overall_SU_R_free_Blow_DPI          ? 
# 
_refine_hist.pdbx_refine_id                   'X-RAY DIFFRACTION' 
_refine_hist.cycle_id                         LAST 
_refine_hist.pdbx_number_atoms_protein        0 
_refine_hist.pdbx_number_atoms_nucleic_acid   506 
_refine_hist.pdbx_number_atoms_ligand         38 
_refine_hist.number_atoms_solvent             146 
_refine_hist.number_atoms_total               690 
_refine_hist.d_res_high                       1.75 
_refine_hist.d_res_low                        10 
# 
_struct.entry_id                  1L1H 
_struct.title                     'Crystal Structure of the Quadruplex DNA-Drug Complex' 
_struct.pdbx_model_details        ? 
_struct.pdbx_CASP_flag            ? 
_struct.pdbx_model_type_details   ? 
# 
_struct_keywords.entry_id        1L1H 
_struct_keywords.pdbx_keywords   DNA 
_struct_keywords.text            'G-Quadruplex, Oxytricha, four-stranded DNA, DNA' 
# 
loop_
_struct_asym.id 
_struct_asym.pdbx_blank_PDB_chainid_flag 
_struct_asym.pdbx_modified 
_struct_asym.entity_id 
_struct_asym.details 
A N N 1 ? 
B N N 1 ? 
C N N 2 ? 
D N N 3 ? 
E N N 3 ? 
F N N 3 ? 
G N N 3 ? 
H N N 4 ? 
I N N 4 ? 
# 
_struct_biol.id                    1 
_struct_biol.pdbx_parent_biol_id   ? 
_struct_biol.details               ? 
# 
loop_
_struct_conn.id 
_struct_conn.conn_type_id 
_struct_conn.pdbx_leaving_atom_flag 
_struct_conn.pdbx_PDB_id 
_struct_conn.ptnr1_label_asym_id 
_struct_conn.ptnr1_label_comp_id 
_struct_conn.ptnr1_label_seq_id 
_struct_conn.ptnr1_label_atom_id 
_struct_conn.pdbx_ptnr1_label_alt_id 
_struct_conn.pdbx_ptnr1_PDB_ins_code 
_struct_conn.pdbx_ptnr1_standard_comp_id 
_struct_conn.ptnr1_symmetry 
_struct_conn.ptnr2_label_asym_id 
_struct_conn.ptnr2_label_comp_id 
_struct_conn.ptnr2_label_seq_id 
_struct_conn.ptnr2_label_atom_id 
_struct_conn.pdbx_ptnr2_label_alt_id 
_struct_conn.pdbx_ptnr2_PDB_ins_code 
_struct_conn.ptnr1_auth_asym_id 
_struct_conn.ptnr1_auth_comp_id 
_struct_conn.ptnr1_auth_seq_id 
_struct_conn.ptnr2_auth_asym_id 
_struct_conn.ptnr2_auth_comp_id 
_struct_conn.ptnr2_auth_seq_id 
_struct_conn.ptnr2_symmetry 
_struct_conn.pdbx_ptnr3_label_atom_id 
_struct_conn.pdbx_ptnr3_label_seq_id 
_struct_conn.pdbx_ptnr3_label_comp_id 
_struct_conn.pdbx_ptnr3_label_asym_id 
_struct_conn.pdbx_ptnr3_label_alt_id 
_struct_conn.pdbx_ptnr3_PDB_ins_code 
_struct_conn.details 
_struct_conn.pdbx_dist_value 
_struct_conn.pdbx_value_order 
_struct_conn.pdbx_role 
metalc1  metalc ? ? A DG 1  O6 ? ? ? 1_555 D K   .  K  ? ? A DG 1001 A K   6014 1_555 ? ? ? ? ? ? ?               2.789 ? ? 
metalc2  metalc ? ? A DG 1  O6 ? ? ? 1_555 G K   .  K  ? ? A DG 1001 B K   6013 1_555 ? ? ? ? ? ? ?               3.005 ? ? 
metalc3  metalc ? ? A DG 2  O6 ? ? ? 1_555 D K   .  K  ? ? A DG 1002 A K   6014 1_555 ? ? ? ? ? ? ?               2.766 ? ? 
metalc4  metalc ? ? A DG 2  O6 ? ? ? 1_555 E K   .  K  ? ? A DG 1002 A K   6015 1_555 ? ? ? ? ? ? ?               2.759 ? ? 
metalc5  metalc ? ? A DG 3  O6 ? ? ? 1_555 E K   .  K  ? ? A DG 1003 A K   6015 1_555 ? ? ? ? ? ? ?               2.808 ? ? 
metalc6  metalc ? ? A DG 3  O6 ? ? ? 1_555 F K   .  K  ? ? A DG 1003 A K   6016 1_555 ? ? ? ? ? ? ?               2.968 ? ? 
metalc7  metalc ? ? A DG 4  O6 ? ? ? 1_555 F K   .  K  ? ? A DG 1004 A K   6016 1_555 ? ? ? ? ? ? ?               2.721 ? ? 
metalc8  metalc ? ? A DG 9  O6 ? ? ? 1_555 F K   .  K  ? ? A DG 1009 A K   6016 1_555 ? ? ? ? ? ? ?               2.625 ? ? 
metalc9  metalc ? ? A DG 10 O6 ? ? ? 1_555 E K   .  K  ? ? A DG 1010 A K   6015 1_555 ? ? ? ? ? ? ?               2.775 ? ? 
metalc10 metalc ? ? A DG 10 O6 ? ? ? 1_555 F K   .  K  ? ? A DG 1010 A K   6016 1_555 ? ? ? ? ? ? ?               2.947 ? ? 
metalc11 metalc ? ? A DG 11 O6 ? ? ? 1_555 D K   .  K  ? ? A DG 1011 A K   6014 1_555 ? ? ? ? ? ? ?               2.756 ? ? 
metalc12 metalc ? ? A DG 11 O6 ? ? ? 1_555 E K   .  K  ? ? A DG 1011 A K   6015 1_555 ? ? ? ? ? ? ?               2.829 ? ? 
metalc13 metalc ? ? A DG 12 O6 ? ? ? 1_555 D K   .  K  ? ? A DG 1012 A K   6014 1_555 ? ? ? ? ? ? ?               2.769 ? ? 
metalc14 metalc ? ? A DG 12 O6 ? ? ? 1_555 G K   .  K  ? ? A DG 1012 B K   6013 1_555 ? ? ? ? ? ? ?               2.804 ? ? 
metalc15 metalc ? ? D K  .  K  ? ? ? 1_555 E K   .  K  ? ? A K  6014 A K   6015 1_555 ? ? ? ? ? ? ?               3.348 ? ? 
metalc16 metalc ? ? D K  .  K  ? ? ? 1_555 B DG  3  O6 ? ? A K  6014 B DG  2003 1_555 ? ? ? ? ? ? ?               2.867 ? ? 
metalc17 metalc ? ? D K  .  K  ? ? ? 1_555 B DG  4  O6 ? ? A K  6014 B DG  2004 1_555 ? ? ? ? ? ? ?               2.749 ? ? 
metalc18 metalc ? ? D K  .  K  ? ? ? 1_555 B DG  9  O6 ? ? A K  6014 B DG  2009 1_555 ? ? ? ? ? ? ?               2.808 ? ? 
metalc19 metalc ? ? D K  .  K  ? ? ? 1_555 B DG  10 O6 ? ? A K  6014 B DG  2010 1_555 ? ? ? ? ? ? ?               2.720 ? ? 
metalc20 metalc ? ? D K  .  K  ? ? ? 1_555 G K   .  K  ? ? A K  6014 B K   6013 1_555 ? ? ? ? ? ? ?               3.463 ? ? 
metalc21 metalc ? ? E K  .  K  ? ? ? 1_555 F K   .  K  ? ? A K  6015 A K   6016 1_555 ? ? ? ? ? ? ?               3.505 ? ? 
metalc22 metalc ? ? E K  .  K  ? ? ? 1_555 B DG  2  O6 ? ? A K  6015 B DG  2002 1_555 ? ? ? ? ? ? ?               2.744 ? ? 
metalc23 metalc ? ? E K  .  K  ? ? ? 1_555 B DG  3  O6 ? ? A K  6015 B DG  2003 1_555 ? ? ? ? ? ? ?               2.846 ? ? 
metalc24 metalc ? ? E K  .  K  ? ? ? 1_555 B DG  10 O6 ? ? A K  6015 B DG  2010 1_555 ? ? ? ? ? ? ?               2.894 ? ? 
metalc25 metalc ? ? E K  .  K  ? ? ? 1_555 B DG  11 O6 ? ? A K  6015 B DG  2011 1_555 ? ? ? ? ? ? ?               2.768 ? ? 
metalc26 metalc ? ? F K  .  K  ? ? ? 1_555 B DG  1  O6 ? ? A K  6016 B DG  2001 1_555 ? ? ? ? ? ? ?               2.738 ? ? 
metalc27 metalc ? ? F K  .  K  ? ? ? 1_555 B DG  2  O6 ? ? A K  6016 B DG  2002 1_555 ? ? ? ? ? ? ?               2.875 ? ? 
metalc28 metalc ? ? F K  .  K  ? ? ? 1_555 B DG  11 O6 ? ? A K  6016 B DG  2011 1_555 ? ? ? ? ? ? ?               3.039 ? ? 
metalc29 metalc ? ? F K  .  K  ? ? ? 1_555 B DG  12 O6 ? ? A K  6016 B DG  2012 1_555 ? ? ? ? ? ? ?               2.648 ? ? 
metalc30 metalc ? ? B DG 4  O6 ? ? ? 1_555 G K   .  K  ? ? B DG 2004 B K   6013 1_555 ? ? ? ? ? ? ?               2.842 ? ? 
metalc31 metalc ? ? B DT 5  O2 ? ? ? 1_555 G K   .  K  ? ? B DT 2005 B K   6013 1_555 ? ? ? ? ? ? ?               2.795 ? ? 
metalc32 metalc ? ? B DT 7  O2 ? ? ? 1_555 G K   .  K  ? ? B DT 2007 B K   6013 1_555 ? ? ? ? ? ? ?               2.550 ? ? 
metalc33 metalc ? ? B DG 9  O6 ? ? ? 1_555 G K   .  K  ? ? B DG 2009 B K   6013 1_555 ? ? ? ? ? ? ?               2.832 ? ? 
metalc34 metalc ? ? G K  .  K  ? ? ? 1_555 I HOH .  O  ? ? B K  6013 B HOH 9006 1_555 ? ? ? ? ? ? ?               3.047 ? ? 
metalc35 metalc ? ? G K  .  K  ? ? ? 1_555 I HOH .  O  ? ? B K  6013 B HOH 9218 1_555 ? ? ? ? ? ? ?               2.671 ? ? 
hydrog1  hydrog ? ? A DG 1  N7 ? ? ? 1_555 B DG  4  N2 ? ? A DG 1001 B DG  2004 1_555 ? ? ? ? ? ? TYPE_6_PAIR     ?     ? ? 
hydrog2  hydrog ? ? A DG 1  O6 ? ? ? 1_555 B DG  4  N1 ? ? A DG 1001 B DG  2004 1_555 ? ? ? ? ? ? TYPE_6_PAIR     ?     ? ? 
hydrog3  hydrog ? ? A DG 1  N1 ? ? ? 1_555 B DG  9  O6 ? ? A DG 1001 B DG  2009 1_555 ? ? ? ? ? ? TYPE_6_PAIR     ?     ? ? 
hydrog4  hydrog ? ? A DG 1  N2 ? ? ? 1_555 B DG  9  N7 ? ? A DG 1001 B DG  2009 1_555 ? ? ? ? ? ? TYPE_6_PAIR     ?     ? ? 
hydrog5  hydrog ? ? A DG 2  N1 ? ? ? 1_555 B DG  3  O6 ? ? A DG 1002 B DG  2003 1_555 ? ? ? ? ? ? TYPE_6_PAIR     ?     ? ? 
hydrog6  hydrog ? ? A DG 2  N2 ? ? ? 1_555 B DG  3  N7 ? ? A DG 1002 B DG  2003 1_555 ? ? ? ? ? ? TYPE_6_PAIR     ?     ? ? 
hydrog7  hydrog ? ? A DG 2  N7 ? ? ? 1_555 B DG  10 N2 ? ? A DG 1002 B DG  2010 1_555 ? ? ? ? ? ? TYPE_6_PAIR     ?     ? ? 
hydrog8  hydrog ? ? A DG 2  O6 ? ? ? 1_555 B DG  10 N1 ? ? A DG 1002 B DG  2010 1_555 ? ? ? ? ? ? TYPE_6_PAIR     ?     ? ? 
hydrog9  hydrog ? ? A DG 3  N7 ? ? ? 1_555 B DG  2  N2 ? ? A DG 1003 B DG  2002 1_555 ? ? ? ? ? ? TYPE_6_PAIR     ?     ? ? 
hydrog10 hydrog ? ? A DG 3  O6 ? ? ? 1_555 B DG  2  N1 ? ? A DG 1003 B DG  2002 1_555 ? ? ? ? ? ? TYPE_6_PAIR     ?     ? ? 
hydrog11 hydrog ? ? A DG 3  N1 ? ? ? 1_555 B DG  11 O6 ? ? A DG 1003 B DG  2011 1_555 ? ? ? ? ? ? TYPE_6_PAIR     ?     ? ? 
hydrog12 hydrog ? ? A DG 3  N2 ? ? ? 1_555 B DG  11 N7 ? ? A DG 1003 B DG  2011 1_555 ? ? ? ? ? ? TYPE_6_PAIR     ?     ? ? 
hydrog13 hydrog ? ? A DG 4  N1 ? ? ? 1_555 B DG  1  O6 ? ? A DG 1004 B DG  2001 1_555 ? ? ? ? ? ? TYPE_6_PAIR     ?     ? ? 
hydrog14 hydrog ? ? A DG 4  N2 ? ? ? 1_555 B DG  1  N7 ? ? A DG 1004 B DG  2001 1_555 ? ? ? ? ? ? TYPE_6_PAIR     ?     ? ? 
hydrog15 hydrog ? ? A DG 4  N7 ? ? ? 1_555 B DG  12 N2 ? ? A DG 1004 B DG  2012 1_555 ? ? ? ? ? ? TYPE_6_PAIR     ?     ? ? 
hydrog16 hydrog ? ? A DG 4  O6 ? ? ? 1_555 B DG  12 N1 ? ? A DG 1004 B DG  2012 1_555 ? ? ? ? ? ? TYPE_6_PAIR     ?     ? ? 
hydrog17 hydrog ? ? A DG 9  N7 ? ? ? 1_555 B DG  1  N2 ? ? A DG 1009 B DG  2001 1_555 ? ? ? ? ? ? TYPE_6_PAIR     ?     ? ? 
hydrog18 hydrog ? ? A DG 9  O6 ? ? ? 1_555 B DG  1  N1 ? ? A DG 1009 B DG  2001 1_555 ? ? ? ? ? ? TYPE_6_PAIR     ?     ? ? 
hydrog19 hydrog ? ? A DG 9  N1 ? ? ? 1_555 B DG  12 O6 ? ? A DG 1009 B DG  2012 1_555 ? ? ? ? ? ? TYPE_6_PAIR     ?     ? ? 
hydrog20 hydrog ? ? A DG 9  N2 ? ? ? 1_555 B DG  12 N7 ? ? A DG 1009 B DG  2012 1_555 ? ? ? ? ? ? TYPE_6_PAIR     ?     ? ? 
hydrog21 hydrog ? ? A DG 10 N1 ? ? ? 1_555 B DG  2  O6 ? ? A DG 1010 B DG  2002 1_555 ? ? ? ? ? ? TYPE_6_PAIR     ?     ? ? 
hydrog22 hydrog ? ? A DG 10 N2 ? ? ? 1_555 B DG  2  N7 ? ? A DG 1010 B DG  2002 1_555 ? ? ? ? ? ? TYPE_6_PAIR     ?     ? ? 
hydrog23 hydrog ? ? A DG 10 N7 ? ? ? 1_555 B DG  11 N2 ? ? A DG 1010 B DG  2011 1_555 ? ? ? ? ? ? TYPE_6_PAIR     ?     ? ? 
hydrog24 hydrog ? ? A DG 10 O6 ? ? ? 1_555 B DG  11 N1 ? ? A DG 1010 B DG  2011 1_555 ? ? ? ? ? ? TYPE_6_PAIR     ?     ? ? 
hydrog25 hydrog ? ? A DG 11 N7 ? ? ? 1_555 B DG  3  N2 ? ? A DG 1011 B DG  2003 1_555 ? ? ? ? ? ? TYPE_6_PAIR     ?     ? ? 
hydrog26 hydrog ? ? A DG 11 O6 ? ? ? 1_555 B DG  3  N1 ? ? A DG 1011 B DG  2003 1_555 ? ? ? ? ? ? TYPE_6_PAIR     ?     ? ? 
hydrog27 hydrog ? ? A DG 11 N1 ? ? ? 1_555 B DG  10 O6 ? ? A DG 1011 B DG  2010 1_555 ? ? ? ? ? ? TYPE_6_PAIR     ?     ? ? 
hydrog28 hydrog ? ? A DG 11 N2 ? ? ? 1_555 B DG  10 N7 ? ? A DG 1011 B DG  2010 1_555 ? ? ? ? ? ? TYPE_6_PAIR     ?     ? ? 
hydrog29 hydrog ? ? A DG 12 N1 ? ? ? 1_555 B DG  4  O6 ? ? A DG 1012 B DG  2004 1_555 ? ? ? ? ? ? TYPE_6_PAIR     ?     ? ? 
hydrog30 hydrog ? ? A DG 12 N2 ? ? ? 1_555 B DG  4  N7 ? ? A DG 1012 B DG  2004 1_555 ? ? ? ? ? ? TYPE_6_PAIR     ?     ? ? 
hydrog31 hydrog ? ? A DG 12 N7 ? ? ? 1_555 B DG  9  N2 ? ? A DG 1012 B DG  2009 1_555 ? ? ? ? ? ? TYPE_6_PAIR     ?     ? ? 
hydrog32 hydrog ? ? A DG 12 O6 ? ? ? 1_555 B DG  9  N1 ? ? A DG 1012 B DG  2009 1_555 ? ? ? ? ? ? TYPE_6_PAIR     ?     ? ? 
hydrog33 hydrog ? ? B DT 5  O2 ? ? ? 1_555 B DT  7  N3 ? ? B DT 2005 B DT  2007 1_555 ? ? ? ? ? ? 'DT-DT MISPAIR' ?     ? ? 
# 
loop_
_struct_conn_type.id 
_struct_conn_type.criteria 
_struct_conn_type.reference 
metalc ? ? 
hydrog ? ? 
# 
loop_
_struct_site.id 
_struct_site.pdbx_evidence_code 
_struct_site.pdbx_auth_asym_id 
_struct_site.pdbx_auth_comp_id 
_struct_site.pdbx_auth_seq_id 
_struct_site.pdbx_auth_ins_code 
_struct_site.pdbx_num_residues 
_struct_site.details 
AC1 Software A PYN 8001 ? 8  'BINDING SITE FOR RESIDUE PYN A 8001' 
AC2 Software B K   6013 ? 9  'BINDING SITE FOR RESIDUE K B 6013'   
AC3 Software A K   6014 ? 10 'BINDING SITE FOR RESIDUE K A 6014'   
AC4 Software A K   6015 ? 10 'BINDING SITE FOR RESIDUE K A 6015'   
AC5 Software A K   6016 ? 9  'BINDING SITE FOR RESIDUE K A 6016'   
1   ?        ? ?   ?    ? ?  ?                                     
# 
loop_
_struct_site_gen.id 
_struct_site_gen.site_id 
_struct_site_gen.pdbx_num_res 
_struct_site_gen.label_comp_id 
_struct_site_gen.label_asym_id 
_struct_site_gen.label_seq_id 
_struct_site_gen.pdbx_auth_ins_code 
_struct_site_gen.auth_comp_id 
_struct_site_gen.auth_asym_id 
_struct_site_gen.auth_seq_id 
_struct_site_gen.label_atom_id 
_struct_site_gen.label_alt_id 
_struct_site_gen.symmetry 
_struct_site_gen.details 
1  AC1 8  DT  A 6  ? DT  A 1006 . ? 1_555 ? 
2  AC1 8  DT  A 7  ? DT  A 1007 . ? 1_555 ? 
3  AC1 8  DT  A 8  ? DT  A 1008 . ? 1_555 ? 
4  AC1 8  DG  A 9  ? DG  A 1009 . ? 1_555 ? 
5  AC1 8  DG  B 1  ? DG  B 2001 . ? 1_555 ? 
6  AC1 8  DT  B 8  ? DT  B 2008 . ? 3_556 ? 
7  AC1 8  DG  B 12 ? DG  B 2012 . ? 1_555 ? 
8  AC1 8  HOH I .  ? HOH B 9003 . ? 1_555 ? 
9  AC2 9  DG  A 1  ? DG  A 1001 . ? 1_555 ? 
10 AC2 9  DG  A 12 ? DG  A 1012 . ? 1_555 ? 
11 AC2 9  K   D .  ? K   A 6014 . ? 1_555 ? 
12 AC2 9  DG  B 4  ? DG  B 2004 . ? 1_555 ? 
13 AC2 9  DT  B 5  ? DT  B 2005 . ? 1_555 ? 
14 AC2 9  DT  B 7  ? DT  B 2007 . ? 1_555 ? 
15 AC2 9  DG  B 9  ? DG  B 2009 . ? 1_555 ? 
16 AC2 9  HOH I .  ? HOH B 9006 . ? 1_555 ? 
17 AC2 9  HOH I .  ? HOH B 9218 . ? 1_555 ? 
18 AC3 10 DG  A 1  ? DG  A 1001 . ? 1_555 ? 
19 AC3 10 DG  A 2  ? DG  A 1002 . ? 1_555 ? 
20 AC3 10 DG  A 11 ? DG  A 1011 . ? 1_555 ? 
21 AC3 10 DG  A 12 ? DG  A 1012 . ? 1_555 ? 
22 AC3 10 K   E .  ? K   A 6015 . ? 1_555 ? 
23 AC3 10 DG  B 3  ? DG  B 2003 . ? 1_555 ? 
24 AC3 10 DG  B 4  ? DG  B 2004 . ? 1_555 ? 
25 AC3 10 DG  B 9  ? DG  B 2009 . ? 1_555 ? 
26 AC3 10 DG  B 10 ? DG  B 2010 . ? 1_555 ? 
27 AC3 10 K   G .  ? K   B 6013 . ? 1_555 ? 
28 AC4 10 DG  A 2  ? DG  A 1002 . ? 1_555 ? 
29 AC4 10 DG  A 3  ? DG  A 1003 . ? 1_555 ? 
30 AC4 10 DG  A 10 ? DG  A 1010 . ? 1_555 ? 
31 AC4 10 DG  A 11 ? DG  A 1011 . ? 1_555 ? 
32 AC4 10 K   D .  ? K   A 6014 . ? 1_555 ? 
33 AC4 10 K   F .  ? K   A 6016 . ? 1_555 ? 
34 AC4 10 DG  B 2  ? DG  B 2002 . ? 1_555 ? 
35 AC4 10 DG  B 3  ? DG  B 2003 . ? 1_555 ? 
36 AC4 10 DG  B 10 ? DG  B 2010 . ? 1_555 ? 
37 AC4 10 DG  B 11 ? DG  B 2011 . ? 1_555 ? 
38 AC5 9  DG  A 3  ? DG  A 1003 . ? 1_555 ? 
39 AC5 9  DG  A 4  ? DG  A 1004 . ? 1_555 ? 
40 AC5 9  DG  A 9  ? DG  A 1009 . ? 1_555 ? 
41 AC5 9  DG  A 10 ? DG  A 1010 . ? 1_555 ? 
42 AC5 9  K   E .  ? K   A 6015 . ? 1_555 ? 
43 AC5 9  DG  B 1  ? DG  B 2001 . ? 1_555 ? 
44 AC5 9  DG  B 2  ? DG  B 2002 . ? 1_555 ? 
45 AC5 9  DG  B 11 ? DG  B 2011 . ? 1_555 ? 
46 AC5 9  DG  B 12 ? DG  B 2012 . ? 1_555 ? 
# 
_atom_sites.entry_id                    1L1H 
_atom_sites.fract_transf_matrix[1][1]   0.00441321 
_atom_sites.fract_transf_matrix[1][2]   -0.01346200 
_atom_sites.fract_transf_matrix[1][3]   -0.01115899 
_atom_sites.fract_transf_matrix[2][1]   -0.02268469 
_atom_sites.fract_transf_matrix[2][2]   -0.00464483 
_atom_sites.fract_transf_matrix[2][3]   -0.00336800 
_atom_sites.fract_transf_matrix[3][1]   -0.00057134 
_atom_sites.fract_transf_matrix[3][2]   0.02358734 
_atom_sites.fract_transf_matrix[3][3]   -0.02868129 
_atom_sites.fract_transf_vector[1]      0.373334 
_atom_sites.fract_transf_vector[2]      0.266974 
_atom_sites.fract_transf_vector[3]      0.447259 
# 
loop_
_atom_type.symbol 
C 
K 
N 
O 
P 
# 
loop_
_atom_site.group_PDB 
_atom_site.id 
_atom_site.type_symbol 
_atom_site.label_atom_id 
_atom_site.label_alt_id 
_atom_site.label_comp_id 
_atom_site.label_asym_id 
_atom_site.label_entity_id 
_atom_site.label_seq_id 
_atom_site.pdbx_PDB_ins_code 
_atom_site.Cartn_x 
_atom_site.Cartn_y 
_atom_site.Cartn_z 
_atom_site.occupancy 
_atom_site.B_iso_or_equiv 
_atom_site.pdbx_formal_charge 
_atom_site.auth_seq_id 
_atom_site.auth_comp_id 
_atom_site.auth_asym_id 
_atom_site.auth_atom_id 
_atom_site.pdbx_PDB_model_num 
ATOM   1   O "O5'" . DG  A 1 1  ? 5.132   8.874   0.238   1.00 26.51 ? 1001 DG  A "O5'" 1 
ATOM   2   C "C5'" . DG  A 1 1  ? 5.388   10.069  -0.500  1.00 18.39 ? 1001 DG  A "C5'" 1 
ATOM   3   C "C4'" . DG  A 1 1  ? 4.279   10.340  -1.476  1.00 8.76  ? 1001 DG  A "C4'" 1 
ATOM   4   O "O4'" . DG  A 1 1  ? 4.213   9.284   -2.478  1.00 15.86 ? 1001 DG  A "O4'" 1 
ATOM   5   C "C3'" . DG  A 1 1  ? 2.871   10.430  -0.887  1.00 10.17 ? 1001 DG  A "C3'" 1 
ATOM   6   O "O3'" . DG  A 1 1  ? 2.149   11.435  -1.581  1.00 14.04 ? 1001 DG  A "O3'" 1 
ATOM   7   C "C2'" . DG  A 1 1  ? 2.302   9.052   -1.139  1.00 9.85  ? 1001 DG  A "C2'" 1 
ATOM   8   C "C1'" . DG  A 1 1  ? 2.897   8.734   -2.512  1.00 15.35 ? 1001 DG  A "C1'" 1 
ATOM   9   N N9    . DG  A 1 1  ? 3.020   7.313   -2.843  1.00 10.97 ? 1001 DG  A N9    1 
ATOM   10  C C8    . DG  A 1 1  ? 2.563   6.665   -3.965  1.00 8.86  ? 1001 DG  A C8    1 
ATOM   11  N N7    . DG  A 1 1  ? 2.830   5.378   -3.971  1.00 11.01 ? 1001 DG  A N7    1 
ATOM   12  C C5    . DG  A 1 1  ? 3.507   5.179   -2.776  1.00 13.03 ? 1001 DG  A C5    1 
ATOM   13  C C6    . DG  A 1 1  ? 4.053   3.998   -2.214  1.00 13.31 ? 1001 DG  A C6    1 
ATOM   14  O O6    . DG  A 1 1  ? 4.015   2.865   -2.739  1.00 11.13 ? 1001 DG  A O6    1 
ATOM   15  N N1    . DG  A 1 1  ? 4.664   4.207   -0.977  1.00 12.75 ? 1001 DG  A N1    1 
ATOM   16  C C2    . DG  A 1 1  ? 4.737   5.433   -0.354  1.00 10.12 ? 1001 DG  A C2    1 
ATOM   17  N N2    . DG  A 1 1  ? 5.357   5.506   0.844   1.00 10.12 ? 1001 DG  A N2    1 
ATOM   18  N N3    . DG  A 1 1  ? 4.228   6.531   -0.879  1.00 10.00 ? 1001 DG  A N3    1 
ATOM   19  C C4    . DG  A 1 1  ? 3.629   6.366   -2.072  1.00 10.58 ? 1001 DG  A C4    1 
ATOM   20  P P     . DG  A 1 2  ? 0.652   11.817  -1.157  1.00 14.95 ? 1002 DG  A P     1 
ATOM   21  O OP1   . DG  A 1 2  ? 0.313   13.130  -1.784  1.00 15.76 ? 1002 DG  A OP1   1 
ATOM   22  O OP2   . DG  A 1 2  ? 0.398   11.594  0.281   1.00 12.43 ? 1002 DG  A OP2   1 
ATOM   23  O "O5'" . DG  A 1 2  ? -0.234  10.699  -1.900  1.00 12.62 ? 1002 DG  A "O5'" 1 
ATOM   24  C "C5'" . DG  A 1 2  ? -0.230  10.705  -3.335  1.00 15.07 ? 1002 DG  A "C5'" 1 
ATOM   25  C "C4'" . DG  A 1 2  ? -1.006  9.502   -3.817  1.00 12.65 ? 1002 DG  A "C4'" 1 
ATOM   26  O "O4'" . DG  A 1 2  ? -0.273  8.287   -3.494  1.00 11.69 ? 1002 DG  A "O4'" 1 
ATOM   27  C "C3'" . DG  A 1 2  ? -2.395  9.316   -3.206  1.00 16.29 ? 1002 DG  A "C3'" 1 
ATOM   28  O "O3'" . DG  A 1 2  ? -3.275  8.942   -4.252  1.00 15.58 ? 1002 DG  A "O3'" 1 
ATOM   29  C "C2'" . DG  A 1 2  ? -2.229  8.170   -2.238  1.00 11.75 ? 1002 DG  A "C2'" 1 
ATOM   30  C "C1'" . DG  A 1 2  ? -1.214  7.324   -3.012  1.00 11.29 ? 1002 DG  A "C1'" 1 
ATOM   31  N N9    . DG  A 1 2  ? -0.486  6.313   -2.258  1.00 7.70  ? 1002 DG  A N9    1 
ATOM   32  C C8    . DG  A 1 2  ? 0.136   6.410   -1.049  1.00 12.56 ? 1002 DG  A C8    1 
ATOM   33  N N7    . DG  A 1 2  ? 0.699   5.293   -0.662  1.00 12.64 ? 1002 DG  A N7    1 
ATOM   34  C C5    . DG  A 1 2  ? 0.419   4.402   -1.704  1.00 8.31  ? 1002 DG  A C5    1 
ATOM   35  C C6    . DG  A 1 2  ? 0.772   3.037   -1.852  1.00 9.25  ? 1002 DG  A C6    1 
ATOM   36  O O6    . DG  A 1 2  ? 1.413   2.310   -1.091  1.00 10.76 ? 1002 DG  A O6    1 
ATOM   37  N N1    . DG  A 1 2  ? 0.299   2.494   -3.045  1.00 8.53  ? 1002 DG  A N1    1 
ATOM   38  C C2    . DG  A 1 2  ? -0.427  3.193   -3.980  1.00 13.60 ? 1002 DG  A C2    1 
ATOM   39  N N2    . DG  A 1 2  ? -0.774  2.458   -5.054  1.00 12.15 ? 1002 DG  A N2    1 
ATOM   40  N N3    . DG  A 1 2  ? -0.761  4.479   -3.845  1.00 9.70  ? 1002 DG  A N3    1 
ATOM   41  C C4    . DG  A 1 2  ? -0.308  5.010   -2.695  1.00 8.79  ? 1002 DG  A C4    1 
ATOM   42  P P     . DG  A 1 3  ? -4.867  8.956   -4.096  1.00 18.77 ? 1003 DG  A P     1 
ATOM   43  O OP1   . DG  A 1 3  ? -5.344  10.189  -4.787  1.00 17.74 ? 1003 DG  A OP1   1 
ATOM   44  O OP2   . DG  A 1 3  ? -5.282  8.571   -2.721  1.00 11.49 ? 1003 DG  A OP2   1 
ATOM   45  O "O5'" . DG  A 1 3  ? -5.241  7.739   -5.050  1.00 13.33 ? 1003 DG  A "O5'" 1 
ATOM   46  C "C5'" . DG  A 1 3  ? -4.693  6.432   -4.839  1.00 10.79 ? 1003 DG  A "C5'" 1 
ATOM   47  C "C4'" . DG  A 1 3  ? -5.473  5.495   -5.735  1.00 7.39  ? 1003 DG  A "C4'" 1 
ATOM   48  O "O4'" . DG  A 1 3  ? -4.858  4.186   -5.810  1.00 12.16 ? 1003 DG  A "O4'" 1 
ATOM   49  C "C3'" . DG  A 1 3  ? -6.910  5.253   -5.275  1.00 13.85 ? 1003 DG  A "C3'" 1 
ATOM   50  O "O3'" . DG  A 1 3  ? -7.733  5.144   -6.427  1.00 13.98 ? 1003 DG  A "O3'" 1 
ATOM   51  C "C2'" . DG  A 1 3  ? -6.799  3.970   -4.494  1.00 12.92 ? 1003 DG  A "C2'" 1 
ATOM   52  C "C1'" . DG  A 1 3  ? -5.746  3.199   -5.279  1.00 8.27  ? 1003 DG  A "C1'" 1 
ATOM   53  N N9    . DG  A 1 3  ? -4.902  2.282   -4.517  1.00 8.61  ? 1003 DG  A N9    1 
ATOM   54  C C8    . DG  A 1 3  ? -4.633  0.967   -4.835  1.00 8.94  ? 1003 DG  A C8    1 
ATOM   55  N N7    . DG  A 1 3  ? -3.844  0.367   -3.984  1.00 13.95 ? 1003 DG  A N7    1 
ATOM   56  C C5    . DG  A 1 3  ? -3.569  1.346   -3.037  1.00 10.10 ? 1003 DG  A C5    1 
ATOM   57  C C6    . DG  A 1 3  ? -2.754  1.245   -1.876  1.00 7.36  ? 1003 DG  A C6    1 
ATOM   58  O O6    . DG  A 1 3  ? -2.118  0.262   -1.461  1.00 8.41  ? 1003 DG  A O6    1 
ATOM   59  N N1    . DG  A 1 3  ? -2.699  2.437   -1.143  1.00 8.46  ? 1003 DG  A N1    1 
ATOM   60  C C2    . DG  A 1 3  ? -3.392  3.561   -1.565  1.00 15.25 ? 1003 DG  A C2    1 
ATOM   61  N N2    . DG  A 1 3  ? -3.256  4.636   -0.776  1.00 13.83 ? 1003 DG  A N2    1 
ATOM   62  N N3    . DG  A 1 3  ? -4.155  3.670   -2.646  1.00 14.70 ? 1003 DG  A N3    1 
ATOM   63  C C4    . DG  A 1 3  ? -4.214  2.523   -3.359  1.00 14.08 ? 1003 DG  A C4    1 
ATOM   64  P P     . DG  A 1 4  ? -9.286  4.762   -6.357  1.00 17.20 ? 1004 DG  A P     1 
ATOM   65  O OP1   . DG  A 1 4  ? -9.826  5.112   -7.724  1.00 19.64 ? 1004 DG  A OP1   1 
ATOM   66  O OP2   . DG  A 1 4  ? -9.955  5.274   -5.156  1.00 14.61 ? 1004 DG  A OP2   1 
ATOM   67  O "O5'" . DG  A 1 4  ? -9.334  3.181   -6.250  1.00 14.58 ? 1004 DG  A "O5'" 1 
ATOM   68  C "C5'" . DG  A 1 4  ? -8.924  2.356   -7.340  1.00 8.79  ? 1004 DG  A "C5'" 1 
ATOM   69  C "C4'" . DG  A 1 4  ? -9.017  0.912   -6.915  1.00 12.06 ? 1004 DG  A "C4'" 1 
ATOM   70  O "O4'" . DG  A 1 4  ? -8.071  0.686   -5.834  1.00 11.73 ? 1004 DG  A "O4'" 1 
ATOM   71  C "C3'" . DG  A 1 4  ? -10.381 0.460   -6.396  1.00 16.00 ? 1004 DG  A "C3'" 1 
ATOM   72  O "O3'" . DG  A 1 4  ? -10.761 -0.707  -7.107  1.00 14.43 ? 1004 DG  A "O3'" 1 
ATOM   73  C "C2'" . DG  A 1 4  ? -10.165 0.227   -4.923  1.00 20.30 ? 1004 DG  A "C2'" 1 
ATOM   74  C "C1'" . DG  A 1 4  ? -8.698  -0.173  -4.873  1.00 12.39 ? 1004 DG  A "C1'" 1 
ATOM   75  N N9    . DG  A 1 4  ? -7.907  0.084   -3.672  1.00 13.30 ? 1004 DG  A N9    1 
ATOM   76  C C8    . DG  A 1 4  ? -7.872  1.260   -2.952  1.00 10.01 ? 1004 DG  A C8    1 
ATOM   77  N N7    . DG  A 1 4  ? -7.066  1.193   -1.922  1.00 15.40 ? 1004 DG  A N7    1 
ATOM   78  C C5    . DG  A 1 4  ? -6.547  -0.095  -1.974  1.00 9.39  ? 1004 DG  A C5    1 
ATOM   79  C C6    . DG  A 1 4  ? -5.627  -0.740  -1.123  1.00 7.11  ? 1004 DG  A C6    1 
ATOM   80  O O6    . DG  A 1 4  ? -5.054  -0.298  -0.109  1.00 10.79 ? 1004 DG  A O6    1 
ATOM   81  N N1    . DG  A 1 4  ? -5.373  -2.049  -1.538  1.00 8.84  ? 1004 DG  A N1    1 
ATOM   82  C C2    . DG  A 1 4  ? -5.941  -2.649  -2.637  1.00 12.64 ? 1004 DG  A C2    1 
ATOM   83  N N2    . DG  A 1 4  ? -5.563  -3.929  -2.870  1.00 10.80 ? 1004 DG  A N2    1 
ATOM   84  N N3    . DG  A 1 4  ? -6.804  -2.062  -3.444  1.00 8.98  ? 1004 DG  A N3    1 
ATOM   85  C C4    . DG  A 1 4  ? -7.064  -0.789  -3.058  1.00 9.76  ? 1004 DG  A C4    1 
ATOM   86  P P     . DT  A 1 5  ? -12.171 -1.453  -6.956  1.00 16.35 ? 1005 DT  A P     1 
ATOM   87  O OP1   . DT  A 1 5  ? -12.573 -1.981  -8.296  1.00 21.23 ? 1005 DT  A OP1   1 
ATOM   88  O OP2   . DT  A 1 5  ? -13.144 -0.630  -6.188  1.00 15.37 ? 1005 DT  A OP2   1 
ATOM   89  O "O5'" . DT  A 1 5  ? -11.785 -2.713  -6.052  1.00 19.45 ? 1005 DT  A "O5'" 1 
ATOM   90  C "C5'" . DT  A 1 5  ? -12.590 -3.889  -5.992  1.00 20.06 ? 1005 DT  A "C5'" 1 
ATOM   91  C "C4'" . DT  A 1 5  ? -11.820 -4.933  -5.218  1.00 13.68 ? 1005 DT  A "C4'" 1 
ATOM   92  O "O4'" . DT  A 1 5  ? -10.626 -5.301  -5.970  1.00 13.05 ? 1005 DT  A "O4'" 1 
ATOM   93  C "C3'" . DT  A 1 5  ? -11.310 -4.464  -3.860  1.00 15.77 ? 1005 DT  A "C3'" 1 
ATOM   94  O "O3'" . DT  A 1 5  ? -11.216 -5.573  -2.977  1.00 16.06 ? 1005 DT  A "O3'" 1 
ATOM   95  C "C2'" . DT  A 1 5  ? -9.936  -3.914  -4.210  1.00 14.95 ? 1005 DT  A "C2'" 1 
ATOM   96  C "C1'" . DT  A 1 5  ? -9.473  -4.997  -5.186  1.00 13.08 ? 1005 DT  A "C1'" 1 
ATOM   97  N N1    . DT  A 1 5  ? -8.373  -4.561  -6.041  1.00 12.13 ? 1005 DT  A N1    1 
ATOM   98  C C2    . DT  A 1 5  ? -7.100  -5.015  -5.769  1.00 9.42  ? 1005 DT  A C2    1 
ATOM   99  O O2    . DT  A 1 5  ? -6.780  -5.761  -4.867  1.00 11.91 ? 1005 DT  A O2    1 
ATOM   100 N N3    . DT  A 1 5  ? -6.156  -4.538  -6.633  1.00 11.17 ? 1005 DT  A N3    1 
ATOM   101 C C4    . DT  A 1 5  ? -6.319  -3.697  -7.702  1.00 12.41 ? 1005 DT  A C4    1 
ATOM   102 O O4    . DT  A 1 5  ? -5.323  -3.399  -8.345  1.00 15.17 ? 1005 DT  A O4    1 
ATOM   103 C C5    . DT  A 1 5  ? -7.671  -3.257  -7.935  1.00 14.59 ? 1005 DT  A C5    1 
ATOM   104 C C7    . DT  A 1 5  ? -7.975  -2.337  -9.064  1.00 16.05 ? 1005 DT  A C7    1 
ATOM   105 C C6    . DT  A 1 5  ? -8.611  -3.711  -7.098  1.00 13.50 ? 1005 DT  A C6    1 
ATOM   106 P P     . DT  A 1 6  ? -11.368 -5.338  -1.377  1.00 16.63 ? 1006 DT  A P     1 
ATOM   107 O OP1   . DT  A 1 6  ? -11.649 -6.654  -0.750  1.00 14.08 ? 1006 DT  A OP1   1 
ATOM   108 O OP2   . DT  A 1 6  ? -12.305 -4.214  -1.133  1.00 19.32 ? 1006 DT  A OP2   1 
ATOM   109 O "O5'" . DT  A 1 6  ? -9.915  -4.814  -0.947  1.00 15.62 ? 1006 DT  A "O5'" 1 
ATOM   110 C "C5'" . DT  A 1 6  ? -8.768  -5.653  -0.888  1.00 12.78 ? 1006 DT  A "C5'" 1 
ATOM   111 C "C4'" . DT  A 1 6  ? -7.885  -5.163  0.235   1.00 13.05 ? 1006 DT  A "C4'" 1 
ATOM   112 O "O4'" . DT  A 1 6  ? -7.388  -3.839  -0.063  1.00 11.33 ? 1006 DT  A "O4'" 1 
ATOM   113 C "C3'" . DT  A 1 6  ? -8.606  -5.006  1.568   1.00 15.56 ? 1006 DT  A "C3'" 1 
ATOM   114 O "O3'" . DT  A 1 6  ? -8.593  -6.254  2.238   1.00 18.87 ? 1006 DT  A "O3'" 1 
ATOM   115 C "C2'" . DT  A 1 6  ? -7.808  -3.935  2.274   1.00 11.07 ? 1006 DT  A "C2'" 1 
ATOM   116 C "C1'" . DT  A 1 6  ? -7.310  -3.077  1.131   1.00 11.36 ? 1006 DT  A "C1'" 1 
ATOM   117 N N1    . DT  A 1 6  ? -8.069  -1.842  0.866   1.00 11.74 ? 1006 DT  A N1    1 
ATOM   118 C C2    . DT  A 1 6  ? -7.780  -0.762  1.671   1.00 11.98 ? 1006 DT  A C2    1 
ATOM   119 O O2    . DT  A 1 6  ? -6.946  -0.855  2.544   1.00 12.68 ? 1006 DT  A O2    1 
ATOM   120 N N3    . DT  A 1 6  ? -8.489  0.379   1.409   1.00 16.57 ? 1006 DT  A N3    1 
ATOM   121 C C4    . DT  A 1 6  ? -9.452  0.527   0.424   1.00 15.97 ? 1006 DT  A C4    1 
ATOM   122 O O4    . DT  A 1 6  ? -10.024 1.618   0.296   1.00 13.27 ? 1006 DT  A O4    1 
ATOM   123 C C5    . DT  A 1 6  ? -9.695  -0.642  -0.375  1.00 12.75 ? 1006 DT  A C5    1 
ATOM   124 C C7    . DT  A 1 6  ? -10.723 -0.558  -1.464  1.00 15.90 ? 1006 DT  A C7    1 
ATOM   125 C C6    . DT  A 1 6  ? -9.006  -1.767  -0.135  1.00 12.57 ? 1006 DT  A C6    1 
ATOM   126 P P     . DT  A 1 7  ? -9.528  -6.554  3.499   1.00 17.79 ? 1007 DT  A P     1 
ATOM   127 O OP1   . DT  A 1 7  ? -9.249  -7.952  3.949   1.00 22.21 ? 1007 DT  A OP1   1 
ATOM   128 O OP2   . DT  A 1 7  ? -10.919 -6.104  3.276   1.00 15.60 ? 1007 DT  A OP2   1 
ATOM   129 O "O5'" . DT  A 1 7  ? -8.901  -5.565  4.589   1.00 20.37 ? 1007 DT  A "O5'" 1 
ATOM   130 C "C5'" . DT  A 1 7  ? -9.575  -5.373  5.830   1.00 22.62 ? 1007 DT  A "C5'" 1 
ATOM   131 C "C4'" . DT  A 1 7  ? -8.648  -4.571  6.716   1.00 16.39 ? 1007 DT  A "C4'" 1 
ATOM   132 O "O4'" . DT  A 1 7  ? -8.511  -3.226  6.188   1.00 11.99 ? 1007 DT  A "O4'" 1 
ATOM   133 C "C3'" . DT  A 1 7  ? -9.115  -4.421  8.157   1.00 14.58 ? 1007 DT  A "C3'" 1 
ATOM   134 O "O3'" . DT  A 1 7  ? -7.997  -4.516  9.033   1.00 17.98 ? 1007 DT  A "O3'" 1 
ATOM   135 C "C2'" . DT  A 1 7  ? -9.696  -3.026  8.190   1.00 18.17 ? 1007 DT  A "C2'" 1 
ATOM   136 C "C1'" . DT  A 1 7  ? -8.751  -2.299  7.242   1.00 14.00 ? 1007 DT  A "C1'" 1 
ATOM   137 N N1    . DT  A 1 7  ? -9.364  -1.079  6.702   1.00 12.29 ? 1007 DT  A N1    1 
ATOM   138 C C2    . DT  A 1 7  ? -9.311  0.034   7.507   1.00 13.12 ? 1007 DT  A C2    1 
ATOM   139 O O2    . DT  A 1 7  ? -8.783  0.022   8.616   1.00 14.56 ? 1007 DT  A O2    1 
ATOM   140 N N3    . DT  A 1 7  ? -9.893  1.159   6.977   1.00 7.59  ? 1007 DT  A N3    1 
ATOM   141 C C4    . DT  A 1 7  ? -10.499 1.227   5.732   1.00 7.96  ? 1007 DT  A C4    1 
ATOM   142 O O4    . DT  A 1 7  ? -10.997 2.287   5.341   1.00 15.48 ? 1007 DT  A O4    1 
ATOM   143 C C5    . DT  A 1 7  ? -10.520 0.015   4.936   1.00 20.27 ? 1007 DT  A C5    1 
ATOM   144 C C7    . DT  A 1 7  ? -11.184 0.106   3.592   1.00 13.09 ? 1007 DT  A C7    1 
ATOM   145 C C6    . DT  A 1 7  ? -9.950  -1.091  5.446   1.00 11.65 ? 1007 DT  A C6    1 
ATOM   146 P P     . DT  A 1 8  ? -7.793  -5.908  9.817   1.00 20.39 ? 1008 DT  A P     1 
ATOM   147 O OP1   . DT  A 1 8  ? -7.198  -6.898  8.891   1.00 27.66 ? 1008 DT  A OP1   1 
ATOM   148 O OP2   . DT  A 1 8  ? -9.039  -6.267  10.545  1.00 20.75 ? 1008 DT  A OP2   1 
ATOM   149 O "O5'" . DT  A 1 8  ? -6.718  -5.513  10.935  1.00 20.79 ? 1008 DT  A "O5'" 1 
ATOM   150 C "C5'" . DT  A 1 8  ? -6.976  -4.397  11.786  1.00 22.52 ? 1008 DT  A "C5'" 1 
ATOM   151 C "C4'" . DT  A 1 8  ? -5.710  -4.111  12.556  1.00 19.39 ? 1008 DT  A "C4'" 1 
ATOM   152 O "O4'" . DT  A 1 8  ? -5.217  -5.329  13.170  1.00 15.81 ? 1008 DT  A "O4'" 1 
ATOM   153 C "C3'" . DT  A 1 8  ? -4.553  -3.580  11.719  1.00 22.46 ? 1008 DT  A "C3'" 1 
ATOM   154 O "O3'" . DT  A 1 8  ? -3.844  -2.620  12.488  1.00 20.39 ? 1008 DT  A "O3'" 1 
ATOM   155 C "C2'" . DT  A 1 8  ? -3.715  -4.817  11.467  1.00 17.04 ? 1008 DT  A "C2'" 1 
ATOM   156 C "C1'" . DT  A 1 8  ? -3.859  -5.533  12.800  1.00 10.99 ? 1008 DT  A "C1'" 1 
ATOM   157 N N1    . DT  A 1 8  ? -3.702  -6.984  12.747  1.00 19.96 ? 1008 DT  A N1    1 
ATOM   158 C C2    . DT  A 1 8  ? -2.632  -7.579  13.375  1.00 16.60 ? 1008 DT  A C2    1 
ATOM   159 O O2    . DT  A 1 8  ? -1.787  -6.954  13.987  1.00 20.01 ? 1008 DT  A O2    1 
ATOM   160 N N3    . DT  A 1 8  ? -2.612  -8.950  13.246  1.00 16.24 ? 1008 DT  A N3    1 
ATOM   161 C C4    . DT  A 1 8  ? -3.515  -9.752  12.575  1.00 15.92 ? 1008 DT  A C4    1 
ATOM   162 O O4    . DT  A 1 8  ? -3.357  -10.966 12.549  1.00 17.81 ? 1008 DT  A O4    1 
ATOM   163 C C5    . DT  A 1 8  ? -4.618  -9.055  11.938  1.00 16.88 ? 1008 DT  A C5    1 
ATOM   164 C C7    . DT  A 1 8  ? -5.639  -9.850  11.192  1.00 15.81 ? 1008 DT  A C7    1 
ATOM   165 C C6    . DT  A 1 8  ? -4.649  -7.722  12.059  1.00 21.27 ? 1008 DT  A C6    1 
ATOM   166 P P     . DG  A 1 9  ? -4.088  -1.033  12.343  1.00 19.41 ? 1009 DG  A P     1 
ATOM   167 O OP1   . DG  A 1 9  ? -3.398  -0.384  13.493  1.00 18.85 ? 1009 DG  A OP1   1 
ATOM   168 O OP2   . DG  A 1 9  ? -5.528  -0.742  12.158  1.00 17.51 ? 1009 DG  A OP2   1 
ATOM   169 O "O5'" . DG  A 1 9  ? -3.324  -0.673  10.995  1.00 15.34 ? 1009 DG  A "O5'" 1 
ATOM   170 C "C5'" . DG  A 1 9  ? -1.940  -0.319  10.959  1.00 18.54 ? 1009 DG  A "C5'" 1 
ATOM   171 C "C4'" . DG  A 1 9  ? -1.129  -1.590  10.954  1.00 19.61 ? 1009 DG  A "C4'" 1 
ATOM   172 O "O4'" . DG  A 1 9  ? -1.574  -2.443  9.864   1.00 15.75 ? 1009 DG  A "O4'" 1 
ATOM   173 C "C3'" . DG  A 1 9  ? 0.379   -1.440  10.749  1.00 14.78 ? 1009 DG  A "C3'" 1 
ATOM   174 O "O3'" . DG  A 1 9  ? 1.022   -2.489  11.461  1.00 15.02 ? 1009 DG  A "O3'" 1 
ATOM   175 C "C2'" . DG  A 1 9  ? 0.542   -1.605  9.254   1.00 10.96 ? 1009 DG  A "C2'" 1 
ATOM   176 C "C1'" . DG  A 1 9  ? -0.462  -2.736  9.015   1.00 17.95 ? 1009 DG  A "C1'" 1 
ATOM   177 N N9    . DG  A 1 9  ? -0.965  -2.873  7.646   1.00 11.53 ? 1009 DG  A N9    1 
ATOM   178 C C8    . DG  A 1 9  ? -0.963  -4.015  6.889   1.00 14.52 ? 1009 DG  A C8    1 
ATOM   179 N N7    . DG  A 1 9  ? -1.485  -3.816  5.700   1.00 14.82 ? 1009 DG  A N7    1 
ATOM   180 C C5    . DG  A 1 9  ? -1.840  -2.476  5.695   1.00 13.07 ? 1009 DG  A C5    1 
ATOM   181 C C6    . DG  A 1 9  ? -2.443  -1.696  4.687   1.00 13.24 ? 1009 DG  A C6    1 
ATOM   182 O O6    . DG  A 1 9  ? -2.797  -2.049  3.551   1.00 9.15  ? 1009 DG  A O6    1 
ATOM   183 N N1    . DG  A 1 9  ? -2.638  -0.375  5.080   1.00 10.75 ? 1009 DG  A N1    1 
ATOM   184 C C2    . DG  A 1 9  ? -2.292  0.133   6.295   1.00 13.43 ? 1009 DG  A C2    1 
ATOM   185 N N2    . DG  A 1 9  ? -2.574  1.434   6.450   1.00 8.70  ? 1009 DG  A N2    1 
ATOM   186 N N3    . DG  A 1 9  ? -1.724  -0.591  7.250   1.00 16.23 ? 1009 DG  A N3    1 
ATOM   187 C C4    . DG  A 1 9  ? -1.525  -1.875  6.895   1.00 12.40 ? 1009 DG  A C4    1 
ATOM   188 P P     . DG  A 1 10 ? 2.629   -2.536  11.518  1.00 17.89 ? 1010 DG  A P     1 
ATOM   189 O OP1   . DG  A 1 10 ? 2.994   -3.458  12.636  1.00 22.76 ? 1010 DG  A OP1   1 
ATOM   190 O OP2   . DG  A 1 10 ? 3.151   -1.168  11.353  1.00 17.15 ? 1010 DG  A OP2   1 
ATOM   191 O "O5'" . DG  A 1 10 ? 3.009   -3.329  10.168  1.00 16.38 ? 1010 DG  A "O5'" 1 
ATOM   192 C "C5'" . DG  A 1 10 ? 2.864   -4.738  10.078  1.00 18.35 ? 1010 DG  A "C5'" 1 
ATOM   193 C "C4'" . DG  A 1 10 ? 2.958   -5.183  8.649   1.00 18.00 ? 1010 DG  A "C4'" 1 
ATOM   194 O "O4'" . DG  A 1 10 ? 2.081   -4.405  7.783   1.00 13.55 ? 1010 DG  A "O4'" 1 
ATOM   195 C "C3'" . DG  A 1 10 ? 4.352   -5.093  8.013   1.00 16.27 ? 1010 DG  A "C3'" 1 
ATOM   196 O "O3'" . DG  A 1 10 ? 4.542   -6.318  7.334   1.00 23.04 ? 1010 DG  A "O3'" 1 
ATOM   197 C "C2'" . DG  A 1 10 ? 4.218   -3.918  7.059   1.00 15.51 ? 1010 DG  A "C2'" 1 
ATOM   198 C "C1'" . DG  A 1 10 ? 2.791   -4.191  6.556   1.00 8.07  ? 1010 DG  A "C1'" 1 
ATOM   199 N N9    . DG  A 1 10 ? 2.140   -3.165  5.754   1.00 10.81 ? 1010 DG  A N9    1 
ATOM   200 C C8    . DG  A 1 10 ? 1.943   -1.834  6.058   1.00 12.18 ? 1010 DG  A C8    1 
ATOM   201 N N7    . DG  A 1 10 ? 1.315   -1.179  5.104   1.00 10.84 ? 1010 DG  A N7    1 
ATOM   202 C C5    . DG  A 1 10 ? 1.092   -2.141  4.123   1.00 13.55 ? 1010 DG  A C5    1 
ATOM   203 C C6    . DG  A 1 10 ? 0.450   -2.005  2.860   1.00 10.92 ? 1010 DG  A C6    1 
ATOM   204 O O6    . DG  A 1 10 ? -0.042  -0.966  2.397   1.00 9.65  ? 1010 DG  A O6    1 
ATOM   205 N N1    . DG  A 1 10 ? 0.411   -3.195  2.142   1.00 6.94  ? 1010 DG  A N1    1 
ATOM   206 C C2    . DG  A 1 10 ? 0.948   -4.376  2.623   1.00 9.91  ? 1010 DG  A C2    1 
ATOM   207 N N2    . DG  A 1 10 ? 0.841   -5.454  1.822   1.00 15.00 ? 1010 DG  A N2    1 
ATOM   208 N N3    . DG  A 1 10 ? 1.551   -4.515  3.807   1.00 11.12 ? 1010 DG  A N3    1 
ATOM   209 C C4    . DG  A 1 10 ? 1.592   -3.362  4.508   1.00 9.07  ? 1010 DG  A C4    1 
ATOM   210 P P     . DG  A 1 11 ? 5.886   -7.022  6.868   1.00 35.31 ? 1011 DG  A P     1 
ATOM   211 O OP1   . DG  A 1 11 ? 5.572   -8.481  6.760   1.00 30.60 ? 1011 DG  A OP1   1 
ATOM   212 O OP2   . DG  A 1 11 ? 7.064   -6.558  7.645   1.00 27.75 ? 1011 DG  A OP2   1 
ATOM   213 O "O5'" . DG  A 1 11 ? 6.134   -6.509  5.391   1.00 23.22 ? 1011 DG  A "O5'" 1 
ATOM   214 C "C5'" . DG  A 1 11 ? 5.109   -6.491  4.406   1.00 22.98 ? 1011 DG  A "C5'" 1 
ATOM   215 C "C4'" . DG  A 1 11 ? 5.461   -7.525  3.360   1.00 22.50 ? 1011 DG  A "C4'" 1 
ATOM   216 O "O4'" . DG  A 1 11 ? 4.640   -7.314  2.196   1.00 19.06 ? 1011 DG  A "O4'" 1 
ATOM   217 C "C3'" . DG  A 1 11 ? 6.906   -7.458  2.857   1.00 14.73 ? 1011 DG  A "C3'" 1 
ATOM   218 O "O3'" . DG  A 1 11 ? 7.349   -8.771  2.550   1.00 16.91 ? 1011 DG  A "O3'" 1 
ATOM   219 C "C2'" . DG  A 1 11 ? 6.792   -6.552  1.661   1.00 11.73 ? 1011 DG  A "C2'" 1 
ATOM   220 C "C1'" . DG  A 1 11 ? 5.431   -6.905  1.083   1.00 14.69 ? 1011 DG  A "C1'" 1 
ATOM   221 N N9    . DG  A 1 11 ? 4.635   -5.853  0.443   1.00 11.70 ? 1011 DG  A N9    1 
ATOM   222 C C8    . DG  A 1 11 ? 3.992   -5.963  -0.781  1.00 13.41 ? 1011 DG  A C8    1 
ATOM   223 N N7    . DG  A 1 11 ? 3.345   -4.877  -1.129  1.00 11.19 ? 1011 DG  A N7    1 
ATOM   224 C C5    . DG  A 1 11 ? 3.572   -3.993  -0.074  1.00 6.01  ? 1011 DG  A C5    1 
ATOM   225 C C6    . DG  A 1 11 ? 3.133   -2.655  0.131   1.00 6.59  ? 1011 DG  A C6    1 
ATOM   226 O O6    . DG  A 1 11 ? 2.423   -1.981  -0.633  1.00 9.84  ? 1011 DG  A O6    1 
ATOM   227 N N1    . DG  A 1 11 ? 3.575   -2.093  1.333   1.00 6.26  ? 1011 DG  A N1    1 
ATOM   228 C C2    . DG  A 1 11 ? 4.368   -2.802  2.219   1.00 7.69  ? 1011 DG  A C2    1 
ATOM   229 N N2    . DG  A 1 11 ? 4.751   -2.199  3.342   1.00 10.53 ? 1011 DG  A N2    1 
ATOM   230 N N3    . DG  A 1 11 ? 4.788   -4.045  2.047   1.00 10.89 ? 1011 DG  A N3    1 
ATOM   231 C C4    . DG  A 1 11 ? 4.365   -4.596  0.891   1.00 12.35 ? 1011 DG  A C4    1 
ATOM   232 P P     . DG  A 1 12 ? 8.822   -9.070  1.975   1.00 20.09 ? 1012 DG  A P     1 
ATOM   233 O OP1   . DG  A 1 12 ? 9.119   -10.532 2.087   1.00 24.74 ? 1012 DG  A OP1   1 
ATOM   234 O OP2   . DG  A 1 12 ? 9.774   -8.083  2.574   1.00 15.52 ? 1012 DG  A OP2   1 
ATOM   235 O "O5'" . DG  A 1 12 ? 8.706   -8.752  0.427   1.00 14.44 ? 1012 DG  A "O5'" 1 
ATOM   236 C "C5'" . DG  A 1 12 ? 7.941   -9.533  -0.485  1.00 12.95 ? 1012 DG  A "C5'" 1 
ATOM   237 C "C4'" . DG  A 1 12 ? 7.968   -8.900  -1.856  1.00 21.04 ? 1012 DG  A "C4'" 1 
ATOM   238 O "O4'" . DG  A 1 12 ? 7.249   -7.636  -1.822  1.00 17.52 ? 1012 DG  A "O4'" 1 
ATOM   239 C "C3'" . DG  A 1 12 ? 9.355   -8.585  -2.415  1.00 15.96 ? 1012 DG  A "C3'" 1 
ATOM   240 O "O3'" . DG  A 1 12 ? 9.298   -9.149  -3.698  1.00 16.55 ? 1012 DG  A "O3'" 1 
ATOM   241 C "C2'" . DG  A 1 12 ? 9.462   -7.080  -2.301  1.00 12.91 ? 1012 DG  A "C2'" 1 
ATOM   242 C "C1'" . DG  A 1 12 ? 8.008   -6.659  -2.535  1.00 10.61 ? 1012 DG  A "C1'" 1 
ATOM   243 N N9    . DG  A 1 12 ? 7.602   -5.356  -2.036  1.00 10.41 ? 1012 DG  A N9    1 
ATOM   244 C C8    . DG  A 1 12 ? 7.943   -4.758  -0.842  1.00 12.78 ? 1012 DG  A C8    1 
ATOM   245 N N7    . DG  A 1 12 ? 7.405   -3.568  -0.689  1.00 12.39 ? 1012 DG  A N7    1 
ATOM   246 C C5    . DG  A 1 12 ? 6.665   -3.371  -1.854  1.00 12.51 ? 1012 DG  A C5    1 
ATOM   247 C C6    . DG  A 1 12 ? 5.861   -2.283  -2.286  1.00 13.38 ? 1012 DG  A C6    1 
ATOM   248 O O6    . DG  A 1 12 ? 5.623   -1.211  -1.699  1.00 11.87 ? 1012 DG  A O6    1 
ATOM   249 N N1    . DG  A 1 12 ? 5.291   -2.498  -3.535  1.00 10.92 ? 1012 DG  A N1    1 
ATOM   250 C C2    . DG  A 1 12 ? 5.461   -3.624  -4.298  1.00 14.98 ? 1012 DG  A C2    1 
ATOM   251 N N2    . DG  A 1 12 ? 4.856   -3.719  -5.496  1.00 10.15 ? 1012 DG  A N2    1 
ATOM   252 N N3    . DG  A 1 12 ? 6.209   -4.631  -3.890  1.00 12.92 ? 1012 DG  A N3    1 
ATOM   253 C C4    . DG  A 1 12 ? 6.778   -4.460  -2.685  1.00 9.39  ? 1012 DG  A C4    1 
ATOM   254 O "O5'" . DG  B 1 1  ? -1.580  -9.527  2.989   1.00 29.07 ? 2001 DG  B "O5'" 1 
ATOM   255 C "C5'" . DG  B 1 1  ? -2.375  -10.697 2.758   1.00 23.98 ? 2001 DG  B "C5'" 1 
ATOM   256 C "C4'" . DG  B 1 1  ? -2.671  -10.804 1.276   1.00 14.64 ? 2001 DG  B "C4'" 1 
ATOM   257 O "O4'" . DG  B 1 1  ? -3.572  -9.717  0.912   1.00 16.86 ? 2001 DG  B "O4'" 1 
ATOM   258 C "C3'" . DG  B 1 1  ? -1.457  -10.681 0.364   1.00 12.15 ? 2001 DG  B "C3'" 1 
ATOM   259 O "O3'" . DG  B 1 1  ? -1.536  -11.581 -0.731  1.00 13.68 ? 2001 DG  B "O3'" 1 
ATOM   260 C "C2'" . DG  B 1 1  ? -1.530  -9.246  -0.098  1.00 9.54  ? 2001 DG  B "C2'" 1 
ATOM   261 C "C1'" . DG  B 1 1  ? -3.059  -9.062  -0.222  1.00 8.99  ? 2001 DG  B "C1'" 1 
ATOM   262 N N9    . DG  B 1 1  ? -3.398  -7.645  -0.297  1.00 13.35 ? 2001 DG  B N9    1 
ATOM   263 C C8    . DG  B 1 1  ? -4.021  -6.986  -1.330  1.00 11.75 ? 2001 DG  B C8    1 
ATOM   264 N N7    . DG  B 1 1  ? -4.183  -5.707  -1.092  1.00 9.42  ? 2001 DG  B N7    1 
ATOM   265 C C5    . DG  B 1 1  ? -3.630  -5.530  0.169   1.00 5.14  ? 2001 DG  B C5    1 
ATOM   266 C C6    . DG  B 1 1  ? -3.523  -4.334  0.937   1.00 8.52  ? 2001 DG  B C6    1 
ATOM   267 O O6    . DG  B 1 1  ? -3.919  -3.219  0.599   1.00 10.06 ? 2001 DG  B O6    1 
ATOM   268 N N1    . DG  B 1 1  ? -2.901  -4.547  2.165   1.00 9.29  ? 2001 DG  B N1    1 
ATOM   269 C C2    . DG  B 1 1  ? -2.444  -5.777  2.584   1.00 11.31 ? 2001 DG  B C2    1 
ATOM   270 N N2    . DG  B 1 1  ? -1.870  -5.807  3.792   1.00 13.99 ? 2001 DG  B N2    1 
ATOM   271 N N3    . DG  B 1 1  ? -2.538  -6.899  1.873   1.00 13.15 ? 2001 DG  B N3    1 
ATOM   272 C C4    . DG  B 1 1  ? -3.139  -6.706  0.679   1.00 9.63  ? 2001 DG  B C4    1 
ATOM   273 P P     . DG  B 1 2  ? -0.357  -11.829 -1.806  1.00 14.29 ? 2002 DG  B P     1 
ATOM   274 O OP1   . DG  B 1 2  ? -0.670  -13.084 -2.532  1.00 16.10 ? 2002 DG  B OP1   1 
ATOM   275 O OP2   . DG  B 1 2  ? 0.983   -11.583 -1.185  1.00 15.47 ? 2002 DG  B OP2   1 
ATOM   276 O "O5'" . DG  B 1 2  ? -0.512  -10.633 -2.851  1.00 12.56 ? 2002 DG  B "O5'" 1 
ATOM   277 C "C5'" . DG  B 1 2  ? -1.668  -10.642 -3.706  1.00 12.60 ? 2002 DG  B "C5'" 1 
ATOM   278 C "C4'" . DG  B 1 2  ? -1.701  -9.318  -4.430  1.00 18.78 ? 2002 DG  B "C4'" 1 
ATOM   279 O "O4'" . DG  B 1 2  ? -1.852  -8.235  -3.460  1.00 13.68 ? 2002 DG  B "O4'" 1 
ATOM   280 C "C3'" . DG  B 1 2  ? -0.434  -9.004  -5.228  1.00 12.32 ? 2002 DG  B "C3'" 1 
ATOM   281 O "O3'" . DG  B 1 2  ? -0.811  -8.602  -6.534  1.00 12.05 ? 2002 DG  B "O3'" 1 
ATOM   282 C "C2'" . DG  B 1 2  ? 0.216   -7.891  -4.438  1.00 9.69  ? 2002 DG  B "C2'" 1 
ATOM   283 C "C1'" . DG  B 1 2  ? -1.040  -7.162  -3.936  1.00 7.96  ? 2002 DG  B "C1'" 1 
ATOM   284 N N9    . DG  B 1 2  ? -0.856  -6.225  -2.847  1.00 9.50  ? 2002 DG  B N9    1 
ATOM   285 C C8    . DG  B 1 2  ? -0.223  -6.453  -1.648  1.00 10.74 ? 2002 DG  B C8    1 
ATOM   286 N N7    . DG  B 1 2  ? -0.226  -5.401  -0.876  1.00 9.77  ? 2002 DG  B N7    1 
ATOM   287 C C5    . DG  B 1 2  ? -0.901  -4.436  -1.618  1.00 3.96  ? 2002 DG  B C5    1 
ATOM   288 C C6    . DG  B 1 2  ? -1.208  -3.091  -1.284  1.00 8.65  ? 2002 DG  B C6    1 
ATOM   289 O O6    . DG  B 1 2  ? -0.918  -2.508  -0.226  1.00 9.87  ? 2002 DG  B O6    1 
ATOM   290 N N1    . DG  B 1 2  ? -1.895  -2.468  -2.306  1.00 8.78  ? 2002 DG  B N1    1 
ATOM   291 C C2    . DG  B 1 2  ? -2.254  -3.035  -3.500  1.00 13.19 ? 2002 DG  B C2    1 
ATOM   292 N N2    . DG  B 1 2  ? -2.920  -2.222  -4.335  1.00 13.10 ? 2002 DG  B N2    1 
ATOM   293 N N3    . DG  B 1 2  ? -1.976  -4.291  -3.829  1.00 10.33 ? 2002 DG  B N3    1 
ATOM   294 C C4    . DG  B 1 2  ? -1.301  -4.924  -2.840  1.00 11.63 ? 2002 DG  B C4    1 
ATOM   295 P P     . DG  B 1 3  ? 0.258   -8.470  -7.718  1.00 12.21 ? 2003 DG  B P     1 
ATOM   296 O OP1   . DG  B 1 3  ? -0.090  -9.593  -8.688  1.00 13.72 ? 2003 DG  B OP1   1 
ATOM   297 O OP2   . DG  B 1 3  ? 1.647   -8.390  -7.207  1.00 12.33 ? 2003 DG  B OP2   1 
ATOM   298 O "O5'" . DG  B 1 3  ? -0.167  -7.150  -8.458  1.00 7.98  ? 2003 DG  B "O5'" 1 
ATOM   299 C "C5'" . DG  B 1 3  ? -0.162  -5.921  -7.680  1.00 8.58  ? 2003 DG  B "C5'" 1 
ATOM   300 C "C4'" . DG  B 1 3  ? -0.376  -4.832  -8.703  1.00 9.38  ? 2003 DG  B "C4'" 1 
ATOM   301 O "O4'" . DG  B 1 3  ? -0.686  -3.575  -8.058  1.00 12.55 ? 2003 DG  B "O4'" 1 
ATOM   302 C "C3'" . DG  B 1 3  ? 0.866   -4.558  -9.559  1.00 8.83  ? 2003 DG  B "C3'" 1 
ATOM   303 O "O3'" . DG  B 1 3  ? 0.425   -4.184  -10.849 1.00 13.04 ? 2003 DG  B "O3'" 1 
ATOM   304 C "C2'" . DG  B 1 3  ? 1.553   -3.469  -8.763  1.00 4.33  ? 2003 DG  B "C2'" 1 
ATOM   305 C "C1'" . DG  B 1 3  ? 0.344   -2.627  -8.366  1.00 13.30 ? 2003 DG  B "C1'" 1 
ATOM   306 N N9    . DG  B 1 3  ? 0.414   -1.809  -7.156  1.00 13.65 ? 2003 DG  B N9    1 
ATOM   307 C C8    . DG  B 1 3  ? 0.041   -0.486  -7.057  1.00 14.84 ? 2003 DG  B C8    1 
ATOM   308 N N7    . DG  B 1 3  ? 0.218   -0.021  -5.850  1.00 9.61  ? 2003 DG  B N7    1 
ATOM   309 C C5    . DG  B 1 3  ? 0.726   -1.085  -5.134  1.00 7.18  ? 2003 DG  B C5    1 
ATOM   310 C C6    . DG  B 1 3  ? 1.106   -1.163  -3.776  1.00 12.27 ? 2003 DG  B C6    1 
ATOM   311 O O6    . DG  B 1 3  ? 1.041   -0.241  -2.963  1.00 7.86  ? 2003 DG  B O6    1 
ATOM   312 N N1    . DG  B 1 3  ? 1.579   -2.419  -3.414  1.00 12.38 ? 2003 DG  B N1    1 
ATOM   313 C C2    . DG  B 1 3  ? 1.671   -3.481  -4.283  1.00 12.16 ? 2003 DG  B C2    1 
ATOM   314 N N2    . DG  B 1 3  ? 2.157   -4.597  -3.716  1.00 12.60 ? 2003 DG  B N2    1 
ATOM   315 N N3    . DG  B 1 3  ? 1.322   -3.425  -5.552  1.00 10.18 ? 2003 DG  B N3    1 
ATOM   316 C C4    . DG  B 1 3  ? 0.858   -2.214  -5.926  1.00 9.47  ? 2003 DG  B C4    1 
ATOM   317 P P     . DG  B 1 4  ? 1.446   -3.989  -12.068 1.00 14.23 ? 2004 DG  B P     1 
ATOM   318 O OP1   . DG  B 1 4  ? 0.658   -4.071  -13.351 1.00 13.51 ? 2004 DG  B OP1   1 
ATOM   319 O OP2   . DG  B 1 4  ? 2.655   -4.823  -11.878 1.00 11.97 ? 2004 DG  B OP2   1 
ATOM   320 O "O5'" . DG  B 1 4  ? 1.883   -2.460  -11.943 1.00 12.26 ? 2004 DG  B "O5'" 1 
ATOM   321 C "C5'" . DG  B 1 4  ? 0.944   -1.416  -12.226 1.00 13.41 ? 2004 DG  B "C5'" 1 
ATOM   322 C "C4'" . DG  B 1 4  ? 1.576   -0.118  -11.758 1.00 13.09 ? 2004 DG  B "C4'" 1 
ATOM   323 O "O4'" . DG  B 1 4  ? 1.711   -0.136  -10.312 1.00 12.54 ? 2004 DG  B "O4'" 1 
ATOM   324 C "C3'" . DG  B 1 4  ? 2.976   0.149   -12.320 1.00 14.26 ? 2004 DG  B "C3'" 1 
ATOM   325 O "O3'" . DG  B 1 4  ? 3.037   1.487   -12.790 1.00 19.09 ? 2004 DG  B "O3'" 1 
ATOM   326 C "C2'" . DG  B 1 4  ? 3.896   -0.074  -11.140 1.00 8.11  ? 2004 DG  B "C2'" 1 
ATOM   327 C "C1'" . DG  B 1 4  ? 2.998   0.404   -9.996  1.00 7.27  ? 2004 DG  B "C1'" 1 
ATOM   328 N N9    . DG  B 1 4  ? 3.402   -0.035  -8.667  1.00 12.90 ? 2004 DG  B N9    1 
ATOM   329 C C8    . DG  B 1 4  ? 3.978   -1.220  -8.267  1.00 12.51 ? 2004 DG  B C8    1 
ATOM   330 N N7    . DG  B 1 4  ? 4.207   -1.267  -6.980  1.00 10.93 ? 2004 DG  B N7    1 
ATOM   331 C C5    . DG  B 1 4  ? 3.758   -0.036  -6.493  1.00 16.50 ? 2004 DG  B C5    1 
ATOM   332 C C6    . DG  B 1 4  ? 3.728   0.527   -5.187  1.00 10.08 ? 2004 DG  B C6    1 
ATOM   333 O O6    . DG  B 1 4  ? 4.112   0.035   -4.127  1.00 9.95  ? 2004 DG  B O6    1 
ATOM   334 N N1    . DG  B 1 4  ? 3.178   1.809   -5.178  1.00 9.09  ? 2004 DG  B N1    1 
ATOM   335 C C2    . DG  B 1 4  ? 2.715   2.467   -6.282  1.00 6.96  ? 2004 DG  B C2    1 
ATOM   336 N N2    . DG  B 1 4  ? 2.201   3.704   -6.170  1.00 12.34 ? 2004 DG  B N2    1 
ATOM   337 N N3    . DG  B 1 4  ? 2.736   1.953   -7.509  1.00 12.02 ? 2004 DG  B N3    1 
ATOM   338 C C4    . DG  B 1 4  ? 3.262   0.725   -7.525  1.00 13.89 ? 2004 DG  B C4    1 
ATOM   339 P P     . DT  B 1 5  ? 4.331   2.218   -13.411 1.00 16.98 ? 2005 DT  B P     1 
ATOM   340 O OP1   . DT  B 1 5  ? 3.789   3.455   -14.031 1.00 15.87 ? 2005 DT  B OP1   1 
ATOM   341 O OP2   . DT  B 1 5  ? 5.178   1.305   -14.169 1.00 17.17 ? 2005 DT  B OP2   1 
ATOM   342 O "O5'" . DT  B 1 5  ? 5.181   2.667   -12.129 1.00 15.14 ? 2005 DT  B "O5'" 1 
ATOM   343 C "C5'" . DT  B 1 5  ? 4.641   3.671   -11.271 1.00 10.79 ? 2005 DT  B "C5'" 1 
ATOM   344 C "C4'" . DT  B 1 5  ? 5.439   3.666   -10.000 1.00 16.38 ? 2005 DT  B "C4'" 1 
ATOM   345 O "O4'" . DT  B 1 5  ? 5.481   2.350   -9.389  1.00 10.39 ? 2005 DT  B "O4'" 1 
ATOM   346 C "C3'" . DT  B 1 5  ? 6.924   3.995   -10.150 1.00 11.54 ? 2005 DT  B "C3'" 1 
ATOM   347 O "O3'" . DT  B 1 5  ? 7.084   5.410   -10.129 1.00 12.97 ? 2005 DT  B "O3'" 1 
ATOM   348 C "C2'" . DT  B 1 5  ? 7.550   3.341   -8.937  1.00 8.62  ? 2005 DT  B "C2'" 1 
ATOM   349 C "C1'" . DT  B 1 5  ? 6.466   2.452   -8.358  1.00 11.66 ? 2005 DT  B "C1'" 1 
ATOM   350 N N1    . DT  B 1 5  ? 6.887   1.099   -7.965  1.00 11.91 ? 2005 DT  B N1    1 
ATOM   351 C C2    . DT  B 1 5  ? 7.008   0.794   -6.627  1.00 13.85 ? 2005 DT  B C2    1 
ATOM   352 O O2    . DT  B 1 5  ? 6.783   1.584   -5.716  1.00 10.30 ? 2005 DT  B O2    1 
ATOM   353 N N3    . DT  B 1 5  ? 7.412   -0.500  -6.363  1.00 17.06 ? 2005 DT  B N3    1 
ATOM   354 C C4    . DT  B 1 5  ? 7.700   -1.504  -7.290  1.00 18.03 ? 2005 DT  B C4    1 
ATOM   355 O O4    . DT  B 1 5  ? 8.049   -2.607  -6.848  1.00 12.67 ? 2005 DT  B O4    1 
ATOM   356 C C5    . DT  B 1 5  ? 7.552   -1.104  -8.667  1.00 11.71 ? 2005 DT  B C5    1 
ATOM   357 C C7    . DT  B 1 5  ? 7.836   -2.092  -9.778  1.00 9.31  ? 2005 DT  B C7    1 
ATOM   358 C C6    . DT  B 1 5  ? 7.164   0.149   -8.931  1.00 11.40 ? 2005 DT  B C6    1 
ATOM   359 P P     . DT  B 1 6  ? 8.534   6.068   -10.279 1.00 15.69 ? 2006 DT  B P     1 
ATOM   360 O OP1   . DT  B 1 6  ? 8.361   7.495   -10.704 1.00 14.21 ? 2006 DT  B OP1   1 
ATOM   361 O OP2   . DT  B 1 6  ? 9.425   5.215   -11.118 1.00 14.73 ? 2006 DT  B OP2   1 
ATOM   362 O "O5'" . DT  B 1 6  ? 9.131   6.093   -8.789  1.00 12.28 ? 2006 DT  B "O5'" 1 
ATOM   363 C "C5'" . DT  B 1 6  ? 8.415   6.757   -7.752  1.00 9.87  ? 2006 DT  B "C5'" 1 
ATOM   364 C "C4'" . DT  B 1 6  ? 9.159   6.530   -6.448  1.00 16.84 ? 2006 DT  B "C4'" 1 
ATOM   365 O "O4'" . DT  B 1 6  ? 9.146   5.107   -6.150  1.00 12.16 ? 2006 DT  B "O4'" 1 
ATOM   366 C "C3'" . DT  B 1 6  ? 10.618  6.950   -6.460  1.00 17.03 ? 2006 DT  B "C3'" 1 
ATOM   367 O "O3'" . DT  B 1 6  ? 11.031  7.479   -5.218  1.00 15.04 ? 2006 DT  B "O3'" 1 
ATOM   368 C "C2'" . DT  B 1 6  ? 11.356  5.639   -6.714  1.00 10.56 ? 2006 DT  B "C2'" 1 
ATOM   369 C "C1'" . DT  B 1 6  ? 10.489  4.689   -5.896  1.00 11.89 ? 2006 DT  B "C1'" 1 
ATOM   370 N N1    . DT  B 1 6  ? 10.603  3.285   -6.291  1.00 9.64  ? 2006 DT  B N1    1 
ATOM   371 C C2    . DT  B 1 6  ? 10.614  2.331   -5.297  1.00 13.83 ? 2006 DT  B C2    1 
ATOM   372 O O2    . DT  B 1 6  ? 10.531  2.597   -4.121  1.00 16.13 ? 2006 DT  B O2    1 
ATOM   373 N N3    . DT  B 1 6  ? 10.723  1.025   -5.689  1.00 17.44 ? 2006 DT  B N3    1 
ATOM   374 C C4    . DT  B 1 6  ? 10.824  0.615   -7.013  1.00 21.50 ? 2006 DT  B C4    1 
ATOM   375 O O4    . DT  B 1 6  ? 10.916  -0.593  -7.230  1.00 18.52 ? 2006 DT  B O4    1 
ATOM   376 C C5    . DT  B 1 6  ? 10.810  1.656   -8.000  1.00 11.08 ? 2006 DT  B C5    1 
ATOM   377 C C7    . DT  B 1 6  ? 10.913  1.298   -9.452  1.00 14.29 ? 2006 DT  B C7    1 
ATOM   378 C C6    . DT  B 1 6  ? 10.700  2.949   -7.624  1.00 13.31 ? 2006 DT  B C6    1 
ATOM   379 P P     . DT  B 1 7  ? 10.363  8.770   -4.530  1.00 16.79 ? 2007 DT  B P     1 
ATOM   380 O OP1   . DT  B 1 7  ? 9.452   9.455   -5.456  1.00 15.60 ? 2007 DT  B OP1   1 
ATOM   381 O OP2   . DT  B 1 7  ? 11.510  9.564   -3.966  1.00 16.78 ? 2007 DT  B OP2   1 
ATOM   382 O "O5'" . DT  B 1 7  ? 9.532   8.159   -3.347  1.00 14.41 ? 2007 DT  B "O5'" 1 
ATOM   383 C "C5'" . DT  B 1 7  ? 9.157   8.844   -2.161  1.00 18.04 ? 2007 DT  B "C5'" 1 
ATOM   384 C "C4'" . DT  B 1 7  ? 8.746   7.843   -1.117  1.00 11.80 ? 2007 DT  B "C4'" 1 
ATOM   385 O "O4'" . DT  B 1 7  ? 7.484   7.229   -1.488  1.00 15.01 ? 2007 DT  B "O4'" 1 
ATOM   386 C "C3'" . DT  B 1 7  ? 9.685   6.668   -0.876  1.00 16.22 ? 2007 DT  B "C3'" 1 
ATOM   387 O "O3'" . DT  B 1 7  ? 9.547   6.214   0.460   1.00 14.99 ? 2007 DT  B "O3'" 1 
ATOM   388 C "C2'" . DT  B 1 7  ? 9.169   5.619   -1.850  1.00 10.71 ? 2007 DT  B "C2'" 1 
ATOM   389 C "C1'" . DT  B 1 7  ? 7.667   5.869   -1.820  1.00 10.49 ? 2007 DT  B "C1'" 1 
ATOM   390 N N1    . DT  B 1 7  ? 7.013   5.717   -3.127  1.00 9.89  ? 2007 DT  B N1    1 
ATOM   391 C C2    . DT  B 1 7  ? 6.977   4.445   -3.655  1.00 10.95 ? 2007 DT  B C2    1 
ATOM   392 O O2    . DT  B 1 7  ? 7.459   3.486   -3.065  1.00 13.33 ? 2007 DT  B O2    1 
ATOM   393 N N3    . DT  B 1 7  ? 6.361   4.358   -4.876  1.00 10.22 ? 2007 DT  B N3    1 
ATOM   394 C C4    . DT  B 1 7  ? 5.808   5.424   -5.558  1.00 11.10 ? 2007 DT  B C4    1 
ATOM   395 O O4    . DT  B 1 7  ? 5.275   5.252   -6.641  1.00 8.58  ? 2007 DT  B O4    1 
ATOM   396 C C5    . DT  B 1 7  ? 5.888   6.738   -4.938  1.00 8.98  ? 2007 DT  B C5    1 
ATOM   397 C C7    . DT  B 1 7  ? 5.301   7.902   -5.653  1.00 12.18 ? 2007 DT  B C7    1 
ATOM   398 C C6    . DT  B 1 7  ? 6.489   6.834   -3.747  1.00 9.85  ? 2007 DT  B C6    1 
ATOM   399 P P     . DT  B 1 8  ? 10.688  5.730   1.468   1.00 13.58 ? 2008 DT  B P     1 
ATOM   400 O OP1   . DT  B 1 8  ? 10.136  5.749   2.852   1.00 16.36 ? 2008 DT  B OP1   1 
ATOM   401 O OP2   . DT  B 1 8  ? 11.965  6.387   1.096   1.00 11.92 ? 2008 DT  B OP2   1 
ATOM   402 O "O5'" . DT  B 1 8  ? 10.866  4.188   1.129   1.00 11.08 ? 2008 DT  B "O5'" 1 
ATOM   403 C "C5'" . DT  B 1 8  ? 9.836   3.243   1.425   1.00 10.10 ? 2008 DT  B "C5'" 1 
ATOM   404 C "C4'" . DT  B 1 8  ? 10.396  1.882   1.081   1.00 16.70 ? 2008 DT  B "C4'" 1 
ATOM   405 O "O4'" . DT  B 1 8  ? 10.747  1.859   -0.325  1.00 14.05 ? 2008 DT  B "O4'" 1 
ATOM   406 C "C3'" . DT  B 1 8  ? 11.666  1.499   1.825   1.00 11.55 ? 2008 DT  B "C3'" 1 
ATOM   407 O "O3'" . DT  B 1 8  ? 11.658  0.110   2.119   1.00 13.11 ? 2008 DT  B "O3'" 1 
ATOM   408 C "C2'" . DT  B 1 8  ? 12.774  1.835   0.845   1.00 9.86  ? 2008 DT  B "C2'" 1 
ATOM   409 C "C1'" . DT  B 1 8  ? 12.112  1.477   -0.476  1.00 13.66 ? 2008 DT  B "C1'" 1 
ATOM   410 N N1    . DT  B 1 8  ? 12.618  2.225   -1.631  1.00 12.26 ? 2008 DT  B N1    1 
ATOM   411 C C2    . DT  B 1 8  ? 13.094  1.535   -2.718  1.00 13.76 ? 2008 DT  B C2    1 
ATOM   412 O O2    . DT  B 1 8  ? 13.130  0.315   -2.805  1.00 19.08 ? 2008 DT  B O2    1 
ATOM   413 N N3    . DT  B 1 8  ? 13.536  2.342   -3.729  1.00 12.65 ? 2008 DT  B N3    1 
ATOM   414 C C4    . DT  B 1 8  ? 13.557  3.712   -3.778  1.00 11.03 ? 2008 DT  B C4    1 
ATOM   415 O O4    . DT  B 1 8  ? 13.985  4.320   -4.754  1.00 15.94 ? 2008 DT  B O4    1 
ATOM   416 C C5    . DT  B 1 8  ? 13.040  4.379   -2.596  1.00 11.95 ? 2008 DT  B C5    1 
ATOM   417 C C7    . DT  B 1 8  ? 13.046  5.874   -2.600  1.00 9.23  ? 2008 DT  B C7    1 
ATOM   418 C C6    . DT  B 1 8  ? 12.606  3.603   -1.600  1.00 11.67 ? 2008 DT  B C6    1 
ATOM   419 P P     . DG  B 1 9  ? 12.482  -0.521  3.328   1.00 18.52 ? 2009 DG  B P     1 
ATOM   420 O OP1   . DG  B 1 9  ? 13.885  0.005   3.278   1.00 18.83 ? 2009 DG  B OP1   1 
ATOM   421 O OP2   . DG  B 1 9  ? 12.248  -1.982  3.405   1.00 18.82 ? 2009 DG  B OP2   1 
ATOM   422 O "O5'" . DG  B 1 9  ? 11.846  0.162   4.620   1.00 18.46 ? 2009 DG  B "O5'" 1 
ATOM   423 C "C5'" . DG  B 1 9  ? 10.645  -0.370  5.204   1.00 14.84 ? 2009 DG  B "C5'" 1 
ATOM   424 C "C4'" . DG  B 1 9  ? 9.994   0.784   5.928   1.00 13.89 ? 2009 DG  B "C4'" 1 
ATOM   425 O "O4'" . DG  B 1 9  ? 9.521   1.738   4.944   1.00 12.92 ? 2009 DG  B "O4'" 1 
ATOM   426 C "C3'" . DG  B 1 9  ? 8.793   0.421   6.797   1.00 26.82 ? 2009 DG  B "C3'" 1 
ATOM   427 O "O3'" . DG  B 1 9  ? 8.804   1.230   7.964   1.00 26.14 ? 2009 DG  B "O3'" 1 
ATOM   428 C "C2'" . DG  B 1 9  ? 7.632   0.704   5.877   1.00 17.91 ? 2009 DG  B "C2'" 1 
ATOM   429 C "C1'" . DG  B 1 9  ? 8.127   1.951   5.135   1.00 18.47 ? 2009 DG  B "C1'" 1 
ATOM   430 N N9    . DG  B 1 9  ? 7.448   2.175   3.866   1.00 15.20 ? 2009 DG  B N9    1 
ATOM   431 C C8    . DG  B 1 9  ? 6.834   3.313   3.409   1.00 5.94  ? 2009 DG  B C8    1 
ATOM   432 N N7    . DG  B 1 9  ? 6.313   3.192   2.222   1.00 13.72 ? 2009 DG  B N7    1 
ATOM   433 C C5    . DG  B 1 9  ? 6.600   1.872   1.859   1.00 11.45 ? 2009 DG  B C5    1 
ATOM   434 C C6    . DG  B 1 9  ? 6.278   1.176   0.675   1.00 11.57 ? 2009 DG  B C6    1 
ATOM   435 O O6    . DG  B 1 9  ? 5.660   1.619   -0.302  1.00 13.89 ? 2009 DG  B O6    1 
ATOM   436 N N1    . DG  B 1 9  ? 6.743   -0.143  0.692   1.00 12.64 ? 2009 DG  B N1    1 
ATOM   437 C C2    . DG  B 1 9  ? 7.440   -0.694  1.755   1.00 10.52 ? 2009 DG  B C2    1 
ATOM   438 N N2    . DG  B 1 9  ? 7.825   -1.966  1.638   1.00 16.47 ? 2009 DG  B N2    1 
ATOM   439 N N3    . DG  B 1 9  ? 7.741   -0.037  2.868   1.00 13.61 ? 2009 DG  B N3    1 
ATOM   440 C C4    . DG  B 1 9  ? 7.295   1.232   2.856   1.00 9.35  ? 2009 DG  B C4    1 
ATOM   441 P P     . DG  B 1 10 ? 7.719   1.032   9.153   1.00 20.79 ? 2010 DG  B P     1 
ATOM   442 O OP1   . DG  B 1 10 ? 8.293   1.638   10.382  1.00 25.01 ? 2010 DG  B OP1   1 
ATOM   443 O OP2   . DG  B 1 10 ? 7.230   -0.355  9.107   1.00 16.91 ? 2010 DG  B OP2   1 
ATOM   444 O "O5'" . DG  B 1 10 ? 6.530   2.008   8.660   1.00 20.75 ? 2010 DG  B "O5'" 1 
ATOM   445 C "C5'" . DG  B 1 10 ? 6.904   3.360   8.418   1.00 16.61 ? 2010 DG  B "C5'" 1 
ATOM   446 C "C4'" . DG  B 1 10 ? 5.815   4.146   7.753   1.00 18.77 ? 2010 DG  B "C4'" 1 
ATOM   447 O "O4'" . DG  B 1 10 ? 5.588   3.675   6.396   1.00 10.28 ? 2010 DG  B "O4'" 1 
ATOM   448 C "C3'" . DG  B 1 10 ? 4.441   4.132   8.435   1.00 15.92 ? 2010 DG  B "C3'" 1 
ATOM   449 O "O3'" . DG  B 1 10 ? 3.936   5.453   8.386   1.00 13.31 ? 2010 DG  B "O3'" 1 
ATOM   450 C "C2'" . DG  B 1 10 ? 3.633   3.191   7.577   1.00 16.69 ? 2010 DG  B "C2'" 1 
ATOM   451 C "C1'" . DG  B 1 10 ? 4.186   3.556   6.197   1.00 10.37 ? 2010 DG  B "C1'" 1 
ATOM   452 N N9    . DG  B 1 10 ? 3.990   2.556   5.149   1.00 9.36  ? 2010 DG  B N9    1 
ATOM   453 C C8    . DG  B 1 10 ? 4.283   1.217   5.155   1.00 13.39 ? 2010 DG  B C8    1 
ATOM   454 N N7    . DG  B 1 10 ? 3.963   0.635   4.021   1.00 11.92 ? 2010 DG  B N7    1 
ATOM   455 C C5    . DG  B 1 10 ? 3.434   1.668   3.251   1.00 11.55 ? 2010 DG  B C5    1 
ATOM   456 C C6    . DG  B 1 10 ? 2.911   1.695   1.942   1.00 8.32  ? 2010 DG  B C6    1 
ATOM   457 O O6    . DG  B 1 10 ? 2.799   0.746   1.132   1.00 12.52 ? 2010 DG  B O6    1 
ATOM   458 N N1    . DG  B 1 10 ? 2.488   2.962   1.565   1.00 9.90  ? 2010 DG  B N1    1 
ATOM   459 C C2    . DG  B 1 10 ? 2.552   4.093   2.350   1.00 16.97 ? 2010 DG  B C2    1 
ATOM   460 N N2    . DG  B 1 10 ? 2.101   5.242   1.842   1.00 13.11 ? 2010 DG  B N2    1 
ATOM   461 N N3    . DG  B 1 10 ? 3.036   4.094   3.579   1.00 14.51 ? 2010 DG  B N3    1 
ATOM   462 C C4    . DG  B 1 10 ? 3.447   2.861   3.943   1.00 10.66 ? 2010 DG  B C4    1 
ATOM   463 P P     . DG  B 1 11 ? 2.636   6.025   9.095   1.00 17.42 ? 2011 DG  B P     1 
ATOM   464 O OP1   . DG  B 1 11 ? 2.637   7.501   8.878   1.00 18.20 ? 2011 DG  B OP1   1 
ATOM   465 O OP2   . DG  B 1 11 ? 2.575   5.403   10.441  1.00 20.49 ? 2011 DG  B OP2   1 
ATOM   466 O "O5'" . DG  B 1 11 ? 1.424   5.449   8.244   1.00 23.71 ? 2011 DG  B "O5'" 1 
ATOM   467 C "C5'" . DG  B 1 11 ? 1.322   5.563   6.830   1.00 11.55 ? 2011 DG  B "C5'" 1 
ATOM   468 C "C4'" . DG  B 1 11 ? 0.545   6.804   6.473   1.00 11.06 ? 2011 DG  B "C4'" 1 
ATOM   469 O "O4'" . DG  B 1 11 ? 0.304   6.812   5.041   1.00 11.25 ? 2011 DG  B "O4'" 1 
ATOM   470 C "C3'" . DG  B 1 11 ? -0.842  6.954   7.090   1.00 12.25 ? 2011 DG  B "C3'" 1 
ATOM   471 O "O3'" . DG  B 1 11 ? -1.212  8.328   7.069   1.00 17.06 ? 2011 DG  B "O3'" 1 
ATOM   472 C "C2'" . DG  B 1 11 ? -1.699  6.150   6.133   1.00 10.44 ? 2011 DG  B "C2'" 1 
ATOM   473 C "C1'" . DG  B 1 11 ? -1.080  6.561   4.797   1.00 11.78 ? 2011 DG  B "C1'" 1 
ATOM   474 N N9    . DG  B 1 11 ? -1.212  5.558   3.748   1.00 11.88 ? 2011 DG  B N9    1 
ATOM   475 C C8    . DG  B 1 11 ? -1.773  5.810   2.507   1.00 12.02 ? 2011 DG  B C8    1 
ATOM   476 N N7    . DG  B 1 11 ? -1.768  4.742   1.758   1.00 12.68 ? 2011 DG  B N7    1 
ATOM   477 C C5    . DG  B 1 11 ? -1.189  3.742   2.516   1.00 10.17 ? 2011 DG  B C5    1 
ATOM   478 C C6    . DG  B 1 11 ? -0.930  2.383   2.208   1.00 11.89 ? 2011 DG  B C6    1 
ATOM   479 O O6    . DG  B 1 11 ? -1.183  1.778   1.132   1.00 9.01  ? 2011 DG  B O6    1 
ATOM   480 N N1    . DG  B 1 11 ? -0.327  1.733   3.277   1.00 8.69  ? 2011 DG  B N1    1 
ATOM   481 C C2    . DG  B 1 11 ? -0.010  2.313   4.492   1.00 7.05  ? 2011 DG  B C2    1 
ATOM   482 N N2    . DG  B 1 11 ? 0.565   1.538   5.398   1.00 6.66  ? 2011 DG  B N2    1 
ATOM   483 N N3    . DG  B 1 11 ? -0.251  3.582   4.784   1.00 11.00 ? 2011 DG  B N3    1 
ATOM   484 C C4    . DG  B 1 11 ? -0.837  4.248   3.766   1.00 11.19 ? 2011 DG  B C4    1 
ATOM   485 P P     . DG  B 1 12 ? -2.618  8.808   7.720   1.00 15.21 ? 2012 DG  B P     1 
ATOM   486 O OP1   . DG  B 1 12 ? -2.515  10.296  7.845   1.00 18.60 ? 2012 DG  B OP1   1 
ATOM   487 O OP2   . DG  B 1 12 ? -2.863  7.956   8.901   1.00 11.37 ? 2012 DG  B OP2   1 
ATOM   488 O "O5'" . DG  B 1 12 ? -3.683  8.499   6.569   1.00 12.58 ? 2012 DG  B "O5'" 1 
ATOM   489 C "C5'" . DG  B 1 12 ? -3.735  9.221   5.337   1.00 11.34 ? 2012 DG  B "C5'" 1 
ATOM   490 C "C4'" . DG  B 1 12 ? -4.828  8.640   4.479   1.00 14.25 ? 2012 DG  B "C4'" 1 
ATOM   491 O "O4'" . DG  B 1 12 ? -4.436  7.325   3.974   1.00 14.64 ? 2012 DG  B "O4'" 1 
ATOM   492 C "C3'" . DG  B 1 12 ? -6.163  8.440   5.198   1.00 10.47 ? 2012 DG  B "C3'" 1 
ATOM   493 O "O3'" . DG  B 1 12 ? -7.212  8.963   4.396   1.00 12.65 ? 2012 DG  B "O3'" 1 
ATOM   494 C "C2'" . DG  B 1 12 ? -6.256  6.944   5.379   1.00 11.37 ? 2012 DG  B "C2'" 1 
ATOM   495 C "C1'" . DG  B 1 12 ? -5.581  6.474   4.083   1.00 10.19 ? 2012 DG  B "C1'" 1 
ATOM   496 N N9    . DG  B 1 12 ? -5.065  5.115   4.086   1.00 12.00 ? 2012 DG  B N9    1 
ATOM   497 C C8    . DG  B 1 12 ? -4.374  4.491   5.095   1.00 11.60 ? 2012 DG  B C8    1 
ATOM   498 N N7    . DG  B 1 12 ? -4.046  3.260   4.782   1.00 12.60 ? 2012 DG  B N7    1 
ATOM   499 C C5    . DG  B 1 12 ? -4.558  3.082   3.500   1.00 11.03 ? 2012 DG  B C5    1 
ATOM   500 C C6    . DG  B 1 12 ? -4.515  1.949   2.646   1.00 8.93  ? 2012 DG  B C6    1 
ATOM   501 O O6    . DG  B 1 12 ? -4.001  0.841   2.853   1.00 15.79 ? 2012 DG  B O6    1 
ATOM   502 N N1    . DG  B 1 12 ? -5.155  2.211   1.447   1.00 8.11  ? 2012 DG  B N1    1 
ATOM   503 C C2    . DG  B 1 12 ? -5.758  3.384   1.094   1.00 17.89 ? 2012 DG  B C2    1 
ATOM   504 N N2    . DG  B 1 12 ? -6.326  3.427   -0.125  1.00 21.39 ? 2012 DG  B N2    1 
ATOM   505 N N3    . DG  B 1 12 ? -5.810  4.447   1.873   1.00 8.80  ? 2012 DG  B N3    1 
ATOM   506 C C4    . DG  B 1 12 ? -5.190  4.214   3.052   1.00 12.74 ? 2012 DG  B C4    1 
HETATM 507 C C     . PYN C 2 .  ? -4.977  -1.912  7.410   1.00 13.39 ? 8001 PYN A C     1 
HETATM 508 C C1    . PYN C 2 .  ? -5.434  -2.098  6.020   1.00 13.72 ? 8001 PYN A C1    1 
HETATM 509 C C2    . PYN C 2 .  ? -5.122  -0.678  8.004   1.00 16.60 ? 8001 PYN A C2    1 
HETATM 510 C C3    . PYN C 2 .  ? -5.715  0.343   7.282   1.00 14.09 ? 8001 PYN A C3    1 
HETATM 511 C C4    . PYN C 2 .  ? -6.102  0.092   5.890   1.00 12.89 ? 8001 PYN A C4    1 
HETATM 512 C C5    . PYN C 2 .  ? -6.766  1.135   5.202   1.00 9.76  ? 8001 PYN A C5    1 
HETATM 513 C C6    . PYN C 2 .  ? -7.015  2.351   5.802   1.00 9.69  ? 8001 PYN A C6    1 
HETATM 514 C C7    . PYN C 2 .  ? -6.508  2.620   7.123   1.00 15.04 ? 8001 PYN A C7    1 
HETATM 515 C C8    . PYN C 2 .  ? -5.883  1.618   7.820   1.00 13.64 ? 8001 PYN A C8    1 
HETATM 516 C C9    . PYN C 2 .  ? -4.393  -2.982  8.074   1.00 6.79  ? 8001 PYN A C9    1 
HETATM 517 C C10   . PYN C 2 .  ? -4.218  -4.198  7.444   1.00 10.63 ? 8001 PYN A C10   1 
HETATM 518 C C11   . PYN C 2 .  ? -4.811  -4.448  6.160   1.00 16.77 ? 8001 PYN A C11   1 
HETATM 519 C C12   . PYN C 2 .  ? -5.357  -3.399  5.440   1.00 11.68 ? 8001 PYN A C12   1 
HETATM 520 N N     . PYN C 2 .  ? -5.914  -1.083  5.300   1.00 9.04  ? 8001 PYN A N     1 
HETATM 521 N N13   . PYN C 2 .  ? -7.783  3.394   5.192   1.00 12.21 ? 8001 PYN A N13   1 
HETATM 522 C C14   . PYN C 2 .  ? -8.260  3.363   3.898   1.00 19.87 ? 8001 PYN A C14   1 
HETATM 523 C C15   . PYN C 2 .  ? -9.041  4.640   3.530   1.00 14.44 ? 8001 PYN A C15   1 
HETATM 524 C C16   . PYN C 2 .  ? -9.639  4.485   2.157   1.00 16.31 ? 8001 PYN A C16   1 
HETATM 525 O O14   . PYN C 2 .  ? -8.096  2.443   3.117   1.00 14.22 ? 8001 PYN A O14   1 
HETATM 526 N N1    . PYN C 2 .  ? -4.822  -5.801  5.657   1.00 14.77 ? 8001 PYN A N1    1 
HETATM 527 C C17   . PYN C 2 .  ? -5.343  -6.279  4.478   1.00 19.63 ? 8001 PYN A C17   1 
HETATM 528 C C18   . PYN C 2 .  ? -5.881  -7.720  4.525   1.00 28.14 ? 8001 PYN A C18   1 
HETATM 529 C C19   . PYN C 2 .  ? -6.000  -8.232  3.083   1.00 19.17 ? 8001 PYN A C19   1 
HETATM 530 O O1    . PYN C 2 .  ? -5.402  -5.630  3.458   1.00 18.80 ? 8001 PYN A O1    1 
HETATM 531 C C21   . PYN C 2 .  ? -9.495  7.072   1.983   1.00 19.31 ? 8001 PYN A C21   1 
HETATM 532 N N22   . PYN C 2 .  ? -9.771  5.693   1.339   1.00 33.96 ? 8001 PYN A N22   1 
HETATM 533 C C23   . PYN C 2 .  ? -11.175 5.825   0.641   1.00 20.31 ? 8001 PYN A C23   1 
HETATM 534 C C24   . PYN C 2 .  ? -10.299 8.055   1.124   1.00 17.91 ? 8001 PYN A C24   1 
HETATM 535 C C25   . PYN C 2 .  ? -11.189 7.297   0.183   1.00 19.01 ? 8001 PYN A C25   1 
HETATM 536 C C26   . PYN C 2 .  ? -6.879  -10.191 1.790   1.00 24.75 ? 8001 PYN A C26   1 
HETATM 537 N N27   . PYN C 2 .  ? -6.058  -9.738  3.047   1.00 25.65 ? 8001 PYN A N27   1 
HETATM 538 C C28   . PYN C 2 .  ? -6.885  -10.274 4.279   1.00 30.55 ? 8001 PYN A C28   1 
HETATM 539 C C29   . PYN C 2 .  ? -7.678  -11.403 2.293   1.00 20.78 ? 8001 PYN A C29   1 
HETATM 540 C C30   . PYN C 2 .  ? -7.171  -11.739 3.692   1.00 36.07 ? 8001 PYN A C30   1 
HETATM 541 K K     . K   D 3 .  ? 3.410   0.441   -1.500  1.00 10.89 ? 6014 K   A K     1 
HETATM 542 K K     . K   E 3 .  ? 0.369   -0.084  -0.202  1.00 11.88 ? 6015 K   A K     1 
HETATM 543 K K     . K   F 3 .  ? -2.743  -0.828  1.228   1.00 10.84 ? 6016 K   A K     1 
HETATM 544 K K     . K   G 3 .  ? 6.464   1.140   -2.975  1.00 12.04 ? 6013 K   B K     1 
HETATM 545 O O     . HOH H 4 .  ? -9.457  3.298   8.782   1.00 13.66 ? 9004 HOH A O     1 
HETATM 546 O O     . HOH H 4 .  ? -3.146  0.264   -8.219  1.00 17.41 ? 9005 HOH A O     1 
HETATM 547 O O     . HOH H 4 .  ? -11.447 -3.512  3.521   1.00 20.23 ? 9007 HOH A O     1 
HETATM 548 O O     . HOH H 4 .  ? -5.753  1.455   -8.494  1.00 19.31 ? 9014 HOH A O     1 
HETATM 549 O O     . HOH H 4 .  ? 7.069   -2.741  5.214   1.00 15.36 ? 9017 HOH A O     1 
HETATM 550 O O     . HOH H 4 .  ? -0.636  -10.946 14.412  1.00 16.84 ? 9018 HOH A O     1 
HETATM 551 O O     . HOH H 4 .  ? -3.130  -2.423  -7.290  1.00 11.04 ? 9021 HOH A O     1 
HETATM 552 O O     . HOH H 4 .  ? -0.698  -12.235 12.161  1.00 21.32 ? 9022 HOH A O     1 
HETATM 553 O O     . HOH H 4 .  ? 3.833   9.784   2.755   1.00 19.78 ? 9024 HOH A O     1 
HETATM 554 O O     . HOH H 4 .  ? 2.093   -8.344  1.708   1.00 16.37 ? 9025 HOH A O     1 
HETATM 555 O O     . HOH H 4 .  ? -12.534 2.235   1.086   1.00 13.16 ? 9026 HOH A O     1 
HETATM 556 O O     . HOH H 4 .  ? -12.612 -7.176  1.549   1.00 26.05 ? 9028 HOH A O     1 
HETATM 557 O O     . HOH H 4 .  ? 4.725   -5.248  -8.075  1.00 17.11 ? 9029 HOH A O     1 
HETATM 558 O O     . HOH H 4 .  ? 3.930   -0.458  8.294   1.00 20.40 ? 9030 HOH A O     1 
HETATM 559 O O     . HOH H 4 .  ? -4.899  -7.722  -4.433  1.00 17.69 ? 9031 HOH A O     1 
HETATM 560 O O     . HOH H 4 .  ? -2.834  3.198   -7.145  1.00 18.29 ? 9032 HOH A O     1 
HETATM 561 O O     . HOH H 4 .  ? -2.627  3.139   8.963   1.00 21.54 ? 9033 HOH A O     1 
HETATM 562 O O     . HOH H 4 .  ? -10.397 -13.808 2.059   1.00 28.23 ? 9034 HOH A O     1 
HETATM 563 O O     . HOH H 4 .  ? -8.009  9.737   -6.068  1.00 33.05 ? 9035 HOH A O     1 
HETATM 564 O O     . HOH H 4 .  ? -10.619 8.170   -8.848  1.00 36.75 ? 9036 HOH A O     1 
HETATM 565 O O     . HOH H 4 .  ? -10.385 -9.129  -2.326  1.00 34.63 ? 9038 HOH A O     1 
HETATM 566 O O     . HOH H 4 .  ? -0.379  9.069   1.059   1.00 13.44 ? 9040 HOH A O     1 
HETATM 567 O O     . HOH H 4 .  ? -4.271  12.457  -3.930  1.00 33.90 ? 9044 HOH A O     1 
HETATM 568 O O     . HOH H 4 .  ? 1.300   -7.105  5.072   1.00 22.58 ? 9045 HOH A O     1 
HETATM 569 O O     . HOH H 4 .  ? -12.536 -2.335  1.131   1.00 29.07 ? 9047 HOH A O     1 
HETATM 570 O O     . HOH H 4 .  ? 1.474   -4.655  14.944  1.00 21.99 ? 9049 HOH A O     1 
HETATM 571 O O     . HOH H 4 .  ? 5.964   -0.787  11.649  1.00 35.58 ? 9050 HOH A O     1 
HETATM 572 O O     . HOH H 4 .  ? -12.542 3.481   3.383   1.00 17.59 ? 9051 HOH A O     1 
HETATM 573 O O     . HOH H 4 .  ? 10.016  -5.328  1.508   1.00 17.89 ? 9052 HOH A O     1 
HETATM 574 O O     . HOH H 4 .  ? 1.065   -14.051 11.255  1.00 27.97 ? 9055 HOH A O     1 
HETATM 575 O O     . HOH H 4 .  ? -7.516  1.387   -10.607 1.00 20.71 ? 9056 HOH A O     1 
HETATM 576 O O     . HOH H 4 .  ? 5.798   7.900   2.247   1.00 18.91 ? 9060 HOH A O     1 
HETATM 577 O O     . HOH H 4 .  ? 2.315   -3.211  16.516  1.00 25.77 ? 9061 HOH A O     1 
HETATM 578 O O     . HOH H 4 .  ? -2.172  -7.508  9.326   1.00 36.20 ? 9065 HOH A O     1 
HETATM 579 O O     . HOH H 4 .  ? -11.452 -2.599  -10.250 1.00 31.67 ? 9068 HOH A O     1 
HETATM 580 O O     . HOH H 4 .  ? 4.199   -9.123  -2.248  1.00 41.48 ? 9072 HOH A O     1 
HETATM 581 O O     . HOH H 4 .  ? -7.658  4.220   -10.140 1.00 44.68 ? 9073 HOH A O     1 
HETATM 582 O O     . HOH H 4 .  ? -12.726 5.103   -4.887  1.00 38.23 ? 9074 HOH A O     1 
HETATM 583 O O     . HOH H 4 .  ? -1.188  3.436   11.440  1.00 29.71 ? 9075 HOH A O     1 
HETATM 584 O O     . HOH H 4 .  ? -11.953 -15.841 2.202   1.00 31.33 ? 9076 HOH A O     1 
HETATM 585 O O     . HOH H 4 .  ? 5.179   -7.097  -4.550  1.00 27.93 ? 9080 HOH A O     1 
HETATM 586 O O     . HOH H 4 .  ? 8.242   -11.057 6.179   1.00 49.14 ? 9081 HOH A O     1 
HETATM 587 O O     . HOH H 4 .  ? -5.017  3.859   -9.454  1.00 22.02 ? 9084 HOH A O     1 
HETATM 588 O O     . HOH H 4 .  ? -7.482  3.309   10.496  1.00 32.13 ? 9087 HOH A O     1 
HETATM 589 O O     . HOH H 4 .  ? -14.016 -0.428  0.658   1.00 26.01 ? 9088 HOH A O     1 
HETATM 590 O O     . HOH H 4 .  ? -11.797 -12.250 3.006   1.00 25.93 ? 9093 HOH A O     1 
HETATM 591 O O     . HOH H 4 .  ? -10.395 3.305   -2.414  1.00 31.96 ? 9099 HOH A O     1 
HETATM 592 O O     . HOH H 4 .  ? 6.532   -9.015  -6.005  1.00 42.85 ? 9101 HOH A O     1 
HETATM 593 O O     . HOH H 4 .  ? 5.417   -3.236  14.228  1.00 45.30 ? 9105 HOH A O     1 
HETATM 594 O O     . HOH H 4 .  ? -13.900 -17.157 2.903   1.00 41.19 ? 9107 HOH A O     1 
HETATM 595 O O     . HOH H 4 .  ? -4.210  12.803  -0.678  1.00 45.93 ? 9111 HOH A O     1 
HETATM 596 O O     . HOH H 4 .  ? -0.254  -6.498  10.468  1.00 41.96 ? 9114 HOH A O     1 
HETATM 597 O O     . HOH H 4 .  ? 0.287   -7.440  7.844   1.00 51.13 ? 9115 HOH A O     1 
HETATM 598 O O     . HOH H 4 .  ? -13.319 -0.431  -3.539  1.00 27.79 ? 9116 HOH A O     1 
HETATM 599 O O     . HOH H 4 .  ? -13.257 -7.459  4.865   1.00 50.35 ? 9117 HOH A O     1 
HETATM 600 O O     . HOH H 4 .  ? 10.532  -7.467  4.984   1.00 36.61 ? 9119 HOH A O     1 
HETATM 601 O O     . HOH H 4 .  ? -10.996 -4.145  11.170  1.00 44.54 ? 9120 HOH A O     1 
HETATM 602 O O     . HOH H 4 .  ? -7.302  8.256   -1.404  1.00 40.92 ? 9121 HOH A O     1 
HETATM 603 O O     . HOH H 4 .  ? -13.935 -13.527 3.148   1.00 35.29 ? 9123 HOH A O     1 
HETATM 604 O O     . HOH H 4 .  ? -12.632 3.753   -2.675  1.00 35.87 ? 9124 HOH A O     1 
HETATM 605 O O     . HOH H 4 .  ? -5.226  0.692   -12.119 1.00 47.89 ? 9127 HOH A O     1 
HETATM 606 O O     . HOH H 4 .  ? -12.268 4.252   -8.602  1.00 41.05 ? 9131 HOH A O     1 
HETATM 607 O O     . HOH H 4 .  ? -10.326 -12.253 5.190   1.00 39.33 ? 9136 HOH A O     1 
HETATM 608 O O     . HOH H 4 .  ? -9.996  -9.348  6.185   1.00 28.83 ? 9141 HOH A O     1 
HETATM 609 O O     . HOH H 4 .  ? -8.705  -9.885  8.366   1.00 40.24 ? 9142 HOH A O     1 
HETATM 610 O O     . HOH H 4 .  ? -12.145 1.749   -10.275 1.00 35.61 ? 9145 HOH A O     1 
HETATM 611 O O     . HOH H 4 .  ? -13.966 2.224   -8.149  1.00 36.61 ? 9147 HOH A O     1 
HETATM 612 O O     . HOH H 4 .  ? -7.488  0.639   10.824  1.00 27.46 ? 9148 HOH A O     1 
HETATM 613 O O     . HOH H 4 .  ? -6.247  10.111  1.070   1.00 33.83 ? 9157 HOH A O     1 
HETATM 614 O O     . HOH H 4 .  ? 2.721   -8.738  5.623   1.00 40.99 ? 9160 HOH A O     1 
HETATM 615 O O     . HOH H 4 .  ? -12.108 -5.661  7.536   1.00 44.98 ? 9161 HOH A O     1 
HETATM 616 O O     . HOH H 4 .  ? 9.130   -8.635  6.916   1.00 34.76 ? 9172 HOH A O     1 
HETATM 617 O O     . HOH H 4 .  ? -0.430  -1.047  14.665  1.00 55.95 ? 9174 HOH A O     1 
HETATM 618 O O     . HOH H 4 .  ? -13.248 -3.954  9.689   1.00 39.55 ? 9190 HOH A O     1 
HETATM 619 O O     . HOH H 4 .  ? -1.778  0.342   -10.159 1.00 33.95 ? 9192 HOH A O     1 
HETATM 620 O O     . HOH H 4 .  ? -3.193  2.259   13.658  1.00 42.60 ? 9199 HOH A O     1 
HETATM 621 O O     . HOH H 4 .  ? -3.131  4.196   -11.293 1.00 46.79 ? 9204 HOH A O     1 
HETATM 622 O O     . HOH H 4 .  ? -5.795  1.738   -15.011 1.00 70.57 ? 9216 HOH A O     1 
HETATM 623 O O     . HOH H 4 .  ? 1.717   -8.537  9.201   1.00 45.04 ? 9217 HOH A O     1 
HETATM 624 O O     . HOH I 4 .  ? 3.370   8.499   5.984   1.00 20.58 ? 9001 HOH B O     1 
HETATM 625 O O     . HOH I 4 .  ? 4.616   -3.639  -10.450 1.00 14.26 ? 9002 HOH B O     1 
HETATM 626 O O     . HOH I 4 .  ? -8.048  5.403   -1.215  1.00 18.64 ? 9003 HOH B O     1 
HETATM 627 O O     . HOH I 4 .  ? 8.325   -1.178  -3.643  1.00 14.60 ? 9006 HOH B O     1 
HETATM 628 O O     . HOH I 4 .  ? 1.635   7.938   2.766   1.00 12.27 ? 9008 HOH B O     1 
HETATM 629 O O     . HOH I 4 .  ? 0.476   11.106  6.083   1.00 28.64 ? 9009 HOH B O     1 
HETATM 630 O O     . HOH I 4 .  ? 1.844   -8.939  -0.873  1.00 14.37 ? 9010 HOH B O     1 
HETATM 631 O O     . HOH I 4 .  ? 9.509   -3.424  -4.687  1.00 17.81 ? 9011 HOH B O     1 
HETATM 632 O O     . HOH I 4 .  ? 1.363   7.837   -6.758  1.00 16.98 ? 9013 HOH B O     1 
HETATM 633 O O     . HOH I 4 .  ? 11.977  4.708   -10.115 1.00 15.48 ? 9015 HOH B O     1 
HETATM 634 O O     . HOH I 4 .  ? 9.645   -3.366  3.535   1.00 10.98 ? 9016 HOH B O     1 
HETATM 635 O O     . HOH I 4 .  ? 9.308   3.085   -12.914 1.00 19.52 ? 9019 HOH B O     1 
HETATM 636 O O     . HOH I 4 .  ? -4.281  5.581   8.383   1.00 15.84 ? 9020 HOH B O     1 
HETATM 637 O O     . HOH I 4 .  ? 4.531   6.590   4.304   1.00 17.53 ? 9023 HOH B O     1 
HETATM 638 O O     . HOH I 4 .  ? 6.309   -3.786  -12.739 1.00 22.08 ? 9027 HOH B O     1 
HETATM 639 O O     . HOH I 4 .  ? 2.307   10.036  -5.701  1.00 23.93 ? 9037 HOH B O     1 
HETATM 640 O O     . HOH I 4 .  ? 3.132   6.041   -7.893  1.00 20.93 ? 9039 HOH B O     1 
HETATM 641 O O     . HOH I 4 .  ? -3.595  -5.608  -5.753  1.00 16.00 ? 9041 HOH B O     1 
HETATM 642 O O     . HOH I 4 .  ? 6.130   8.664   -10.671 1.00 23.05 ? 9042 HOH B O     1 
HETATM 643 O O     . HOH I 4 .  ? 13.911  8.845   -5.025  1.00 32.29 ? 9043 HOH B O     1 
HETATM 644 O O     . HOH I 4 .  ? 4.874   11.420  -5.457  1.00 31.90 ? 9046 HOH B O     1 
HETATM 645 O O     . HOH I 4 .  ? 11.239  -2.217  -0.707  1.00 37.54 ? 9048 HOH B O     1 
HETATM 646 O O     . HOH I 4 .  ? 13.633  6.557   -9.448  1.00 20.64 ? 9053 HOH B O     1 
HETATM 647 O O     . HOH I 4 .  ? 0.315   1.961   8.382   1.00 21.98 ? 9054 HOH B O     1 
HETATM 648 O O     . HOH I 4 .  ? 3.142   -6.708  -5.938  1.00 19.06 ? 9057 HOH B O     1 
HETATM 649 O O     . HOH I 4 .  ? -7.303  6.268   8.830   1.00 24.74 ? 9059 HOH B O     1 
HETATM 650 O O     . HOH I 4 .  ? -9.339  8.951   5.862   1.00 20.73 ? 9063 HOH B O     1 
HETATM 651 O O     . HOH I 4 .  ? -2.555  7.779   11.365  1.00 26.48 ? 9064 HOH B O     1 
HETATM 652 O O     . HOH I 4 .  ? -1.196  -11.828 -8.817  1.00 27.00 ? 9066 HOH B O     1 
HETATM 653 O O     . HOH I 4 .  ? 1.689   2.932   10.710  1.00 31.36 ? 9067 HOH B O     1 
HETATM 654 O O     . HOH I 4 .  ? 11.433  9.672   -7.977  1.00 44.29 ? 9069 HOH B O     1 
HETATM 655 O O     . HOH I 4 .  ? 6.965   10.728  -4.141  1.00 19.70 ? 9070 HOH B O     1 
HETATM 656 O O     . HOH I 4 .  ? 7.902   0.874   -12.135 1.00 20.03 ? 9071 HOH B O     1 
HETATM 657 O O     . HOH I 4 .  ? 10.171  9.389   -9.994  1.00 48.52 ? 9077 HOH B O     1 
HETATM 658 O O     . HOH I 4 .  ? -3.011  9.259   1.553   1.00 34.14 ? 9079 HOH B O     1 
HETATM 659 O O     . HOH I 4 .  ? 15.025  6.568   -6.685  1.00 30.40 ? 9082 HOH B O     1 
HETATM 660 O O     . HOH I 4 .  ? -2.627  -1.517  -11.540 1.00 28.33 ? 9083 HOH B O     1 
HETATM 661 O O     . HOH I 4 .  ? 1.444   13.353  3.904   1.00 59.75 ? 9086 HOH B O     1 
HETATM 662 O O     . HOH I 4 .  ? 1.657   4.803   -13.287 1.00 44.88 ? 9092 HOH B O     1 
HETATM 663 O O     . HOH I 4 .  ? 4.190   13.779  -3.911  1.00 38.79 ? 9095 HOH B O     1 
HETATM 664 O O     . HOH I 4 .  ? 8.334   10.783  -7.006  1.00 36.71 ? 9096 HOH B O     1 
HETATM 665 O O     . HOH I 4 .  ? -4.928  6.807   0.475   1.00 27.43 ? 9097 HOH B O     1 
HETATM 666 O O     . HOH I 4 .  ? 8.180   12.447  -2.037  1.00 25.74 ? 9098 HOH B O     1 
HETATM 667 O O     . HOH I 4 .  ? 1.416   -3.371  -15.825 1.00 36.33 ? 9100 HOH B O     1 
HETATM 668 O O     . HOH I 4 .  ? -2.076  -4.322  -13.450 1.00 27.86 ? 9102 HOH B O     1 
HETATM 669 O O     . HOH I 4 .  ? -7.857  9.490   8.861   1.00 29.41 ? 9104 HOH B O     1 
HETATM 670 O O     . HOH I 4 .  ? 12.371  0.104   8.819   1.00 33.66 ? 9106 HOH B O     1 
HETATM 671 O O     . HOH I 4 .  ? 6.080   10.715  -8.659  1.00 30.01 ? 9109 HOH B O     1 
HETATM 672 O O     . HOH I 4 .  ? 6.399   6.893   5.925   1.00 34.53 ? 9112 HOH B O     1 
HETATM 673 O O     . HOH I 4 .  ? 8.416   13.525  -7.083  1.00 32.09 ? 9125 HOH B O     1 
HETATM 674 O O     . HOH I 4 .  ? 6.346   2.101   -16.358 1.00 31.45 ? 9128 HOH B O     1 
HETATM 675 O O     . HOH I 4 .  ? -5.447  8.227   9.451   1.00 62.23 ? 9133 HOH B O     1 
HETATM 676 O O     . HOH I 4 .  ? 0.275   -6.743  -17.146 1.00 49.95 ? 9134 HOH B O     1 
HETATM 677 O O     . HOH I 4 .  ? 16.001  9.661   -8.597  1.00 45.98 ? 9135 HOH B O     1 
HETATM 678 O O     . HOH I 4 .  ? -7.655  7.144   11.344  1.00 37.29 ? 9139 HOH B O     1 
HETATM 679 O O     . HOH I 4 .  ? 0.538   -15.419 -2.092  1.00 32.72 ? 9140 HOH B O     1 
HETATM 680 O O     . HOH I 4 .  ? -2.802  11.762  2.762   1.00 35.52 ? 9143 HOH B O     1 
HETATM 681 O O     . HOH I 4 .  ? 4.723   1.128   -17.954 1.00 50.00 ? 9146 HOH B O     1 
HETATM 682 O O     . HOH I 4 .  ? 14.523  0.258   6.124   1.00 61.44 ? 9159 HOH B O     1 
HETATM 683 O O     . HOH I 4 .  ? 2.348   -4.436  -17.567 1.00 43.78 ? 9173 HOH B O     1 
HETATM 684 O O     . HOH I 4 .  ? -2.779  12.087  9.782   1.00 34.44 ? 9178 HOH B O     1 
HETATM 685 O O     . HOH I 4 .  ? 14.103  8.545   -7.922  1.00 50.15 ? 9184 HOH B O     1 
HETATM 686 O O     . HOH I 4 .  ? 13.362  -4.505  2.457   1.00 34.35 ? 9186 HOH B O     1 
HETATM 687 O O     . HOH I 4 .  ? -1.387  6.148   12.489  1.00 36.29 ? 9188 HOH B O     1 
HETATM 688 O O     . HOH I 4 .  ? 10.943  12.222  -3.285  1.00 36.11 ? 9213 HOH B O     1 
HETATM 689 O O     . HOH I 4 .  ? 4.027   -2.359  -15.563 1.00 50.51 ? 9214 HOH B O     1 
HETATM 690 O O     . HOH I 4 .  ? 9.034   1.089   -2.247  1.00 31.45 ? 9218 HOH B O     1 
# 
loop_
_pdbx_poly_seq_scheme.asym_id 
_pdbx_poly_seq_scheme.entity_id 
_pdbx_poly_seq_scheme.seq_id 
_pdbx_poly_seq_scheme.mon_id 
_pdbx_poly_seq_scheme.ndb_seq_num 
_pdbx_poly_seq_scheme.pdb_seq_num 
_pdbx_poly_seq_scheme.auth_seq_num 
_pdbx_poly_seq_scheme.pdb_mon_id 
_pdbx_poly_seq_scheme.auth_mon_id 
_pdbx_poly_seq_scheme.pdb_strand_id 
_pdbx_poly_seq_scheme.pdb_ins_code 
_pdbx_poly_seq_scheme.hetero 
A 1 1  DG 1  1001 1001 DG G A . n 
A 1 2  DG 2  1002 1002 DG G A . n 
A 1 3  DG 3  1003 1003 DG G A . n 
A 1 4  DG 4  1004 1004 DG G A . n 
A 1 5  DT 5  1005 1005 DT T A . n 
A 1 6  DT 6  1006 1006 DT T A . n 
A 1 7  DT 7  1007 1007 DT T A . n 
A 1 8  DT 8  1008 1008 DT T A . n 
A 1 9  DG 9  1009 1009 DG G A . n 
A 1 10 DG 10 1010 1010 DG G A . n 
A 1 11 DG 11 1011 1011 DG G A . n 
A 1 12 DG 12 1012 1012 DG G A . n 
B 1 1  DG 1  2001 2001 DG G B . n 
B 1 2  DG 2  2002 2002 DG G B . n 
B 1 3  DG 3  2003 2003 DG G B . n 
B 1 4  DG 4  2004 2004 DG G B . n 
B 1 5  DT 5  2005 2005 DT T B . n 
B 1 6  DT 6  2006 2006 DT T B . n 
B 1 7  DT 7  2007 2007 DT T B . n 
B 1 8  DT 8  2008 2008 DT T B . n 
B 1 9  DG 9  2009 2009 DG G B . n 
B 1 10 DG 10 2010 2010 DG G B . n 
B 1 11 DG 11 2011 2011 DG G B . n 
B 1 12 DG 12 2012 2012 DG G B . n 
# 
loop_
_pdbx_nonpoly_scheme.asym_id 
_pdbx_nonpoly_scheme.entity_id 
_pdbx_nonpoly_scheme.mon_id 
_pdbx_nonpoly_scheme.ndb_seq_num 
_pdbx_nonpoly_scheme.pdb_seq_num 
_pdbx_nonpoly_scheme.auth_seq_num 
_pdbx_nonpoly_scheme.pdb_mon_id 
_pdbx_nonpoly_scheme.auth_mon_id 
_pdbx_nonpoly_scheme.pdb_strand_id 
_pdbx_nonpoly_scheme.pdb_ins_code 
C 2 PYN 1  8001 8001 PYN X   A . 
D 3 K   1  6014 6014 K   K   A . 
E 3 K   1  6015 6015 K   K   A . 
F 3 K   1  6016 6016 K   K   A . 
G 3 K   1  6013 6013 K   K   B . 
H 4 HOH 1  9004 9004 HOH HOH A . 
H 4 HOH 2  9005 9005 HOH HOH A . 
H 4 HOH 3  9007 9007 HOH HOH A . 
H 4 HOH 4  9014 9014 HOH HOH A . 
H 4 HOH 5  9017 9017 HOH HOH A . 
H 4 HOH 6  9018 9018 HOH HOH A . 
H 4 HOH 7  9021 9021 HOH HOH A . 
H 4 HOH 8  9022 9022 HOH HOH A . 
H 4 HOH 9  9024 9024 HOH HOH A . 
H 4 HOH 10 9025 9025 HOH HOH A . 
H 4 HOH 11 9026 9026 HOH HOH A . 
H 4 HOH 12 9028 9028 HOH HOH A . 
H 4 HOH 13 9029 9029 HOH HOH A . 
H 4 HOH 14 9030 9030 HOH HOH A . 
H 4 HOH 15 9031 9031 HOH HOH A . 
H 4 HOH 16 9032 9032 HOH HOH A . 
H 4 HOH 17 9033 9033 HOH HOH A . 
H 4 HOH 18 9034 9034 HOH HOH A . 
H 4 HOH 19 9035 9035 HOH HOH A . 
H 4 HOH 20 9036 9036 HOH HOH A . 
H 4 HOH 21 9038 9038 HOH HOH A . 
H 4 HOH 22 9040 9040 HOH HOH A . 
H 4 HOH 23 9044 9044 HOH HOH A . 
H 4 HOH 24 9045 9045 HOH HOH A . 
H 4 HOH 25 9047 9047 HOH HOH A . 
H 4 HOH 26 9049 9049 HOH HOH A . 
H 4 HOH 27 9050 9050 HOH HOH A . 
H 4 HOH 28 9051 9051 HOH HOH A . 
H 4 HOH 29 9052 9052 HOH HOH A . 
H 4 HOH 30 9055 9055 HOH HOH A . 
H 4 HOH 31 9056 9056 HOH HOH A . 
H 4 HOH 32 9060 9060 HOH HOH A . 
H 4 HOH 33 9061 9061 HOH HOH A . 
H 4 HOH 34 9065 9065 HOH HOH A . 
H 4 HOH 35 9068 9068 HOH HOH A . 
H 4 HOH 36 9072 9072 HOH HOH A . 
H 4 HOH 37 9073 9073 HOH HOH A . 
H 4 HOH 38 9074 9074 HOH HOH A . 
H 4 HOH 39 9075 9075 HOH HOH A . 
H 4 HOH 40 9076 9076 HOH HOH A . 
H 4 HOH 41 9080 9080 HOH HOH A . 
H 4 HOH 42 9081 9081 HOH HOH A . 
H 4 HOH 43 9084 9084 HOH HOH A . 
H 4 HOH 44 9087 9087 HOH HOH A . 
H 4 HOH 45 9088 9088 HOH HOH A . 
H 4 HOH 46 9093 9093 HOH HOH A . 
H 4 HOH 47 9099 9099 HOH HOH A . 
H 4 HOH 48 9101 9101 HOH HOH A . 
H 4 HOH 49 9105 9105 HOH HOH A . 
H 4 HOH 50 9107 9107 HOH HOH A . 
H 4 HOH 51 9111 9111 HOH HOH A . 
H 4 HOH 52 9114 9114 HOH HOH A . 
H 4 HOH 53 9115 9115 HOH HOH A . 
H 4 HOH 54 9116 9116 HOH HOH A . 
H 4 HOH 55 9117 9117 HOH HOH A . 
H 4 HOH 56 9119 9119 HOH HOH A . 
H 4 HOH 57 9120 9120 HOH HOH A . 
H 4 HOH 58 9121 9121 HOH HOH A . 
H 4 HOH 59 9123 9123 HOH HOH A . 
H 4 HOH 60 9124 9124 HOH HOH A . 
H 4 HOH 61 9127 9127 HOH HOH A . 
H 4 HOH 62 9131 9131 HOH HOH A . 
H 4 HOH 63 9136 9136 HOH HOH A . 
H 4 HOH 64 9141 9141 HOH HOH A . 
H 4 HOH 65 9142 9142 HOH HOH A . 
H 4 HOH 66 9145 9145 HOH HOH A . 
H 4 HOH 67 9147 9147 HOH HOH A . 
H 4 HOH 68 9148 9148 HOH HOH A . 
H 4 HOH 69 9157 9157 HOH HOH A . 
H 4 HOH 70 9160 9160 HOH HOH A . 
H 4 HOH 71 9161 9161 HOH HOH A . 
H 4 HOH 72 9172 9172 HOH HOH A . 
H 4 HOH 73 9174 9174 HOH HOH A . 
H 4 HOH 74 9190 9190 HOH HOH A . 
H 4 HOH 75 9192 9192 HOH HOH A . 
H 4 HOH 76 9199 9199 HOH HOH A . 
H 4 HOH 77 9204 9204 HOH HOH A . 
H 4 HOH 78 9216 9216 HOH HOH A . 
H 4 HOH 79 9217 9217 HOH HOH A . 
I 4 HOH 1  9001 9001 HOH HOH B . 
I 4 HOH 2  9002 9002 HOH HOH B . 
I 4 HOH 3  9003 9003 HOH HOH B . 
I 4 HOH 4  9006 9006 HOH HOH B . 
I 4 HOH 5  9008 9008 HOH HOH B . 
I 4 HOH 6  9009 9009 HOH HOH B . 
I 4 HOH 7  9010 9010 HOH HOH B . 
I 4 HOH 8  9011 9011 HOH HOH B . 
I 4 HOH 9  9013 9013 HOH HOH B . 
I 4 HOH 10 9015 9015 HOH HOH B . 
I 4 HOH 11 9016 9016 HOH HOH B . 
I 4 HOH 12 9019 9019 HOH HOH B . 
I 4 HOH 13 9020 9020 HOH HOH B . 
I 4 HOH 14 9023 9023 HOH HOH B . 
I 4 HOH 15 9027 9027 HOH HOH B . 
I 4 HOH 16 9037 9037 HOH HOH B . 
I 4 HOH 17 9039 9039 HOH HOH B . 
I 4 HOH 18 9041 9041 HOH HOH B . 
I 4 HOH 19 9042 9042 HOH HOH B . 
I 4 HOH 20 9043 9043 HOH HOH B . 
I 4 HOH 21 9046 9046 HOH HOH B . 
I 4 HOH 22 9048 9048 HOH HOH B . 
I 4 HOH 23 9053 9053 HOH HOH B . 
I 4 HOH 24 9054 9054 HOH HOH B . 
I 4 HOH 25 9057 9057 HOH HOH B . 
I 4 HOH 26 9059 9059 HOH HOH B . 
I 4 HOH 27 9063 9063 HOH HOH B . 
I 4 HOH 28 9064 9064 HOH HOH B . 
I 4 HOH 29 9066 9066 HOH HOH B . 
I 4 HOH 30 9067 9067 HOH HOH B . 
I 4 HOH 31 9069 9069 HOH HOH B . 
I 4 HOH 32 9070 9070 HOH HOH B . 
I 4 HOH 33 9071 9071 HOH HOH B . 
I 4 HOH 34 9077 9077 HOH HOH B . 
I 4 HOH 35 9079 9079 HOH HOH B . 
I 4 HOH 36 9082 9082 HOH HOH B . 
I 4 HOH 37 9083 9083 HOH HOH B . 
I 4 HOH 38 9086 9086 HOH HOH B . 
I 4 HOH 39 9092 9092 HOH HOH B . 
I 4 HOH 40 9095 9095 HOH HOH B . 
I 4 HOH 41 9096 9096 HOH HOH B . 
I 4 HOH 42 9097 9097 HOH HOH B . 
I 4 HOH 43 9098 9098 HOH HOH B . 
I 4 HOH 44 9100 9100 HOH HOH B . 
I 4 HOH 45 9102 9102 HOH HOH B . 
I 4 HOH 46 9104 9104 HOH HOH B . 
I 4 HOH 47 9106 9106 HOH HOH B . 
I 4 HOH 48 9109 9109 HOH HOH B . 
I 4 HOH 49 9112 9112 HOH HOH B . 
I 4 HOH 50 9125 9125 HOH HOH B . 
I 4 HOH 51 9128 9128 HOH HOH B . 
I 4 HOH 52 9133 9133 HOH HOH B . 
I 4 HOH 53 9134 9134 HOH HOH B . 
I 4 HOH 54 9135 9135 HOH HOH B . 
I 4 HOH 55 9139 9139 HOH HOH B . 
I 4 HOH 56 9140 9140 HOH HOH B . 
I 4 HOH 57 9143 9143 HOH HOH B . 
I 4 HOH 58 9146 9146 HOH HOH B . 
I 4 HOH 59 9159 9159 HOH HOH B . 
I 4 HOH 60 9173 9173 HOH HOH B . 
I 4 HOH 61 9178 9178 HOH HOH B . 
I 4 HOH 62 9184 9184 HOH HOH B . 
I 4 HOH 63 9186 9186 HOH HOH B . 
I 4 HOH 64 9188 9188 HOH HOH B . 
I 4 HOH 65 9213 9213 HOH HOH B . 
I 4 HOH 66 9214 9214 HOH HOH B . 
I 4 HOH 67 9218 9218 HOH HOH B . 
# 
_struct_site_keywords.site_id   1 
_struct_site_keywords.text      INTERCALATION 
# 
_pdbx_struct_assembly.id                   1 
_pdbx_struct_assembly.details              author_defined_assembly 
_pdbx_struct_assembly.method_details       ? 
_pdbx_struct_assembly.oligomeric_details   dimeric 
_pdbx_struct_assembly.oligomeric_count     2 
# 
_pdbx_struct_assembly_gen.assembly_id       1 
_pdbx_struct_assembly_gen.oper_expression   1 
_pdbx_struct_assembly_gen.asym_id_list      A,B,C,D,E,F,G,H,I 
# 
_pdbx_struct_oper_list.id                   1 
_pdbx_struct_oper_list.type                 'identity operation' 
_pdbx_struct_oper_list.name                 1_555 
_pdbx_struct_oper_list.symmetry_operation   x,y,z 
_pdbx_struct_oper_list.matrix[1][1]         1.0000000000 
_pdbx_struct_oper_list.matrix[1][2]         0.0000000000 
_pdbx_struct_oper_list.matrix[1][3]         0.0000000000 
_pdbx_struct_oper_list.vector[1]            0.0000000000 
_pdbx_struct_oper_list.matrix[2][1]         0.0000000000 
_pdbx_struct_oper_list.matrix[2][2]         1.0000000000 
_pdbx_struct_oper_list.matrix[2][3]         0.0000000000 
_pdbx_struct_oper_list.vector[2]            0.0000000000 
_pdbx_struct_oper_list.matrix[3][1]         0.0000000000 
_pdbx_struct_oper_list.matrix[3][2]         0.0000000000 
_pdbx_struct_oper_list.matrix[3][3]         1.0000000000 
_pdbx_struct_oper_list.vector[3]            0.0000000000 
# 
loop_
_pdbx_struct_conn_angle.id 
_pdbx_struct_conn_angle.ptnr1_label_atom_id 
_pdbx_struct_conn_angle.ptnr1_label_alt_id 
_pdbx_struct_conn_angle.ptnr1_label_asym_id 
_pdbx_struct_conn_angle.ptnr1_label_comp_id 
_pdbx_struct_conn_angle.ptnr1_label_seq_id 
_pdbx_struct_conn_angle.ptnr1_auth_atom_id 
_pdbx_struct_conn_angle.ptnr1_auth_asym_id 
_pdbx_struct_conn_angle.ptnr1_auth_comp_id 
_pdbx_struct_conn_angle.ptnr1_auth_seq_id 
_pdbx_struct_conn_angle.ptnr1_PDB_ins_code 
_pdbx_struct_conn_angle.ptnr1_symmetry 
_pdbx_struct_conn_angle.ptnr2_label_atom_id 
_pdbx_struct_conn_angle.ptnr2_label_alt_id 
_pdbx_struct_conn_angle.ptnr2_label_asym_id 
_pdbx_struct_conn_angle.ptnr2_label_comp_id 
_pdbx_struct_conn_angle.ptnr2_label_seq_id 
_pdbx_struct_conn_angle.ptnr2_auth_atom_id 
_pdbx_struct_conn_angle.ptnr2_auth_asym_id 
_pdbx_struct_conn_angle.ptnr2_auth_comp_id 
_pdbx_struct_conn_angle.ptnr2_auth_seq_id 
_pdbx_struct_conn_angle.ptnr2_PDB_ins_code 
_pdbx_struct_conn_angle.ptnr2_symmetry 
_pdbx_struct_conn_angle.ptnr3_label_atom_id 
_pdbx_struct_conn_angle.ptnr3_label_alt_id 
_pdbx_struct_conn_angle.ptnr3_label_asym_id 
_pdbx_struct_conn_angle.ptnr3_label_comp_id 
_pdbx_struct_conn_angle.ptnr3_label_seq_id 
_pdbx_struct_conn_angle.ptnr3_auth_atom_id 
_pdbx_struct_conn_angle.ptnr3_auth_asym_id 
_pdbx_struct_conn_angle.ptnr3_auth_comp_id 
_pdbx_struct_conn_angle.ptnr3_auth_seq_id 
_pdbx_struct_conn_angle.ptnr3_PDB_ins_code 
_pdbx_struct_conn_angle.ptnr3_symmetry 
_pdbx_struct_conn_angle.value 
_pdbx_struct_conn_angle.value_esd 
1   O6 ? A DG  1  ? A DG  1001 ? 1_555 K ? D K . ? A K 6014 ? 1_555 O6 ? A DG  2  ? A DG  1002 ? 1_555 68.6  ? 
2   O6 ? A DG  1  ? A DG  1001 ? 1_555 K ? D K . ? A K 6014 ? 1_555 O6 ? A DG  11 ? A DG  1011 ? 1_555 169.0 ? 
3   O6 ? A DG  2  ? A DG  1002 ? 1_555 K ? D K . ? A K 6014 ? 1_555 O6 ? A DG  11 ? A DG  1011 ? 1_555 106.8 ? 
4   O6 ? A DG  1  ? A DG  1001 ? 1_555 K ? D K . ? A K 6014 ? 1_555 O6 ? A DG  12 ? A DG  1012 ? 1_555 108.3 ? 
5   O6 ? A DG  2  ? A DG  1002 ? 1_555 K ? D K . ? A K 6014 ? 1_555 O6 ? A DG  12 ? A DG  1012 ? 1_555 172.3 ? 
6   O6 ? A DG  11 ? A DG  1011 ? 1_555 K ? D K . ? A K 6014 ? 1_555 O6 ? A DG  12 ? A DG  1012 ? 1_555 77.5  ? 
7   O6 ? A DG  1  ? A DG  1001 ? 1_555 K ? D K . ? A K 6014 ? 1_555 K  ? E K   .  ? A K   6015 ? 1_555 120.4 ? 
8   O6 ? A DG  2  ? A DG  1002 ? 1_555 K ? D K . ? A K 6014 ? 1_555 K  ? E K   .  ? A K   6015 ? 1_555 52.6  ? 
9   O6 ? A DG  11 ? A DG  1011 ? 1_555 K ? D K . ? A K 6014 ? 1_555 K  ? E K   .  ? A K   6015 ? 1_555 54.2  ? 
10  O6 ? A DG  12 ? A DG  1012 ? 1_555 K ? D K . ? A K 6014 ? 1_555 K  ? E K   .  ? A K   6015 ? 1_555 131.3 ? 
11  O6 ? A DG  1  ? A DG  1001 ? 1_555 K ? D K . ? A K 6014 ? 1_555 O6 ? B DG  3  ? B DG  2003 ? 1_555 99.2  ? 
12  O6 ? A DG  2  ? A DG  1002 ? 1_555 K ? D K . ? A K 6014 ? 1_555 O6 ? B DG  3  ? B DG  2003 ? 1_555 68.9  ? 
13  O6 ? A DG  11 ? A DG  1011 ? 1_555 K ? D K . ? A K 6014 ? 1_555 O6 ? B DG  3  ? B DG  2003 ? 1_555 69.8  ? 
14  O6 ? A DG  12 ? A DG  1012 ? 1_555 K ? D K . ? A K 6014 ? 1_555 O6 ? B DG  3  ? B DG  2003 ? 1_555 118.8 ? 
15  K  ? E K   .  ? A K   6015 ? 1_555 K ? D K . ? A K 6014 ? 1_555 O6 ? B DG  3  ? B DG  2003 ? 1_555 53.8  ? 
16  O6 ? A DG  1  ? A DG  1001 ? 1_555 K ? D K . ? A K 6014 ? 1_555 O6 ? B DG  4  ? B DG  2004 ? 1_555 69.4  ? 
17  O6 ? A DG  2  ? A DG  1002 ? 1_555 K ? D K . ? A K 6014 ? 1_555 O6 ? B DG  4  ? B DG  2004 ? 1_555 115.2 ? 
18  O6 ? A DG  11 ? A DG  1011 ? 1_555 K ? D K . ? A K 6014 ? 1_555 O6 ? B DG  4  ? B DG  2004 ? 1_555 105.2 ? 
19  O6 ? A DG  12 ? A DG  1012 ? 1_555 K ? D K . ? A K 6014 ? 1_555 O6 ? B DG  4  ? B DG  2004 ? 1_555 68.9  ? 
20  K  ? E K   .  ? A K   6015 ? 1_555 K ? D K . ? A K 6014 ? 1_555 O6 ? B DG  4  ? B DG  2004 ? 1_555 125.4 ? 
21  O6 ? B DG  3  ? B DG  2003 ? 1_555 K ? D K . ? A K 6014 ? 1_555 O6 ? B DG  4  ? B DG  2004 ? 1_555 71.8  ? 
22  O6 ? A DG  1  ? A DG  1001 ? 1_555 K ? D K . ? A K 6014 ? 1_555 O6 ? B DG  9  ? B DG  2009 ? 1_555 69.6  ? 
23  O6 ? A DG  2  ? A DG  1002 ? 1_555 K ? D K . ? A K 6014 ? 1_555 O6 ? B DG  9  ? B DG  2009 ? 1_555 103.4 ? 
24  O6 ? A DG  11 ? A DG  1011 ? 1_555 K ? D K . ? A K 6014 ? 1_555 O6 ? B DG  9  ? B DG  2009 ? 1_555 121.4 ? 
25  O6 ? A DG  12 ? A DG  1012 ? 1_555 K ? D K . ? A K 6014 ? 1_555 O6 ? B DG  9  ? B DG  2009 ? 1_555 68.9  ? 
26  K  ? E K   .  ? A K   6015 ? 1_555 K ? D K . ? A K 6014 ? 1_555 O6 ? B DG  9  ? B DG  2009 ? 1_555 128.9 ? 
27  O6 ? B DG  3  ? B DG  2003 ? 1_555 K ? D K . ? A K 6014 ? 1_555 O6 ? B DG  9  ? B DG  2009 ? 1_555 168.4 ? 
28  O6 ? B DG  4  ? B DG  2004 ? 1_555 K ? D K . ? A K 6014 ? 1_555 O6 ? B DG  9  ? B DG  2009 ? 1_555 105.4 ? 
29  O6 ? A DG  1  ? A DG  1001 ? 1_555 K ? D K . ? A K 6014 ? 1_555 O6 ? B DG  10 ? B DG  2010 ? 1_555 112.4 ? 
30  O6 ? A DG  2  ? A DG  1002 ? 1_555 K ? D K . ? A K 6014 ? 1_555 O6 ? B DG  10 ? B DG  2010 ? 1_555 67.6  ? 
31  O6 ? A DG  11 ? A DG  1011 ? 1_555 K ? D K . ? A K 6014 ? 1_555 O6 ? B DG  10 ? B DG  2010 ? 1_555 73.3  ? 
32  O6 ? A DG  12 ? A DG  1012 ? 1_555 K ? D K . ? A K 6014 ? 1_555 O6 ? B DG  10 ? B DG  2010 ? 1_555 108.4 ? 
33  K  ? E K   .  ? A K   6015 ? 1_555 K ? D K . ? A K 6014 ? 1_555 O6 ? B DG  10 ? B DG  2010 ? 1_555 55.8  ? 
34  O6 ? B DG  3  ? B DG  2003 ? 1_555 K ? D K . ? A K 6014 ? 1_555 O6 ? B DG  10 ? B DG  2010 ? 1_555 109.6 ? 
35  O6 ? B DG  4  ? B DG  2004 ? 1_555 K ? D K . ? A K 6014 ? 1_555 O6 ? B DG  10 ? B DG  2010 ? 1_555 177.2 ? 
36  O6 ? B DG  9  ? B DG  2009 ? 1_555 K ? D K . ? A K 6014 ? 1_555 O6 ? B DG  10 ? B DG  2010 ? 1_555 73.7  ? 
37  O6 ? A DG  1  ? A DG  1001 ? 1_555 K ? D K . ? A K 6014 ? 1_555 K  ? G K   .  ? B K   6013 ? 1_555 56.2  ? 
38  O6 ? A DG  2  ? A DG  1002 ? 1_555 K ? D K . ? A K 6014 ? 1_555 K  ? G K   .  ? B K   6013 ? 1_555 124.3 ? 
39  O6 ? A DG  11 ? A DG  1011 ? 1_555 K ? D K . ? A K 6014 ? 1_555 K  ? G K   .  ? B K   6013 ? 1_555 128.9 ? 
40  O6 ? A DG  12 ? A DG  1012 ? 1_555 K ? D K . ? A K 6014 ? 1_555 K  ? G K   .  ? B K   6013 ? 1_555 52.1  ? 
41  K  ? E K   .  ? A K   6015 ? 1_555 K ? D K . ? A K 6014 ? 1_555 K  ? G K   .  ? B K   6013 ? 1_555 176.3 ? 
42  O6 ? B DG  3  ? B DG  2003 ? 1_555 K ? D K . ? A K 6014 ? 1_555 K  ? G K   .  ? B K   6013 ? 1_555 124.0 ? 
43  O6 ? B DG  4  ? B DG  2004 ? 1_555 K ? D K . ? A K 6014 ? 1_555 K  ? G K   .  ? B K   6013 ? 1_555 53.0  ? 
44  O6 ? B DG  9  ? B DG  2009 ? 1_555 K ? D K . ? A K 6014 ? 1_555 K  ? G K   .  ? B K   6013 ? 1_555 52.4  ? 
45  O6 ? B DG  10 ? B DG  2010 ? 1_555 K ? D K . ? A K 6014 ? 1_555 K  ? G K   .  ? B K   6013 ? 1_555 126.0 ? 
46  O6 ? A DG  1  ? A DG  1001 ? 1_555 K ? G K . ? B K 6013 ? 1_555 O6 ? A DG  12 ? A DG  1012 ? 1_555 101.6 ? 
47  O6 ? A DG  1  ? A DG  1001 ? 1_555 K ? G K . ? B K 6013 ? 1_555 O6 ? B DG  4  ? B DG  2004 ? 1_555 65.2  ? 
48  O6 ? A DG  12 ? A DG  1012 ? 1_555 K ? G K . ? B K 6013 ? 1_555 O6 ? B DG  4  ? B DG  2004 ? 1_555 67.1  ? 
49  O6 ? A DG  1  ? A DG  1001 ? 1_555 K ? G K . ? B K 6013 ? 1_555 O2 ? B DT  5  ? B DT  2005 ? 1_555 94.5  ? 
50  O6 ? A DG  12 ? A DG  1012 ? 1_555 K ? G K . ? B K 6013 ? 1_555 O2 ? B DT  5  ? B DT  2005 ? 1_555 127.9 ? 
51  O6 ? B DG  4  ? B DG  2004 ? 1_555 K ? G K . ? B K 6013 ? 1_555 O2 ? B DT  5  ? B DT  2005 ? 1_555 76.0  ? 
52  O6 ? A DG  1  ? A DG  1001 ? 1_555 K ? G K . ? B K 6013 ? 1_555 O2 ? B DT  7  ? B DT  2007 ? 1_555 78.0  ? 
53  O6 ? A DG  12 ? A DG  1012 ? 1_555 K ? G K . ? B K 6013 ? 1_555 O2 ? B DT  7  ? B DT  2007 ? 1_555 154.7 ? 
54  O6 ? B DG  4  ? B DG  2004 ? 1_555 K ? G K . ? B K 6013 ? 1_555 O2 ? B DT  7  ? B DT  2007 ? 1_555 131.8 ? 
55  O2 ? B DT  5  ? B DT  2005 ? 1_555 K ? G K . ? B K 6013 ? 1_555 O2 ? B DT  7  ? B DT  2007 ? 1_555 77.0  ? 
56  O6 ? A DG  1  ? A DG  1001 ? 1_555 K ? G K . ? B K 6013 ? 1_555 O6 ? B DG  9  ? B DG  2009 ? 1_555 66.3  ? 
57  O6 ? A DG  12 ? A DG  1012 ? 1_555 K ? G K . ? B K 6013 ? 1_555 O6 ? B DG  9  ? B DG  2009 ? 1_555 68.1  ? 
58  O6 ? B DG  4  ? B DG  2004 ? 1_555 K ? G K . ? B K 6013 ? 1_555 O6 ? B DG  9  ? B DG  2009 ? 1_555 102.3 ? 
59  O2 ? B DT  5  ? B DT  2005 ? 1_555 K ? G K . ? B K 6013 ? 1_555 O6 ? B DG  9  ? B DG  2009 ? 1_555 158.6 ? 
60  O2 ? B DT  7  ? B DT  2007 ? 1_555 K ? G K . ? B K 6013 ? 1_555 O6 ? B DG  9  ? B DG  2009 ? 1_555 89.3  ? 
61  O6 ? A DG  1  ? A DG  1001 ? 1_555 K ? G K . ? B K 6013 ? 1_555 O  ? I HOH .  ? B HOH 9006 ? 1_555 162.1 ? 
62  O6 ? A DG  12 ? A DG  1012 ? 1_555 K ? G K . ? B K 6013 ? 1_555 O  ? I HOH .  ? B HOH 9006 ? 1_555 69.2  ? 
63  O6 ? B DG  4  ? B DG  2004 ? 1_555 K ? G K . ? B K 6013 ? 1_555 O  ? I HOH .  ? B HOH 9006 ? 1_555 96.9  ? 
64  O2 ? B DT  5  ? B DT  2005 ? 1_555 K ? G K . ? B K 6013 ? 1_555 O  ? I HOH .  ? B HOH 9006 ? 1_555 80.6  ? 
65  O2 ? B DT  7  ? B DT  2007 ? 1_555 K ? G K . ? B K 6013 ? 1_555 O  ? I HOH .  ? B HOH 9006 ? 1_555 117.0 ? 
66  O6 ? B DG  9  ? B DG  2009 ? 1_555 K ? G K . ? B K 6013 ? 1_555 O  ? I HOH .  ? B HOH 9006 ? 1_555 120.6 ? 
67  O6 ? A DG  1  ? A DG  1001 ? 1_555 K ? G K . ? B K 6013 ? 1_555 O  ? I HOH .  ? B HOH 9218 ? 1_555 140.7 ? 
68  O6 ? A DG  12 ? A DG  1012 ? 1_555 K ? G K . ? B K 6013 ? 1_555 O  ? I HOH .  ? B HOH 9218 ? 1_555 98.5  ? 
69  O6 ? B DG  4  ? B DG  2004 ? 1_555 K ? G K . ? B K 6013 ? 1_555 O  ? I HOH .  ? B HOH 9218 ? 1_555 154.0 ? 
70  O2 ? B DT  5  ? B DT  2005 ? 1_555 K ? G K . ? B K 6013 ? 1_555 O  ? I HOH .  ? B HOH 9218 ? 1_555 99.2  ? 
71  O2 ? B DT  7  ? B DT  2007 ? 1_555 K ? G K . ? B K 6013 ? 1_555 O  ? I HOH .  ? B HOH 9218 ? 1_555 69.6  ? 
72  O6 ? B DG  9  ? B DG  2009 ? 1_555 K ? G K . ? B K 6013 ? 1_555 O  ? I HOH .  ? B HOH 9218 ? 1_555 91.1  ? 
73  O  ? I HOH .  ? B HOH 9006 ? 1_555 K ? G K . ? B K 6013 ? 1_555 O  ? I HOH .  ? B HOH 9218 ? 1_555 57.1  ? 
74  O6 ? A DG  2  ? A DG  1002 ? 1_555 K ? E K . ? A K 6015 ? 1_555 O6 ? A DG  3  ? A DG  1003 ? 1_555 94.8  ? 
75  O6 ? A DG  2  ? A DG  1002 ? 1_555 K ? E K . ? A K 6015 ? 1_555 O6 ? A DG  10 ? A DG  1010 ? 1_555 129.3 ? 
76  O6 ? A DG  3  ? A DG  1003 ? 1_555 K ? E K . ? A K 6015 ? 1_555 O6 ? A DG  10 ? A DG  1010 ? 1_555 109.1 ? 
77  O6 ? A DG  2  ? A DG  1002 ? 1_555 K ? E K . ? A K 6015 ? 1_555 O6 ? A DG  11 ? A DG  1011 ? 1_555 105.0 ? 
78  O6 ? A DG  3  ? A DG  1003 ? 1_555 K ? E K . ? A K 6015 ? 1_555 O6 ? A DG  11 ? A DG  1011 ? 1_555 131.1 ? 
79  O6 ? A DG  10 ? A DG  1010 ? 1_555 K ? E K . ? A K 6015 ? 1_555 O6 ? A DG  11 ? A DG  1011 ? 1_555 92.1  ? 
80  O6 ? A DG  2  ? A DG  1002 ? 1_555 K ? E K . ? A K 6015 ? 1_555 K  ? F K   .  ? A K   6016 ? 1_555 130.7 ? 
81  O6 ? A DG  3  ? A DG  1003 ? 1_555 K ? E K . ? A K 6015 ? 1_555 K  ? F K   .  ? A K   6016 ? 1_555 54.7  ? 
82  O6 ? A DG  10 ? A DG  1010 ? 1_555 K ? E K . ? A K 6015 ? 1_555 K  ? F K   .  ? A K   6016 ? 1_555 54.5  ? 
83  O6 ? A DG  11 ? A DG  1011 ? 1_555 K ? E K . ? A K 6015 ? 1_555 K  ? F K   .  ? A K   6016 ? 1_555 124.4 ? 
84  O6 ? A DG  2  ? A DG  1002 ? 1_555 K ? E K . ? A K 6015 ? 1_555 O6 ? B DG  2  ? B DG  2002 ? 1_555 160.2 ? 
85  O6 ? A DG  3  ? A DG  1003 ? 1_555 K ? E K . ? A K 6015 ? 1_555 O6 ? B DG  2  ? B DG  2002 ? 1_555 71.9  ? 
86  O6 ? A DG  10 ? A DG  1010 ? 1_555 K ? E K . ? A K 6015 ? 1_555 O6 ? B DG  2  ? B DG  2002 ? 1_555 70.0  ? 
87  O6 ? A DG  11 ? A DG  1011 ? 1_555 K ? E K . ? A K 6015 ? 1_555 O6 ? B DG  2  ? B DG  2002 ? 1_555 75.3  ? 
88  K  ? F K   .  ? A K   6016 ? 1_555 K ? E K . ? A K 6015 ? 1_555 O6 ? B DG  2  ? B DG  2002 ? 1_555 53.1  ? 
89  O6 ? A DG  2  ? A DG  1002 ? 1_555 K ? E K . ? A K 6015 ? 1_555 O6 ? B DG  3  ? B DG  2003 ? 1_555 69.3  ? 
90  O6 ? A DG  3  ? A DG  1003 ? 1_555 K ? E K . ? A K 6015 ? 1_555 O6 ? B DG  3  ? B DG  2003 ? 1_555 77.4  ? 
91  O6 ? A DG  10 ? A DG  1010 ? 1_555 K ? E K . ? A K 6015 ? 1_555 O6 ? B DG  3  ? B DG  2003 ? 1_555 157.8 ? 
92  O6 ? A DG  11 ? A DG  1011 ? 1_555 K ? E K . ? A K 6015 ? 1_555 O6 ? B DG  3  ? B DG  2003 ? 1_555 69.1  ? 
93  K  ? F K   .  ? A K   6016 ? 1_555 K ? E K . ? A K 6015 ? 1_555 O6 ? B DG  3  ? B DG  2003 ? 1_555 126.4 ? 
94  O6 ? B DG  2  ? B DG  2002 ? 1_555 K ? E K . ? A K 6015 ? 1_555 O6 ? B DG  3  ? B DG  2003 ? 1_555 93.1  ? 
95  O6 ? A DG  2  ? A DG  1002 ? 1_555 K ? E K . ? A K 6015 ? 1_555 O6 ? B DG  10 ? B DG  2010 ? 1_555 65.3  ? 
96  O6 ? A DG  3  ? A DG  1003 ? 1_555 K ? E K . ? A K 6015 ? 1_555 O6 ? B DG  10 ? B DG  2010 ? 1_555 156.2 ? 
97  O6 ? A DG  10 ? A DG  1010 ? 1_555 K ? E K . ? A K 6015 ? 1_555 O6 ? B DG  10 ? B DG  2010 ? 1_555 77.5  ? 
98  O6 ? A DG  11 ? A DG  1011 ? 1_555 K ? E K . ? A K 6015 ? 1_555 O6 ? B DG  10 ? B DG  2010 ? 1_555 69.7  ? 
99  K  ? F K   .  ? A K   6016 ? 1_555 K ? E K . ? A K 6015 ? 1_555 O6 ? B DG  10 ? B DG  2010 ? 1_555 128.2 ? 
100 O6 ? B DG  2  ? B DG  2002 ? 1_555 K ? E K . ? A K 6015 ? 1_555 O6 ? B DG  10 ? B DG  2010 ? 1_555 130.6 ? 
101 O6 ? B DG  3  ? B DG  2003 ? 1_555 K ? E K . ? A K 6015 ? 1_555 O6 ? B DG  10 ? B DG  2010 ? 1_555 105.4 ? 
102 O6 ? A DG  2  ? A DG  1002 ? 1_555 K ? E K . ? A K 6015 ? 1_555 O6 ? B DG  11 ? B DG  2011 ? 1_555 77.5  ? 
103 O6 ? A DG  3  ? A DG  1003 ? 1_555 K ? E K . ? A K 6015 ? 1_555 O6 ? B DG  11 ? B DG  2011 ? 1_555 68.7  ? 
104 O6 ? A DG  10 ? A DG  1010 ? 1_555 K ? E K . ? A K 6015 ? 1_555 O6 ? B DG  11 ? B DG  2011 ? 1_555 71.3  ? 
105 O6 ? A DG  11 ? A DG  1011 ? 1_555 K ? E K . ? A K 6015 ? 1_555 O6 ? B DG  11 ? B DG  2011 ? 1_555 158.7 ? 
106 K  ? F K   .  ? A K   6016 ? 1_555 K ? E K . ? A K 6015 ? 1_555 O6 ? B DG  11 ? B DG  2011 ? 1_555 56.5  ? 
107 O6 ? B DG  2  ? B DG  2002 ? 1_555 K ? E K . ? A K 6015 ? 1_555 O6 ? B DG  11 ? B DG  2011 ? 1_555 109.6 ? 
108 O6 ? B DG  3  ? B DG  2003 ? 1_555 K ? E K . ? A K 6015 ? 1_555 O6 ? B DG  11 ? B DG  2011 ? 1_555 129.6 ? 
109 O6 ? B DG  10 ? B DG  2010 ? 1_555 K ? E K . ? A K 6015 ? 1_555 O6 ? B DG  11 ? B DG  2011 ? 1_555 93.2  ? 
110 O6 ? A DG  3  ? A DG  1003 ? 1_555 K ? F K . ? A K 6016 ? 1_555 O6 ? A DG  4  ? A DG  1004 ? 1_555 70.3  ? 
111 O6 ? A DG  3  ? A DG  1003 ? 1_555 K ? F K . ? A K 6016 ? 1_555 O6 ? A DG  9  ? A DG  1009 ? 1_555 167.7 ? 
112 O6 ? A DG  4  ? A DG  1004 ? 1_555 K ? F K . ? A K 6016 ? 1_555 O6 ? A DG  9  ? A DG  1009 ? 1_555 120.5 ? 
113 O6 ? A DG  3  ? A DG  1003 ? 1_555 K ? F K . ? A K 6016 ? 1_555 O6 ? A DG  10 ? A DG  1010 ? 1_555 100.6 ? 
114 O6 ? A DG  4  ? A DG  1004 ? 1_555 K ? F K . ? A K 6016 ? 1_555 O6 ? A DG  10 ? A DG  1010 ? 1_555 169.2 ? 
115 O6 ? A DG  9  ? A DG  1009 ? 1_555 K ? F K . ? A K 6016 ? 1_555 O6 ? A DG  10 ? A DG  1010 ? 1_555 69.3  ? 
116 O6 ? A DG  3  ? A DG  1003 ? 1_555 K ? F K . ? A K 6016 ? 1_555 O6 ? B DG  1  ? B DG  2001 ? 1_555 101.7 ? 
117 O6 ? A DG  4  ? A DG  1004 ? 1_555 K ? F K . ? A K 6016 ? 1_555 O6 ? B DG  1  ? B DG  2001 ? 1_555 72.1  ? 
118 O6 ? A DG  9  ? A DG  1009 ? 1_555 K ? F K . ? A K 6016 ? 1_555 O6 ? B DG  1  ? B DG  2001 ? 1_555 77.8  ? 
119 O6 ? A DG  10 ? A DG  1010 ? 1_555 K ? F K . ? A K 6016 ? 1_555 O6 ? B DG  1  ? B DG  2001 ? 1_555 116.4 ? 
120 O6 ? A DG  3  ? A DG  1003 ? 1_555 K ? F K . ? A K 6016 ? 1_555 O6 ? B DG  2  ? B DG  2002 ? 1_555 67.8  ? 
121 O6 ? A DG  4  ? A DG  1004 ? 1_555 K ? F K . ? A K 6016 ? 1_555 O6 ? B DG  2  ? B DG  2002 ? 1_555 113.9 ? 
122 O6 ? A DG  9  ? A DG  1009 ? 1_555 K ? F K . ? A K 6016 ? 1_555 O6 ? B DG  2  ? B DG  2002 ? 1_555 100.9 ? 
123 O6 ? A DG  10 ? A DG  1010 ? 1_555 K ? F K . ? A K 6016 ? 1_555 O6 ? B DG  2  ? B DG  2002 ? 1_555 65.9  ? 
124 O6 ? B DG  1  ? B DG  2001 ? 1_555 K ? F K . ? A K 6016 ? 1_555 O6 ? B DG  2  ? B DG  2002 ? 1_555 69.3  ? 
125 O6 ? A DG  3  ? A DG  1003 ? 1_555 K ? F K . ? A K 6016 ? 1_555 O6 ? B DG  11 ? B DG  2011 ? 1_555 63.2  ? 
126 O6 ? A DG  4  ? A DG  1004 ? 1_555 K ? F K . ? A K 6016 ? 1_555 O6 ? B DG  11 ? B DG  2011 ? 1_555 104.7 ? 
127 O6 ? A DG  9  ? A DG  1009 ? 1_555 K ? F K . ? A K 6016 ? 1_555 O6 ? B DG  11 ? B DG  2011 ? 1_555 115.9 ? 
128 O6 ? A DG  10 ? A DG  1010 ? 1_555 K ? F K . ? A K 6016 ? 1_555 O6 ? B DG  11 ? B DG  2011 ? 1_555 65.3  ? 
129 O6 ? B DG  1  ? B DG  2001 ? 1_555 K ? F K . ? A K 6016 ? 1_555 O6 ? B DG  11 ? B DG  2011 ? 1_555 164.2 ? 
130 O6 ? B DG  2  ? B DG  2002 ? 1_555 K ? F K . ? A K 6016 ? 1_555 O6 ? B DG  11 ? B DG  2011 ? 1_555 99.2  ? 
131 O6 ? A DG  3  ? A DG  1003 ? 1_555 K ? F K . ? A K 6016 ? 1_555 O6 ? B DG  12 ? B DG  2012 ? 1_555 115.1 ? 
132 O6 ? A DG  4  ? A DG  1004 ? 1_555 K ? F K . ? A K 6016 ? 1_555 O6 ? B DG  12 ? B DG  2012 ? 1_555 77.0  ? 
133 O6 ? A DG  9  ? A DG  1009 ? 1_555 K ? F K . ? A K 6016 ? 1_555 O6 ? B DG  12 ? B DG  2012 ? 1_555 74.9  ? 
134 O6 ? A DG  10 ? A DG  1010 ? 1_555 K ? F K . ? A K 6016 ? 1_555 O6 ? B DG  12 ? B DG  2012 ? 1_555 102.8 ? 
135 O6 ? B DG  1  ? B DG  2001 ? 1_555 K ? F K . ? A K 6016 ? 1_555 O6 ? B DG  12 ? B DG  2012 ? 1_555 119.2 ? 
136 O6 ? B DG  2  ? B DG  2002 ? 1_555 K ? F K . ? A K 6016 ? 1_555 O6 ? B DG  12 ? B DG  2012 ? 1_555 168.6 ? 
137 O6 ? B DG  11 ? B DG  2011 ? 1_555 K ? F K . ? A K 6016 ? 1_555 O6 ? B DG  12 ? B DG  2012 ? 1_555 73.9  ? 
# 
loop_
_pdbx_audit_revision_history.ordinal 
_pdbx_audit_revision_history.data_content_type 
_pdbx_audit_revision_history.major_revision 
_pdbx_audit_revision_history.minor_revision 
_pdbx_audit_revision_history.revision_date 
1 'Structure model' 1 0 2003-02-11 
2 'Structure model' 1 1 2008-04-28 
3 'Structure model' 1 2 2011-07-13 
4 'Structure model' 1 3 2023-08-16 
# 
_pdbx_audit_revision_details.ordinal             1 
_pdbx_audit_revision_details.revision_ordinal    1 
_pdbx_audit_revision_details.data_content_type   'Structure model' 
_pdbx_audit_revision_details.provider            repository 
_pdbx_audit_revision_details.type                'Initial release' 
_pdbx_audit_revision_details.description         ? 
_pdbx_audit_revision_details.details             ? 
# 
loop_
_pdbx_audit_revision_group.ordinal 
_pdbx_audit_revision_group.revision_ordinal 
_pdbx_audit_revision_group.data_content_type 
_pdbx_audit_revision_group.group 
1 2 'Structure model' 'Version format compliance' 
2 3 'Structure model' 'Version format compliance' 
3 4 'Structure model' 'Data collection'           
4 4 'Structure model' 'Database references'       
5 4 'Structure model' 'Derived calculations'      
6 4 'Structure model' 'Refinement description'    
# 
loop_
_pdbx_audit_revision_category.ordinal 
_pdbx_audit_revision_category.revision_ordinal 
_pdbx_audit_revision_category.data_content_type 
_pdbx_audit_revision_category.category 
1 4 'Structure model' chem_comp_atom                
2 4 'Structure model' chem_comp_bond                
3 4 'Structure model' database_2                    
4 4 'Structure model' pdbx_initial_refinement_model 
5 4 'Structure model' pdbx_struct_conn_angle        
6 4 'Structure model' struct_conn                   
7 4 'Structure model' struct_site                   
# 
loop_
_pdbx_audit_revision_item.ordinal 
_pdbx_audit_revision_item.revision_ordinal 
_pdbx_audit_revision_item.data_content_type 
_pdbx_audit_revision_item.item 
1  4 'Structure model' '_database_2.pdbx_DOI'                        
2  4 'Structure model' '_database_2.pdbx_database_accession'         
3  4 'Structure model' '_pdbx_struct_conn_angle.ptnr1_auth_asym_id'  
4  4 'Structure model' '_pdbx_struct_conn_angle.ptnr1_auth_comp_id'  
5  4 'Structure model' '_pdbx_struct_conn_angle.ptnr1_auth_seq_id'   
6  4 'Structure model' '_pdbx_struct_conn_angle.ptnr1_label_asym_id' 
7  4 'Structure model' '_pdbx_struct_conn_angle.ptnr1_label_atom_id' 
8  4 'Structure model' '_pdbx_struct_conn_angle.ptnr1_label_comp_id' 
9  4 'Structure model' '_pdbx_struct_conn_angle.ptnr1_label_seq_id'  
10 4 'Structure model' '_pdbx_struct_conn_angle.ptnr2_auth_asym_id'  
11 4 'Structure model' '_pdbx_struct_conn_angle.ptnr2_auth_seq_id'   
12 4 'Structure model' '_pdbx_struct_conn_angle.ptnr2_label_asym_id' 
13 4 'Structure model' '_pdbx_struct_conn_angle.ptnr3_auth_asym_id'  
14 4 'Structure model' '_pdbx_struct_conn_angle.ptnr3_auth_comp_id'  
15 4 'Structure model' '_pdbx_struct_conn_angle.ptnr3_auth_seq_id'   
16 4 'Structure model' '_pdbx_struct_conn_angle.ptnr3_label_asym_id' 
17 4 'Structure model' '_pdbx_struct_conn_angle.ptnr3_label_atom_id' 
18 4 'Structure model' '_pdbx_struct_conn_angle.ptnr3_label_comp_id' 
19 4 'Structure model' '_pdbx_struct_conn_angle.ptnr3_label_seq_id'  
20 4 'Structure model' '_pdbx_struct_conn_angle.value'               
21 4 'Structure model' '_struct_conn.pdbx_dist_value'                
22 4 'Structure model' '_struct_conn.ptnr1_auth_asym_id'             
23 4 'Structure model' '_struct_conn.ptnr1_auth_comp_id'             
24 4 'Structure model' '_struct_conn.ptnr1_auth_seq_id'              
25 4 'Structure model' '_struct_conn.ptnr1_label_asym_id'            
26 4 'Structure model' '_struct_conn.ptnr1_label_atom_id'            
27 4 'Structure model' '_struct_conn.ptnr1_label_comp_id'            
28 4 'Structure model' '_struct_conn.ptnr1_label_seq_id'             
29 4 'Structure model' '_struct_conn.ptnr2_auth_asym_id'             
30 4 'Structure model' '_struct_conn.ptnr2_auth_comp_id'             
31 4 'Structure model' '_struct_conn.ptnr2_auth_seq_id'              
32 4 'Structure model' '_struct_conn.ptnr2_label_asym_id'            
33 4 'Structure model' '_struct_conn.ptnr2_label_atom_id'            
34 4 'Structure model' '_struct_conn.ptnr2_label_comp_id'            
35 4 'Structure model' '_struct_conn.ptnr2_label_seq_id'             
36 4 'Structure model' '_struct_site.pdbx_auth_asym_id'              
37 4 'Structure model' '_struct_site.pdbx_auth_comp_id'              
38 4 'Structure model' '_struct_site.pdbx_auth_seq_id'               
# 
loop_
_software.name 
_software.classification 
_software.version 
_software.citation_id 
_software.pdbx_ordinal 
DENZO     'data reduction' . ? 1 
SCALEPACK 'data scaling'   . ? 2 
EPMR      phasing          . ? 3 
SHELXL-97 refinement       . ? 4 
# 
loop_
_pdbx_validate_rmsd_angle.id 
_pdbx_validate_rmsd_angle.PDB_model_num 
_pdbx_validate_rmsd_angle.auth_atom_id_1 
_pdbx_validate_rmsd_angle.auth_asym_id_1 
_pdbx_validate_rmsd_angle.auth_comp_id_1 
_pdbx_validate_rmsd_angle.auth_seq_id_1 
_pdbx_validate_rmsd_angle.PDB_ins_code_1 
_pdbx_validate_rmsd_angle.label_alt_id_1 
_pdbx_validate_rmsd_angle.auth_atom_id_2 
_pdbx_validate_rmsd_angle.auth_asym_id_2 
_pdbx_validate_rmsd_angle.auth_comp_id_2 
_pdbx_validate_rmsd_angle.auth_seq_id_2 
_pdbx_validate_rmsd_angle.PDB_ins_code_2 
_pdbx_validate_rmsd_angle.label_alt_id_2 
_pdbx_validate_rmsd_angle.auth_atom_id_3 
_pdbx_validate_rmsd_angle.auth_asym_id_3 
_pdbx_validate_rmsd_angle.auth_comp_id_3 
_pdbx_validate_rmsd_angle.auth_seq_id_3 
_pdbx_validate_rmsd_angle.PDB_ins_code_3 
_pdbx_validate_rmsd_angle.label_alt_id_3 
_pdbx_validate_rmsd_angle.angle_value 
_pdbx_validate_rmsd_angle.angle_target_value 
_pdbx_validate_rmsd_angle.angle_deviation 
_pdbx_validate_rmsd_angle.angle_standard_deviation 
_pdbx_validate_rmsd_angle.linker_flag 
1  1 C2    A DG 1001 ? ? N3    A DG 1001 ? ? C4    A DG 1001 ? ? 115.01 111.90 3.11  0.50 N 
2  1 C6    A DG 1003 ? ? N1    A DG 1003 ? ? C2    A DG 1003 ? ? 120.73 125.10 -4.37 0.60 N 
3  1 N3    A DG 1003 ? ? C4    A DG 1003 ? ? C5    A DG 1003 ? ? 125.52 128.60 -3.08 0.50 N 
4  1 "O4'" A DG 1004 ? ? "C1'" A DG 1004 ? ? N9    A DG 1004 ? ? 102.04 108.00 -5.96 0.70 N 
5  1 "O4'" A DT 1005 ? ? "C1'" A DT 1005 ? ? N1    A DT 1005 ? ? 110.55 108.30 2.25  0.30 N 
6  1 "O4'" A DG 1010 ? ? "C1'" A DG 1010 ? ? N9    A DG 1010 ? ? 110.82 108.30 2.52  0.30 N 
7  1 "C3'" A DG 1010 ? ? "O3'" A DG 1010 ? ? P     A DG 1011 ? ? 129.74 119.70 10.04 1.20 Y 
8  1 "O4'" B DG 2001 ? ? "C1'" B DG 2001 ? ? N9    B DG 2001 ? ? 114.16 108.30 5.86  0.30 N 
9  1 "O5'" B DG 2003 ? ? "C5'" B DG 2003 ? ? "C4'" B DG 2003 ? ? 104.27 109.40 -5.13 0.80 N 
10 1 "O4'" B DG 2003 ? ? "C1'" B DG 2003 ? ? N9    B DG 2003 ? ? 103.15 108.00 -4.85 0.70 N 
11 1 "O4'" B DT 2005 ? ? "C4'" B DT 2005 ? ? "C3'" B DT 2005 ? ? 102.05 104.50 -2.45 0.40 N 
12 1 C6    B DT 2007 ? ? N1    B DT 2007 ? ? C2    B DT 2007 ? ? 124.39 121.30 3.09  0.50 N 
13 1 "C3'" B DT 2007 ? ? "O3'" B DT 2007 ? ? P     B DT 2008 ? ? 128.51 119.70 8.81  1.20 Y 
14 1 "O4'" B DG 2009 ? ? "C1'" B DG 2009 ? ? N9    B DG 2009 ? ? 111.27 108.30 2.97  0.30 N 
15 1 "C3'" B DG 2010 ? ? "O3'" B DG 2010 ? ? P     B DG 2011 ? ? 127.82 119.70 8.12  1.20 Y 
# 
loop_
_chem_comp_atom.comp_id 
_chem_comp_atom.atom_id 
_chem_comp_atom.type_symbol 
_chem_comp_atom.pdbx_aromatic_flag 
_chem_comp_atom.pdbx_stereo_config 
_chem_comp_atom.pdbx_ordinal 
DG  OP3    O N N 1   
DG  P      P N N 2   
DG  OP1    O N N 3   
DG  OP2    O N N 4   
DG  "O5'"  O N N 5   
DG  "C5'"  C N N 6   
DG  "C4'"  C N R 7   
DG  "O4'"  O N N 8   
DG  "C3'"  C N S 9   
DG  "O3'"  O N N 10  
DG  "C2'"  C N N 11  
DG  "C1'"  C N R 12  
DG  N9     N Y N 13  
DG  C8     C Y N 14  
DG  N7     N Y N 15  
DG  C5     C Y N 16  
DG  C6     C N N 17  
DG  O6     O N N 18  
DG  N1     N N N 19  
DG  C2     C N N 20  
DG  N2     N N N 21  
DG  N3     N N N 22  
DG  C4     C Y N 23  
DG  HOP3   H N N 24  
DG  HOP2   H N N 25  
DG  "H5'"  H N N 26  
DG  "H5''" H N N 27  
DG  "H4'"  H N N 28  
DG  "H3'"  H N N 29  
DG  "HO3'" H N N 30  
DG  "H2'"  H N N 31  
DG  "H2''" H N N 32  
DG  "H1'"  H N N 33  
DG  H8     H N N 34  
DG  H1     H N N 35  
DG  H21    H N N 36  
DG  H22    H N N 37  
DT  OP3    O N N 38  
DT  P      P N N 39  
DT  OP1    O N N 40  
DT  OP2    O N N 41  
DT  "O5'"  O N N 42  
DT  "C5'"  C N N 43  
DT  "C4'"  C N R 44  
DT  "O4'"  O N N 45  
DT  "C3'"  C N S 46  
DT  "O3'"  O N N 47  
DT  "C2'"  C N N 48  
DT  "C1'"  C N R 49  
DT  N1     N N N 50  
DT  C2     C N N 51  
DT  O2     O N N 52  
DT  N3     N N N 53  
DT  C4     C N N 54  
DT  O4     O N N 55  
DT  C5     C N N 56  
DT  C7     C N N 57  
DT  C6     C N N 58  
DT  HOP3   H N N 59  
DT  HOP2   H N N 60  
DT  "H5'"  H N N 61  
DT  "H5''" H N N 62  
DT  "H4'"  H N N 63  
DT  "H3'"  H N N 64  
DT  "HO3'" H N N 65  
DT  "H2'"  H N N 66  
DT  "H2''" H N N 67  
DT  "H1'"  H N N 68  
DT  H3     H N N 69  
DT  H71    H N N 70  
DT  H72    H N N 71  
DT  H73    H N N 72  
DT  H6     H N N 73  
HOH O      O N N 74  
HOH H1     H N N 75  
HOH H2     H N N 76  
K   K      K N N 77  
PYN C      C Y N 78  
PYN C1     C Y N 79  
PYN C2     C Y N 80  
PYN C3     C Y N 81  
PYN C4     C Y N 82  
PYN C5     C Y N 83  
PYN C6     C Y N 84  
PYN C7     C Y N 85  
PYN C8     C Y N 86  
PYN C9     C Y N 87  
PYN C10    C Y N 88  
PYN C11    C Y N 89  
PYN C12    C Y N 90  
PYN N      N Y N 91  
PYN N13    N N N 92  
PYN C14    C N N 93  
PYN C15    C N N 94  
PYN C16    C N N 95  
PYN O14    O N N 96  
PYN N1     N N N 97  
PYN C17    C N N 98  
PYN C18    C N N 99  
PYN C19    C N N 100 
PYN O1     O N N 101 
PYN C21    C N N 102 
PYN N22    N N N 103 
PYN C23    C N N 104 
PYN C24    C N N 105 
PYN C25    C N N 106 
PYN C26    C N N 107 
PYN N27    N N N 108 
PYN C28    C N N 109 
PYN C29    C N N 110 
PYN C30    C N N 111 
PYN H21    H N N 112 
PYN H51    H N N 113 
PYN H71    H N N 114 
PYN H81    H N N 115 
PYN H91    H N N 116 
PYN H101   H N N 117 
PYN H121   H N N 118 
PYN HN1    H N N 119 
PYN H151   H N N 120 
PYN H152   H N N 121 
PYN H161   H N N 122 
PYN H162   H N N 123 
PYN HN11   H N N 124 
PYN H181   H N N 125 
PYN H182   H N N 126 
PYN H191   H N N 127 
PYN H192   H N N 128 
PYN H211   H N N 129 
PYN H212   H N N 130 
PYN H231   H N N 131 
PYN H232   H N N 132 
PYN H241   H N N 133 
PYN H242   H N N 134 
PYN H251   H N N 135 
PYN H252   H N N 136 
PYN H261   H N N 137 
PYN H262   H N N 138 
PYN H281   H N N 139 
PYN H282   H N N 140 
PYN H291   H N N 141 
PYN H292   H N N 142 
PYN H301   H N N 143 
PYN H302   H N N 144 
# 
loop_
_chem_comp_bond.comp_id 
_chem_comp_bond.atom_id_1 
_chem_comp_bond.atom_id_2 
_chem_comp_bond.value_order 
_chem_comp_bond.pdbx_aromatic_flag 
_chem_comp_bond.pdbx_stereo_config 
_chem_comp_bond.pdbx_ordinal 
DG  OP3   P      sing N N 1   
DG  OP3   HOP3   sing N N 2   
DG  P     OP1    doub N N 3   
DG  P     OP2    sing N N 4   
DG  P     "O5'"  sing N N 5   
DG  OP2   HOP2   sing N N 6   
DG  "O5'" "C5'"  sing N N 7   
DG  "C5'" "C4'"  sing N N 8   
DG  "C5'" "H5'"  sing N N 9   
DG  "C5'" "H5''" sing N N 10  
DG  "C4'" "O4'"  sing N N 11  
DG  "C4'" "C3'"  sing N N 12  
DG  "C4'" "H4'"  sing N N 13  
DG  "O4'" "C1'"  sing N N 14  
DG  "C3'" "O3'"  sing N N 15  
DG  "C3'" "C2'"  sing N N 16  
DG  "C3'" "H3'"  sing N N 17  
DG  "O3'" "HO3'" sing N N 18  
DG  "C2'" "C1'"  sing N N 19  
DG  "C2'" "H2'"  sing N N 20  
DG  "C2'" "H2''" sing N N 21  
DG  "C1'" N9     sing N N 22  
DG  "C1'" "H1'"  sing N N 23  
DG  N9    C8     sing Y N 24  
DG  N9    C4     sing Y N 25  
DG  C8    N7     doub Y N 26  
DG  C8    H8     sing N N 27  
DG  N7    C5     sing Y N 28  
DG  C5    C6     sing N N 29  
DG  C5    C4     doub Y N 30  
DG  C6    O6     doub N N 31  
DG  C6    N1     sing N N 32  
DG  N1    C2     sing N N 33  
DG  N1    H1     sing N N 34  
DG  C2    N2     sing N N 35  
DG  C2    N3     doub N N 36  
DG  N2    H21    sing N N 37  
DG  N2    H22    sing N N 38  
DG  N3    C4     sing N N 39  
DT  OP3   P      sing N N 40  
DT  OP3   HOP3   sing N N 41  
DT  P     OP1    doub N N 42  
DT  P     OP2    sing N N 43  
DT  P     "O5'"  sing N N 44  
DT  OP2   HOP2   sing N N 45  
DT  "O5'" "C5'"  sing N N 46  
DT  "C5'" "C4'"  sing N N 47  
DT  "C5'" "H5'"  sing N N 48  
DT  "C5'" "H5''" sing N N 49  
DT  "C4'" "O4'"  sing N N 50  
DT  "C4'" "C3'"  sing N N 51  
DT  "C4'" "H4'"  sing N N 52  
DT  "O4'" "C1'"  sing N N 53  
DT  "C3'" "O3'"  sing N N 54  
DT  "C3'" "C2'"  sing N N 55  
DT  "C3'" "H3'"  sing N N 56  
DT  "O3'" "HO3'" sing N N 57  
DT  "C2'" "C1'"  sing N N 58  
DT  "C2'" "H2'"  sing N N 59  
DT  "C2'" "H2''" sing N N 60  
DT  "C1'" N1     sing N N 61  
DT  "C1'" "H1'"  sing N N 62  
DT  N1    C2     sing N N 63  
DT  N1    C6     sing N N 64  
DT  C2    O2     doub N N 65  
DT  C2    N3     sing N N 66  
DT  N3    C4     sing N N 67  
DT  N3    H3     sing N N 68  
DT  C4    O4     doub N N 69  
DT  C4    C5     sing N N 70  
DT  C5    C7     sing N N 71  
DT  C5    C6     doub N N 72  
DT  C7    H71    sing N N 73  
DT  C7    H72    sing N N 74  
DT  C7    H73    sing N N 75  
DT  C6    H6     sing N N 76  
HOH O     H1     sing N N 77  
HOH O     H2     sing N N 78  
PYN C     C1     doub Y N 79  
PYN C     C2     sing Y N 80  
PYN C     C9     sing Y N 81  
PYN C1    C12    sing Y N 82  
PYN C1    N      sing Y N 83  
PYN C2    C3     doub Y N 84  
PYN C2    H21    sing N N 85  
PYN C3    C4     sing Y N 86  
PYN C3    C8     sing Y N 87  
PYN C4    C5     sing Y N 88  
PYN C4    N      doub Y N 89  
PYN C5    C6     doub Y N 90  
PYN C5    H51    sing N N 91  
PYN C6    C7     sing Y N 92  
PYN C6    N13    sing N N 93  
PYN C7    C8     doub Y N 94  
PYN C7    H71    sing N N 95  
PYN C8    H81    sing N N 96  
PYN C9    C10    doub Y N 97  
PYN C9    H91    sing N N 98  
PYN C10   C11    sing Y N 99  
PYN C10   H101   sing N N 100 
PYN C11   C12    doub Y N 101 
PYN C11   N1     sing N N 102 
PYN C12   H121   sing N N 103 
PYN N13   C14    sing N N 104 
PYN N13   HN1    sing N N 105 
PYN C14   C15    sing N N 106 
PYN C14   O14    doub N N 107 
PYN C15   C16    sing N N 108 
PYN C15   H151   sing N N 109 
PYN C15   H152   sing N N 110 
PYN C16   N22    sing N N 111 
PYN C16   H161   sing N N 112 
PYN C16   H162   sing N N 113 
PYN N1    C17    sing N N 114 
PYN N1    HN11   sing N N 115 
PYN C17   C18    sing N N 116 
PYN C17   O1     doub N N 117 
PYN C18   C19    sing N N 118 
PYN C18   H181   sing N N 119 
PYN C18   H182   sing N N 120 
PYN C19   N27    sing N N 121 
PYN C19   H191   sing N N 122 
PYN C19   H192   sing N N 123 
PYN C21   N22    sing N N 124 
PYN C21   C24    sing N N 125 
PYN C21   H211   sing N N 126 
PYN C21   H212   sing N N 127 
PYN N22   C23    sing N N 128 
PYN C23   C25    sing N N 129 
PYN C23   H231   sing N N 130 
PYN C23   H232   sing N N 131 
PYN C24   C25    sing N N 132 
PYN C24   H241   sing N N 133 
PYN C24   H242   sing N N 134 
PYN C25   H251   sing N N 135 
PYN C25   H252   sing N N 136 
PYN C26   N27    sing N N 137 
PYN C26   C29    sing N N 138 
PYN C26   H261   sing N N 139 
PYN C26   H262   sing N N 140 
PYN N27   C28    sing N N 141 
PYN C28   C30    sing N N 142 
PYN C28   H281   sing N N 143 
PYN C28   H282   sing N N 144 
PYN C29   C30    sing N N 145 
PYN C29   H291   sing N N 146 
PYN C29   H292   sing N N 147 
PYN C30   H301   sing N N 148 
PYN C30   H302   sing N N 149 
# 
_ndb_struct_conf_na.entry_id   1L1H 
_ndb_struct_conf_na.feature    'quadruple helix' 
# 
loop_
_pdbx_entity_nonpoly.entity_id 
_pdbx_entity_nonpoly.name 
_pdbx_entity_nonpoly.comp_id 
2 '3-PYRROLIDIN-1-YL-N-[6-(3-PYRROLIDIN-1-YL-PROPIONYLAMINO)-ACRIDIN-3-YL]-PROPIONAMIDE' PYN 
3 'POTASSIUM ION'                                                                        K   
4 water                                                                                  HOH 
# 
_pdbx_initial_refinement_model.id               1 
_pdbx_initial_refinement_model.entity_id_list   ? 
_pdbx_initial_refinement_model.type             'experimental model' 
_pdbx_initial_refinement_model.source_name      PDB 
_pdbx_initial_refinement_model.accession_code   1JPQ 
_pdbx_initial_refinement_model.details          'PDB ENTRY 1JPQ' 
# 
